data_8YPD
#
_entry.id   8YPD
#
_cell.length_a   1.00
_cell.length_b   1.00
_cell.length_c   1.00
_cell.angle_alpha   90.00
_cell.angle_beta   90.00
_cell.angle_gamma   90.00
#
_symmetry.space_group_name_H-M   'P 1'
#
loop_
_entity.id
_entity.type
_entity.pdbx_description
1 polymer 'Beta subunit of light-harvesting 1 complex'
2 polymer 'LH1 alpha subunit'
3 non-polymer 'BACTERIOCHLOROPHYLL A'
4 non-polymer SPIRILLOXANTHIN
#
loop_
_entity_poly.entity_id
_entity_poly.type
_entity_poly.pdbx_seq_one_letter_code
_entity_poly.pdbx_strand_id
1 'polypeptide(L)' MANSSMTGLTEQEAQEFHGIFVQSMTAFFGIVVIAHILAWLWRPWL b,A,C,E,H,J,L,N,P,R,T,V,X,Z
2 'polypeptide(L)' MHKIWQIFDPRRTLVALFGFLFVLGLLIHFILLSSPAFNWLSGS F,B,D,G,I,K,M,O,Q,S,U,W,Y,a
#
loop_
_chem_comp.id
_chem_comp.type
_chem_comp.name
_chem_comp.formula
BCL non-polymer 'BACTERIOCHLOROPHYLL A' 'C55 H74 Mg N4 O6'
CRT non-polymer SPIRILLOXANTHIN 'C42 H60 O2'
#
# COMPACT_ATOMS: atom_id res chain seq x y z
N SER A 5 26.10 -35.99 -0.13
CA SER A 5 27.26 -35.13 -0.37
C SER A 5 26.94 -33.66 -0.09
N MET A 6 25.72 -33.25 -0.42
CA MET A 6 25.34 -31.85 -0.27
C MET A 6 24.05 -31.70 0.52
N THR A 7 23.16 -32.69 0.42
CA THR A 7 21.89 -32.66 1.13
C THR A 7 21.88 -33.57 2.36
N GLY A 8 22.48 -34.75 2.25
CA GLY A 8 22.51 -35.67 3.37
C GLY A 8 22.36 -37.12 2.95
N LEU A 9 21.82 -37.35 1.76
CA LEU A 9 21.68 -38.71 1.27
C LEU A 9 23.04 -39.32 0.99
N THR A 10 23.17 -40.61 1.28
CA THR A 10 24.37 -41.36 0.94
C THR A 10 24.31 -41.75 -0.53
N GLU A 11 25.28 -42.54 -0.99
CA GLU A 11 25.24 -43.00 -2.37
C GLU A 11 24.30 -44.16 -2.59
N GLN A 12 23.83 -44.80 -1.50
CA GLN A 12 22.84 -45.87 -1.61
C GLN A 12 21.42 -45.35 -1.43
N GLU A 13 21.20 -44.39 -0.54
CA GLU A 13 19.89 -43.75 -0.44
C GLU A 13 19.57 -42.98 -1.72
N ALA A 14 20.56 -42.28 -2.27
CA ALA A 14 20.37 -41.60 -3.55
C ALA A 14 20.15 -42.59 -4.68
N GLN A 15 20.86 -43.73 -4.66
CA GLN A 15 20.62 -44.75 -5.68
C GLN A 15 19.28 -45.42 -5.49
N GLU A 16 18.84 -45.60 -4.24
CA GLU A 16 17.51 -46.14 -4.00
C GLU A 16 16.43 -45.18 -4.46
N PHE A 17 16.59 -43.88 -4.19
CA PHE A 17 15.61 -42.91 -4.64
C PHE A 17 15.64 -42.75 -6.15
N HIS A 18 16.82 -42.85 -6.77
CA HIS A 18 16.93 -42.64 -8.21
C HIS A 18 16.20 -43.73 -8.98
N GLY A 19 16.28 -44.98 -8.53
CA GLY A 19 15.59 -46.05 -9.23
C GLY A 19 14.09 -45.87 -9.24
N ILE A 20 13.52 -45.57 -8.08
CA ILE A 20 12.08 -45.36 -7.98
C ILE A 20 11.67 -44.11 -8.72
N PHE A 21 12.49 -43.06 -8.66
CA PHE A 21 12.21 -41.83 -9.41
C PHE A 21 12.18 -42.11 -10.90
N VAL A 22 13.14 -42.89 -11.41
CA VAL A 22 13.20 -43.17 -12.83
C VAL A 22 12.03 -44.06 -13.25
N GLN A 23 11.67 -45.04 -12.42
CA GLN A 23 10.51 -45.88 -12.73
C GLN A 23 9.23 -45.06 -12.78
N SER A 24 9.03 -44.18 -11.80
CA SER A 24 7.83 -43.35 -11.77
C SER A 24 7.79 -42.40 -12.96
N MET A 25 8.95 -41.80 -13.29
CA MET A 25 9.01 -40.89 -14.43
C MET A 25 8.78 -41.62 -15.74
N THR A 26 9.26 -42.85 -15.86
CA THR A 26 9.01 -43.65 -17.05
C THR A 26 7.53 -44.00 -17.18
N ALA A 27 6.88 -44.36 -16.08
CA ALA A 27 5.45 -44.61 -16.12
C ALA A 27 4.67 -43.36 -16.52
N PHE A 28 5.05 -42.21 -15.95
CA PHE A 28 4.42 -40.94 -16.29
C PHE A 28 4.60 -40.63 -17.77
N PHE A 29 5.81 -40.83 -18.30
CA PHE A 29 6.07 -40.55 -19.71
C PHE A 29 5.34 -41.51 -20.62
N GLY A 30 5.19 -42.78 -20.21
CA GLY A 30 4.40 -43.72 -21.00
C GLY A 30 2.93 -43.32 -21.08
N ILE A 31 2.36 -42.92 -19.95
CA ILE A 31 0.98 -42.43 -19.95
C ILE A 31 0.87 -41.18 -20.81
N VAL A 32 1.85 -40.29 -20.73
CA VAL A 32 1.85 -39.07 -21.54
C VAL A 32 1.90 -39.40 -23.02
N VAL A 33 2.75 -40.37 -23.39
CA VAL A 33 2.87 -40.75 -24.80
C VAL A 33 1.58 -41.36 -25.31
N ILE A 34 0.93 -42.21 -24.51
CA ILE A 34 -0.33 -42.79 -24.92
C ILE A 34 -1.38 -41.69 -25.11
N ALA A 35 -1.44 -40.75 -24.17
CA ALA A 35 -2.39 -39.64 -24.28
C ALA A 35 -2.11 -38.81 -25.52
N HIS A 36 -0.83 -38.61 -25.85
CA HIS A 36 -0.48 -37.80 -27.02
C HIS A 36 -0.80 -38.51 -28.32
N ILE A 37 -0.62 -39.83 -28.36
CA ILE A 37 -1.06 -40.60 -29.53
C ILE A 37 -2.56 -40.49 -29.70
N LEU A 38 -3.30 -40.61 -28.59
CA LEU A 38 -4.76 -40.46 -28.66
C LEU A 38 -5.15 -39.07 -29.14
N ALA A 39 -4.46 -38.03 -28.66
CA ALA A 39 -4.77 -36.67 -29.09
C ALA A 39 -4.44 -36.45 -30.56
N TRP A 40 -3.37 -37.09 -31.06
CA TRP A 40 -3.03 -36.97 -32.47
C TRP A 40 -4.05 -37.67 -33.35
N LEU A 41 -4.53 -38.84 -32.94
CA LEU A 41 -5.64 -39.47 -33.65
C LEU A 41 -6.94 -38.66 -33.51
N TRP A 42 -7.06 -37.85 -32.46
CA TRP A 42 -8.24 -37.01 -32.31
C TRP A 42 -8.13 -35.76 -33.17
N ARG A 43 -7.11 -34.94 -32.94
CA ARG A 43 -6.88 -33.71 -33.70
C ARG A 43 -5.39 -33.52 -33.91
N PRO A 44 -4.84 -33.92 -35.06
CA PRO A 44 -3.44 -33.62 -35.35
C PRO A 44 -3.20 -32.12 -35.42
N TRP A 45 -2.06 -31.69 -34.88
CA TRP A 45 -1.72 -30.28 -34.80
C TRP A 45 -0.58 -29.87 -35.73
N LEU A 46 -0.01 -30.80 -36.48
CA LEU A 46 1.07 -30.48 -37.40
C LEU A 46 0.72 -30.90 -38.83
N MET B 1 24.38 -40.52 -12.33
CA MET B 1 23.29 -39.56 -12.45
C MET B 1 22.45 -39.55 -11.17
N HIS B 2 22.52 -40.64 -10.41
CA HIS B 2 21.82 -40.71 -9.13
C HIS B 2 22.35 -39.71 -8.12
N LYS B 3 23.61 -39.27 -8.28
CA LYS B 3 24.21 -38.39 -7.31
C LYS B 3 23.59 -37.00 -7.29
N ILE B 4 22.72 -36.70 -8.27
CA ILE B 4 21.94 -35.48 -8.20
C ILE B 4 21.12 -35.45 -6.91
N TRP B 5 20.94 -36.59 -6.29
CA TRP B 5 20.03 -36.68 -5.12
C TRP B 5 20.85 -36.31 -3.91
N GLN B 6 22.16 -36.28 -4.05
CA GLN B 6 23.07 -35.80 -2.98
C GLN B 6 23.21 -34.28 -3.10
N ILE B 7 22.78 -33.68 -4.20
CA ILE B 7 22.82 -32.21 -4.44
C ILE B 7 21.41 -31.67 -4.23
N PHE B 8 20.40 -32.33 -4.80
CA PHE B 8 18.99 -31.87 -4.77
C PHE B 8 18.22 -32.68 -3.75
N ASP B 9 17.50 -32.02 -2.85
CA ASP B 9 16.72 -32.70 -1.77
C ASP B 9 15.66 -33.54 -2.45
N PRO B 10 15.64 -34.86 -2.23
CA PRO B 10 14.60 -35.70 -2.79
C PRO B 10 13.15 -35.22 -2.61
N ARG B 11 12.79 -34.43 -1.60
CA ARG B 11 11.41 -34.07 -1.25
C ARG B 11 11.01 -32.69 -1.70
N ARG B 12 11.88 -31.71 -1.67
CA ARG B 12 11.60 -30.36 -2.19
C ARG B 12 11.75 -30.39 -3.71
N THR B 13 12.40 -31.40 -4.24
CA THR B 13 12.56 -31.57 -5.69
C THR B 13 11.29 -32.17 -6.20
N LEU B 14 10.79 -33.23 -5.58
CA LEU B 14 9.49 -33.84 -5.95
C LEU B 14 8.36 -32.91 -5.60
N VAL B 15 8.46 -32.10 -4.57
CA VAL B 15 7.31 -31.22 -4.40
C VAL B 15 7.30 -30.14 -5.49
N ALA B 16 8.46 -29.52 -5.73
CA ALA B 16 8.55 -28.50 -6.77
C ALA B 16 8.27 -29.08 -8.14
N LEU B 17 8.79 -30.27 -8.42
CA LEU B 17 8.55 -30.92 -9.70
C LEU B 17 7.08 -31.19 -9.90
N PHE B 18 6.40 -31.72 -8.87
CA PHE B 18 4.97 -32.01 -8.99
C PHE B 18 4.16 -30.73 -9.17
N GLY B 19 4.52 -29.67 -8.43
CA GLY B 19 3.81 -28.41 -8.59
C GLY B 19 3.99 -27.80 -9.97
N PHE B 20 5.23 -27.81 -10.47
CA PHE B 20 5.48 -27.28 -11.81
C PHE B 20 4.78 -28.12 -12.88
N LEU B 21 4.77 -29.44 -12.71
CA LEU B 21 4.08 -30.29 -13.67
C LEU B 21 2.58 -30.03 -13.67
N PHE B 22 1.98 -29.84 -12.49
CA PHE B 22 0.57 -29.52 -12.41
C PHE B 22 0.27 -28.17 -13.06
N VAL B 23 1.10 -27.17 -12.78
CA VAL B 23 0.89 -25.85 -13.38
C VAL B 23 1.07 -25.91 -14.89
N LEU B 24 2.03 -26.70 -15.36
CA LEU B 24 2.25 -26.85 -16.79
C LEU B 24 1.06 -27.53 -17.46
N GLY B 25 0.50 -28.57 -16.82
CA GLY B 25 -0.69 -29.21 -17.36
C GLY B 25 -1.87 -28.26 -17.41
N LEU B 26 -2.07 -27.48 -16.35
CA LEU B 26 -3.13 -26.48 -16.36
C LEU B 26 -2.92 -25.47 -17.49
N LEU B 27 -1.69 -25.01 -17.66
CA LEU B 27 -1.39 -24.03 -18.71
C LEU B 27 -1.68 -24.60 -20.10
N ILE B 28 -1.23 -25.83 -20.35
CA ILE B 28 -1.42 -26.42 -21.67
C ILE B 28 -2.89 -26.68 -21.94
N HIS B 29 -3.64 -27.12 -20.92
CA HIS B 29 -5.07 -27.34 -21.11
C HIS B 29 -5.82 -26.03 -21.35
N PHE B 30 -5.45 -24.97 -20.62
CA PHE B 30 -6.07 -23.67 -20.82
C PHE B 30 -5.72 -23.04 -22.18
N ILE B 31 -4.51 -23.24 -22.67
CA ILE B 31 -4.14 -22.71 -23.97
C ILE B 31 -4.93 -23.39 -25.08
N LEU B 32 -5.19 -24.70 -24.95
CA LEU B 32 -6.02 -25.39 -25.92
C LEU B 32 -7.49 -25.03 -25.80
N LEU B 33 -7.95 -24.61 -24.63
CA LEU B 33 -9.31 -24.12 -24.51
C LEU B 33 -9.47 -22.75 -25.13
N SER B 34 -8.42 -21.93 -25.11
CA SER B 34 -8.44 -20.62 -25.74
C SER B 34 -8.25 -20.68 -27.24
N SER B 35 -7.86 -21.83 -27.78
CA SER B 35 -7.71 -21.99 -29.22
C SER B 35 -8.98 -22.63 -29.78
N PRO B 36 -9.71 -21.94 -30.66
CA PRO B 36 -10.98 -22.51 -31.15
C PRO B 36 -10.83 -23.85 -31.85
N ALA B 37 -9.70 -24.09 -32.52
CA ALA B 37 -9.53 -25.33 -33.26
C ALA B 37 -9.32 -26.53 -32.35
N PHE B 38 -8.88 -26.30 -31.10
CA PHE B 38 -8.58 -27.39 -30.18
C PHE B 38 -9.41 -27.33 -28.90
N ASN B 39 -10.43 -26.49 -28.86
CA ASN B 39 -11.36 -26.47 -27.73
C ASN B 39 -12.33 -27.64 -27.87
N TRP B 40 -12.28 -28.56 -26.93
CA TRP B 40 -13.13 -29.76 -26.96
C TRP B 40 -14.44 -29.56 -26.23
N LEU B 41 -14.64 -28.42 -25.56
CA LEU B 41 -15.85 -28.16 -24.81
C LEU B 41 -16.83 -27.28 -25.58
N SER B 42 -16.55 -27.01 -26.85
CA SER B 42 -17.45 -26.28 -27.74
C SER B 42 -17.93 -27.25 -28.80
N GLY B 43 -19.20 -27.64 -28.71
CA GLY B 43 -19.76 -28.60 -29.65
C GLY B 43 -19.91 -29.99 -29.06
N SER C 5 12.59 -41.86 6.90
CA SER C 5 13.85 -41.39 6.34
C SER C 5 14.02 -39.89 6.57
N MET C 6 12.95 -39.13 6.40
CA MET C 6 13.02 -37.68 6.56
C MET C 6 11.96 -37.16 7.53
N THR C 7 10.81 -37.82 7.57
CA THR C 7 9.69 -37.36 8.38
C THR C 7 9.65 -38.02 9.76
N GLY C 8 9.83 -39.35 9.81
CA GLY C 8 9.80 -40.05 11.08
C GLY C 8 9.10 -41.38 10.99
N LEU C 9 8.31 -41.58 9.93
CA LEU C 9 7.62 -42.85 9.74
C LEU C 9 8.61 -43.96 9.47
N THR C 10 8.37 -45.12 10.08
CA THR C 10 9.16 -46.30 9.80
C THR C 10 8.65 -46.98 8.53
N GLU C 11 9.22 -48.13 8.18
CA GLU C 11 8.72 -48.88 7.04
C GLU C 11 7.37 -49.53 7.31
N GLN C 12 7.03 -49.76 8.58
CA GLN C 12 5.73 -50.34 8.91
C GLN C 12 4.64 -49.29 9.03
N GLU C 13 4.97 -48.10 9.54
CA GLU C 13 4.00 -47.01 9.56
C GLU C 13 3.78 -46.42 8.18
N ALA C 14 4.77 -46.52 7.28
CA ALA C 14 4.61 -46.08 5.91
C ALA C 14 3.89 -47.11 5.05
N GLN C 15 4.10 -48.40 5.32
CA GLN C 15 3.34 -49.42 4.61
C GLN C 15 1.91 -49.50 5.10
N GLU C 16 1.67 -49.20 6.38
CA GLU C 16 0.31 -49.13 6.88
C GLU C 16 -0.43 -47.93 6.29
N PHE C 17 0.25 -46.79 6.17
CA PHE C 17 -0.36 -45.62 5.55
C PHE C 17 -0.52 -45.82 4.05
N HIS C 18 0.45 -46.50 3.41
CA HIS C 18 0.38 -46.66 1.96
C HIS C 18 -0.79 -47.54 1.55
N GLY C 19 -1.07 -48.60 2.31
CA GLY C 19 -2.18 -49.46 1.95
C GLY C 19 -3.52 -48.74 2.02
N ILE C 20 -3.75 -48.00 3.10
CA ILE C 20 -4.99 -47.25 3.25
C ILE C 20 -5.07 -46.13 2.22
N PHE C 21 -3.94 -45.47 1.96
CA PHE C 21 -3.91 -44.42 0.94
C PHE C 21 -4.26 -44.98 -0.44
N VAL C 22 -3.72 -46.14 -0.79
CA VAL C 22 -4.00 -46.74 -2.09
C VAL C 22 -5.44 -47.21 -2.17
N GLN C 23 -5.97 -47.78 -1.08
CA GLN C 23 -7.38 -48.17 -1.09
C GLN C 23 -8.31 -46.97 -1.25
N SER C 24 -8.03 -45.89 -0.52
CA SER C 24 -8.87 -44.70 -0.63
C SER C 24 -8.77 -44.09 -2.02
N MET C 25 -7.56 -44.03 -2.58
CA MET C 25 -7.37 -43.47 -3.90
C MET C 25 -8.03 -44.34 -4.97
N THR C 26 -8.01 -45.66 -4.78
CA THR C 26 -8.68 -46.56 -5.72
C THR C 26 -10.19 -46.39 -5.66
N ALA C 27 -10.75 -46.23 -4.45
CA ALA C 27 -12.18 -45.96 -4.34
C ALA C 27 -12.54 -44.63 -5.01
N PHE C 28 -11.72 -43.60 -4.78
CA PHE C 28 -11.94 -42.30 -5.39
C PHE C 28 -11.89 -42.40 -6.91
N PHE C 29 -10.91 -43.14 -7.45
CA PHE C 29 -10.79 -43.30 -8.89
C PHE C 29 -11.93 -44.12 -9.47
N GLY C 30 -12.43 -45.11 -8.73
CA GLY C 30 -13.59 -45.86 -9.20
C GLY C 30 -14.84 -44.99 -9.29
N ILE C 31 -15.07 -44.17 -8.27
CA ILE C 31 -16.18 -43.23 -8.32
C ILE C 31 -16.00 -42.25 -9.48
N VAL C 32 -14.77 -41.79 -9.69
CA VAL C 32 -14.48 -40.87 -10.79
C VAL C 32 -14.77 -41.53 -12.13
N VAL C 33 -14.37 -42.80 -12.29
CA VAL C 33 -14.60 -43.51 -13.54
C VAL C 33 -16.09 -43.69 -13.79
N ILE C 34 -16.85 -44.05 -12.75
CA ILE C 34 -18.30 -44.19 -12.93
C ILE C 34 -18.92 -42.86 -13.31
N ALA C 35 -18.50 -41.78 -12.65
CA ALA C 35 -19.03 -40.45 -12.97
C ALA C 35 -18.69 -40.06 -14.41
N HIS C 36 -17.49 -40.39 -14.88
CA HIS C 36 -17.11 -40.02 -16.24
C HIS C 36 -17.81 -40.87 -17.29
N ILE C 37 -18.09 -42.14 -16.97
CA ILE C 37 -18.93 -42.94 -17.86
C ILE C 37 -20.32 -42.36 -17.96
N LEU C 38 -20.87 -41.93 -16.82
CA LEU C 38 -22.19 -41.29 -16.83
C LEU C 38 -22.17 -39.99 -17.63
N ALA C 39 -21.10 -39.20 -17.49
CA ALA C 39 -20.99 -37.95 -18.23
C ALA C 39 -20.85 -38.18 -19.72
N TRP C 40 -20.11 -39.22 -20.12
CA TRP C 40 -20.02 -39.57 -21.53
C TRP C 40 -21.37 -40.03 -22.07
N LEU C 41 -22.12 -40.79 -21.27
CA LEU C 41 -23.46 -41.17 -21.67
C LEU C 41 -24.38 -39.97 -21.77
N TRP C 42 -24.10 -38.92 -20.99
CA TRP C 42 -24.92 -37.70 -21.00
C TRP C 42 -24.53 -36.80 -22.16
N ARG C 43 -23.25 -36.41 -22.23
CA ARG C 43 -22.75 -35.52 -23.28
C ARG C 43 -21.32 -35.92 -23.61
N PRO C 44 -21.12 -36.73 -24.66
CA PRO C 44 -19.75 -37.01 -25.10
C PRO C 44 -19.03 -35.75 -25.57
N TRP C 45 -17.76 -35.63 -25.21
CA TRP C 45 -16.97 -34.45 -25.52
C TRP C 45 -15.94 -34.67 -26.61
N LEU C 46 -15.84 -35.89 -27.14
CA LEU C 46 -14.87 -36.19 -28.19
C LEU C 46 -15.56 -36.78 -29.41
N MET D 1 7.37 -48.22 -3.10
CA MET D 1 6.65 -46.99 -3.39
C MET D 1 6.10 -46.38 -2.10
N HIS D 2 5.97 -47.21 -1.07
CA HIS D 2 5.51 -46.73 0.23
C HIS D 2 6.52 -45.80 0.88
N LYS D 3 7.79 -45.87 0.47
CA LYS D 3 8.84 -45.07 1.09
C LYS D 3 8.61 -43.57 0.91
N ILE D 4 7.73 -43.19 -0.02
CA ILE D 4 7.39 -41.79 -0.19
C ILE D 4 6.84 -41.21 1.10
N TRP D 5 6.21 -42.04 1.93
CA TRP D 5 5.67 -41.55 3.20
C TRP D 5 6.74 -41.41 4.26
N GLN D 6 7.90 -42.04 4.09
CA GLN D 6 9.08 -41.66 4.85
C GLN D 6 9.68 -40.37 4.36
N ILE D 7 9.37 -39.88 3.16
CA ILE D 7 9.84 -38.58 2.60
C ILE D 7 8.72 -37.57 2.75
N PHE D 8 7.50 -37.93 2.34
CA PHE D 8 6.39 -36.99 2.43
C PHE D 8 5.64 -37.23 3.72
N ASP D 9 5.28 -36.15 4.43
CA ASP D 9 4.50 -36.23 5.67
C ASP D 9 3.20 -36.65 5.29
N PRO D 10 2.57 -37.54 6.03
CA PRO D 10 1.20 -37.88 5.64
C PRO D 10 0.20 -36.74 5.81
N ARG D 11 0.25 -35.99 6.91
CA ARG D 11 -0.84 -35.04 7.17
C ARG D 11 -0.75 -33.83 6.23
N ARG D 12 0.44 -33.26 6.06
CA ARG D 12 0.56 -32.08 5.23
C ARG D 12 0.34 -32.41 3.76
N THR D 13 0.73 -33.59 3.37
CA THR D 13 0.59 -34.08 2.01
C THR D 13 -0.75 -34.34 1.71
N LEU D 14 -1.40 -34.94 2.63
CA LEU D 14 -2.78 -35.34 2.46
C LEU D 14 -3.72 -34.13 2.45
N VAL D 15 -3.45 -33.16 3.33
CA VAL D 15 -4.24 -31.93 3.34
C VAL D 15 -4.05 -31.17 2.03
N ALA D 16 -2.81 -31.06 1.57
CA ALA D 16 -2.54 -30.38 0.31
C ALA D 16 -3.20 -31.11 -0.86
N LEU D 17 -3.15 -32.44 -0.86
CA LEU D 17 -3.79 -33.22 -1.90
C LEU D 17 -5.29 -32.99 -1.92
N PHE D 18 -5.92 -33.02 -0.74
CA PHE D 18 -7.36 -32.80 -0.68
C PHE D 18 -7.73 -31.39 -1.13
N GLY D 19 -6.94 -30.39 -0.72
CA GLY D 19 -7.22 -29.03 -1.14
C GLY D 19 -7.07 -28.84 -2.64
N PHE D 20 -5.99 -29.38 -3.22
CA PHE D 20 -5.79 -29.27 -4.66
C PHE D 20 -6.86 -30.03 -5.43
N LEU D 21 -7.27 -31.20 -4.94
CA LEU D 21 -8.33 -31.94 -5.60
C LEU D 21 -9.65 -31.17 -5.56
N PHE D 22 -9.97 -30.56 -4.42
CA PHE D 22 -11.19 -29.76 -4.32
C PHE D 22 -11.14 -28.56 -5.27
N VAL D 23 -10.00 -27.86 -5.32
CA VAL D 23 -9.87 -26.72 -6.20
C VAL D 23 -9.94 -27.16 -7.66
N LEU D 24 -9.36 -28.31 -7.98
CA LEU D 24 -9.42 -28.84 -9.34
C LEU D 24 -10.84 -29.18 -9.74
N GLY D 25 -11.60 -29.81 -8.84
CA GLY D 25 -12.99 -30.09 -9.14
C GLY D 25 -13.81 -28.83 -9.33
N LEU D 26 -13.58 -27.83 -8.47
CA LEU D 26 -14.26 -26.54 -8.64
C LEU D 26 -13.91 -25.91 -9.98
N LEU D 27 -12.64 -25.95 -10.37
CA LEU D 27 -12.20 -25.37 -11.63
C LEU D 27 -12.84 -26.08 -12.81
N ILE D 28 -12.85 -27.41 -12.79
CA ILE D 28 -13.41 -28.16 -13.91
C ILE D 28 -14.92 -27.93 -14.01
N HIS D 29 -15.61 -27.85 -12.88
CA HIS D 29 -17.04 -27.57 -12.92
C HIS D 29 -17.32 -26.16 -13.42
N PHE D 30 -16.50 -25.19 -13.01
CA PHE D 30 -16.68 -23.82 -13.48
C PHE D 30 -16.38 -23.69 -14.97
N ILE D 31 -15.43 -24.46 -15.48
CA ILE D 31 -15.10 -24.41 -16.90
C ILE D 31 -16.25 -24.97 -17.73
N LEU D 32 -16.87 -26.07 -17.26
CA LEU D 32 -18.01 -26.62 -17.97
C LEU D 32 -19.22 -25.72 -17.89
N LEU D 33 -19.33 -24.92 -16.82
CA LEU D 33 -20.41 -23.95 -16.75
C LEU D 33 -20.19 -22.79 -17.71
N SER D 34 -18.94 -22.42 -17.95
CA SER D 34 -18.60 -21.36 -18.90
C SER D 34 -18.71 -21.82 -20.34
N SER D 35 -18.82 -23.12 -20.59
CA SER D 35 -18.97 -23.63 -21.95
C SER D 35 -20.45 -23.87 -22.21
N PRO D 36 -21.06 -23.18 -23.17
CA PRO D 36 -22.51 -23.36 -23.41
C PRO D 36 -22.89 -24.78 -23.77
N ALA D 37 -22.02 -25.53 -24.45
CA ALA D 37 -22.37 -26.88 -24.87
C ALA D 37 -22.44 -27.85 -23.70
N PHE D 38 -21.76 -27.56 -22.59
CA PHE D 38 -21.72 -28.46 -21.45
C PHE D 38 -22.27 -27.83 -20.17
N ASN D 39 -22.91 -26.67 -20.27
CA ASN D 39 -23.58 -26.07 -19.13
C ASN D 39 -24.91 -26.79 -18.89
N TRP D 40 -25.02 -27.46 -17.76
CA TRP D 40 -26.20 -28.26 -17.43
C TRP D 40 -27.26 -27.46 -16.67
N LEU D 41 -26.97 -26.22 -16.32
CA LEU D 41 -27.90 -25.41 -15.54
C LEU D 41 -28.70 -24.44 -16.40
N SER D 42 -28.59 -24.54 -17.72
CA SER D 42 -29.37 -23.73 -18.65
C SER D 42 -30.29 -24.69 -19.39
N GLY D 43 -31.57 -24.68 -19.01
CA GLY D 43 -32.54 -25.58 -19.61
C GLY D 43 -33.03 -26.65 -18.65
N SER E 5 -1.15 -41.13 17.12
CA SER E 5 0.09 -41.39 16.39
C SER E 5 0.79 -40.11 15.98
N MET E 6 0.01 -39.12 15.54
CA MET E 6 0.59 -37.87 15.05
C MET E 6 -0.03 -36.66 15.73
N THR E 7 -1.30 -36.77 16.13
CA THR E 7 -1.99 -35.68 16.81
C THR E 7 -2.04 -35.86 18.33
N GLY E 8 -2.27 -37.08 18.79
CA GLY E 8 -2.32 -37.34 20.21
C GLY E 8 -3.41 -38.32 20.60
N LEU E 9 -4.41 -38.48 19.73
CA LEU E 9 -5.49 -39.40 20.00
C LEU E 9 -5.00 -40.85 19.96
N THR E 10 -5.48 -41.65 20.89
CA THR E 10 -5.19 -43.08 20.90
C THR E 10 -6.11 -43.77 19.91
N GLU E 11 -6.00 -45.09 19.80
CA GLU E 11 -6.89 -45.83 18.91
C GLU E 11 -8.31 -45.94 19.43
N GLN E 12 -8.52 -45.74 20.74
CA GLN E 12 -9.87 -45.75 21.29
C GLN E 12 -10.54 -44.39 21.17
N GLU E 13 -9.79 -43.30 21.33
CA GLU E 13 -10.32 -41.97 21.08
C GLU E 13 -10.54 -41.71 19.60
N ALA E 14 -9.70 -42.28 18.74
CA ALA E 14 -9.89 -42.16 17.29
C ALA E 14 -11.01 -43.03 16.77
N GLN E 15 -11.24 -44.19 17.37
CA GLN E 15 -12.40 -45.00 17.02
C GLN E 15 -13.69 -44.46 17.59
N GLU E 16 -13.64 -43.80 18.75
CA GLU E 16 -14.83 -43.16 19.29
C GLU E 16 -15.22 -41.94 18.49
N PHE E 17 -14.23 -41.14 18.07
CA PHE E 17 -14.52 -40.01 17.21
C PHE E 17 -14.96 -40.47 15.82
N HIS E 18 -14.37 -41.56 15.31
CA HIS E 18 -14.70 -42.00 13.97
C HIS E 18 -16.14 -42.49 13.88
N GLY E 19 -16.63 -43.19 14.90
CA GLY E 19 -18.00 -43.66 14.87
C GLY E 19 -19.01 -42.53 14.83
N ILE E 20 -18.82 -41.53 15.69
CA ILE E 20 -19.73 -40.39 15.71
C ILE E 20 -19.59 -39.57 14.44
N PHE E 21 -18.36 -39.43 13.93
CA PHE E 21 -18.14 -38.73 12.68
C PHE E 21 -18.87 -39.41 11.53
N VAL E 22 -18.79 -40.74 11.46
CA VAL E 22 -19.44 -41.48 10.38
C VAL E 22 -20.95 -41.41 10.52
N GLN E 23 -21.47 -41.48 11.75
CA GLN E 23 -22.91 -41.35 11.94
C GLN E 23 -23.40 -39.97 11.52
N SER E 24 -22.68 -38.92 11.90
CA SER E 24 -23.07 -37.56 11.53
C SER E 24 -22.97 -37.36 10.02
N MET E 25 -21.92 -37.89 9.40
CA MET E 25 -21.76 -37.78 7.95
C MET E 25 -22.87 -38.54 7.22
N THR E 26 -23.26 -39.71 7.75
CA THR E 26 -24.34 -40.46 7.14
C THR E 26 -25.67 -39.73 7.26
N ALA E 27 -25.94 -39.12 8.41
CA ALA E 27 -27.16 -38.33 8.56
C ALA E 27 -27.16 -37.14 7.61
N PHE E 28 -26.02 -36.46 7.51
CA PHE E 28 -25.89 -35.34 6.60
C PHE E 28 -26.12 -35.76 5.16
N PHE E 29 -25.55 -36.90 4.75
CA PHE E 29 -25.72 -37.39 3.39
C PHE E 29 -27.13 -37.85 3.13
N GLY E 30 -27.81 -38.41 4.14
CA GLY E 30 -29.21 -38.77 3.96
C GLY E 30 -30.10 -37.56 3.76
N ILE E 31 -29.88 -36.51 4.55
CA ILE E 31 -30.63 -35.28 4.37
C ILE E 31 -30.33 -34.68 2.99
N VAL E 32 -29.07 -34.72 2.58
CA VAL E 32 -28.67 -34.21 1.27
C VAL E 32 -29.34 -34.99 0.15
N VAL E 33 -29.42 -36.31 0.30
CA VAL E 33 -30.04 -37.15 -0.73
C VAL E 33 -31.53 -36.86 -0.82
N ILE E 34 -32.20 -36.69 0.32
CA ILE E 34 -33.61 -36.33 0.30
C ILE E 34 -33.81 -34.98 -0.39
N ALA E 35 -32.95 -34.01 -0.06
CA ALA E 35 -33.05 -32.69 -0.69
C ALA E 35 -32.83 -32.77 -2.19
N HIS E 36 -31.89 -33.60 -2.63
CA HIS E 36 -31.60 -33.71 -4.05
C HIS E 36 -32.71 -34.45 -4.80
N ILE E 37 -33.34 -35.44 -4.16
CA ILE E 37 -34.51 -36.07 -4.74
C ILE E 37 -35.64 -35.06 -4.90
N LEU E 38 -35.86 -34.25 -3.87
CA LEU E 38 -36.89 -33.21 -3.96
C LEU E 38 -36.58 -32.21 -5.06
N ALA E 39 -35.30 -31.84 -5.20
CA ALA E 39 -34.90 -30.92 -6.26
C ALA E 39 -35.11 -31.53 -7.64
N TRP E 40 -34.83 -32.83 -7.80
CA TRP E 40 -35.06 -33.47 -9.09
C TRP E 40 -36.55 -33.54 -9.42
N LEU E 41 -37.39 -33.85 -8.44
CA LEU E 41 -38.83 -33.78 -8.67
C LEU E 41 -39.29 -32.35 -8.93
N TRP E 42 -38.55 -31.36 -8.44
CA TRP E 42 -38.90 -29.96 -8.69
C TRP E 42 -38.43 -29.52 -10.08
N ARG E 43 -37.13 -29.62 -10.34
CA ARG E 43 -36.55 -29.22 -11.62
C ARG E 43 -35.40 -30.16 -11.96
N PRO E 44 -35.64 -31.18 -12.78
CA PRO E 44 -34.53 -32.03 -13.23
C PRO E 44 -33.52 -31.22 -14.05
N TRP E 45 -32.24 -31.49 -13.82
CA TRP E 45 -31.17 -30.75 -14.48
C TRP E 45 -30.45 -31.57 -15.54
N LEU E 46 -30.83 -32.82 -15.75
CA LEU E 46 -30.19 -33.66 -16.74
C LEU E 46 -31.22 -34.26 -17.69
N MET F 1 -9.47 -47.07 8.98
CA MET F 1 -9.82 -45.76 8.44
C MET F 1 -9.97 -44.74 9.56
N HIS F 2 -10.22 -45.23 10.78
CA HIS F 2 -10.29 -44.36 11.94
C HIS F 2 -8.94 -43.74 12.28
N LYS F 3 -7.85 -44.37 11.83
CA LYS F 3 -6.51 -43.90 12.17
C LYS F 3 -6.24 -42.49 11.64
N ILE F 4 -7.06 -42.02 10.69
CA ILE F 4 -6.92 -40.65 10.19
C ILE F 4 -7.05 -39.65 11.33
N TRP F 5 -7.77 -40.02 12.40
CA TRP F 5 -7.94 -39.11 13.52
C TRP F 5 -6.74 -39.11 14.46
N GLN F 6 -5.89 -40.15 14.39
CA GLN F 6 -4.55 -40.04 14.96
C GLN F 6 -3.65 -39.20 14.07
N ILE F 7 -3.99 -38.91 12.82
CA ILE F 7 -3.22 -38.05 11.86
C ILE F 7 -3.85 -36.67 11.81
N PHE F 8 -5.18 -36.58 11.71
CA PHE F 8 -5.81 -35.27 11.60
C PHE F 8 -6.37 -34.83 12.95
N ASP F 9 -6.21 -33.55 13.27
CA ASP F 9 -6.78 -33.01 14.50
C ASP F 9 -8.29 -32.96 14.38
N PRO F 10 -9.04 -33.60 15.28
CA PRO F 10 -10.51 -33.57 15.14
C PRO F 10 -11.11 -32.18 15.12
N ARG F 11 -10.65 -31.25 15.96
CA ARG F 11 -11.29 -29.95 16.01
C ARG F 11 -10.95 -29.11 14.79
N ARG F 12 -9.76 -29.17 14.28
CA ARG F 12 -9.37 -28.35 13.16
C ARG F 12 -9.88 -28.93 11.90
N THR F 13 -10.15 -30.20 11.89
CA THR F 13 -10.68 -30.85 10.75
C THR F 13 -12.08 -30.52 10.72
N LEU F 14 -12.77 -30.66 11.81
CA LEU F 14 -14.21 -30.39 11.85
C LEU F 14 -14.50 -28.94 11.52
N VAL F 15 -13.71 -28.01 12.04
CA VAL F 15 -13.92 -26.59 11.75
C VAL F 15 -13.70 -26.32 10.27
N ALA F 16 -12.61 -26.84 9.71
CA ALA F 16 -12.33 -26.62 8.29
C ALA F 16 -13.39 -27.28 7.41
N LEU F 17 -13.81 -28.50 7.76
CA LEU F 17 -14.82 -29.20 6.99
C LEU F 17 -16.15 -28.44 7.02
N PHE F 18 -16.56 -27.97 8.20
CA PHE F 18 -17.81 -27.22 8.30
C PHE F 18 -17.73 -25.91 7.53
N GLY F 19 -16.60 -25.21 7.61
CA GLY F 19 -16.46 -23.98 6.86
C GLY F 19 -16.48 -24.19 5.36
N PHE F 20 -15.77 -25.21 4.88
CA PHE F 20 -15.78 -25.52 3.45
C PHE F 20 -17.13 -25.98 2.98
N LEU F 21 -17.85 -26.76 3.80
CA LEU F 21 -19.20 -27.20 3.43
C LEU F 21 -20.16 -26.02 3.37
N PHE F 22 -20.04 -25.08 4.31
CA PHE F 22 -20.89 -23.89 4.28
C PHE F 22 -20.58 -23.04 3.06
N VAL F 23 -19.30 -22.84 2.75
CA VAL F 23 -18.94 -22.05 1.58
C VAL F 23 -19.38 -22.76 0.30
N LEU F 24 -19.30 -24.09 0.28
CA LEU F 24 -19.77 -24.85 -0.88
C LEU F 24 -21.28 -24.71 -1.06
N GLY F 25 -22.05 -24.79 0.03
CA GLY F 25 -23.48 -24.58 -0.08
C GLY F 25 -23.83 -23.19 -0.56
N LEU F 26 -23.15 -22.18 -0.02
CA LEU F 26 -23.34 -20.82 -0.50
C LEU F 26 -23.02 -20.70 -1.99
N LEU F 27 -21.90 -21.30 -2.42
CA LEU F 27 -21.50 -21.22 -3.82
C LEU F 27 -22.53 -21.89 -4.72
N ILE F 28 -23.00 -23.07 -4.35
CA ILE F 28 -23.96 -23.77 -5.19
C ILE F 28 -25.28 -23.02 -5.25
N HIS F 29 -25.74 -22.48 -4.12
CA HIS F 29 -26.98 -21.71 -4.13
C HIS F 29 -26.84 -20.44 -4.96
N PHE F 30 -25.68 -19.79 -4.91
CA PHE F 30 -25.46 -18.59 -5.70
C PHE F 30 -25.35 -18.91 -7.19
N ILE F 31 -24.76 -20.05 -7.54
CA ILE F 31 -24.66 -20.46 -8.93
C ILE F 31 -26.04 -20.73 -9.50
N LEU F 32 -26.90 -21.39 -8.72
CA LEU F 32 -28.27 -21.66 -9.17
C LEU F 32 -29.11 -20.39 -9.24
N LEU F 33 -28.81 -19.39 -8.40
CA LEU F 33 -29.49 -18.11 -8.52
C LEU F 33 -29.07 -17.36 -9.78
N SER F 34 -27.80 -17.49 -10.18
CA SER F 34 -27.29 -16.86 -11.39
C SER F 34 -27.77 -17.55 -12.66
N SER F 35 -28.32 -18.75 -12.55
CA SER F 35 -28.86 -19.45 -13.71
C SER F 35 -30.36 -19.19 -13.80
N PRO F 36 -30.84 -18.54 -14.86
CA PRO F 36 -32.29 -18.24 -14.94
C PRO F 36 -33.17 -19.46 -14.90
N ALA F 37 -32.72 -20.60 -15.44
CA ALA F 37 -33.54 -21.80 -15.46
C ALA F 37 -33.74 -22.40 -14.07
N PHE F 38 -32.84 -22.10 -13.13
CA PHE F 38 -32.91 -22.68 -11.79
C PHE F 38 -33.01 -21.63 -10.69
N ASN F 39 -33.32 -20.39 -11.03
CA ASN F 39 -33.57 -19.37 -10.03
C ASN F 39 -35.00 -19.51 -9.53
N TRP F 40 -35.16 -19.85 -8.25
CA TRP F 40 -36.47 -20.05 -7.65
C TRP F 40 -37.05 -18.78 -7.06
N LEU F 41 -36.28 -17.70 -7.01
CA LEU F 41 -36.74 -16.44 -6.43
C LEU F 41 -37.29 -15.47 -7.47
N SER F 42 -37.34 -15.89 -8.73
CA SER F 42 -37.96 -15.10 -9.80
C SER F 42 -39.27 -15.79 -10.17
N GLY F 43 -40.39 -15.16 -9.82
CA GLY F 43 -41.69 -15.73 -10.10
C GLY F 43 -42.39 -16.25 -8.85
N SER G 5 -12.03 -33.05 27.31
CA SER G 5 -11.07 -33.93 26.66
C SER G 5 -10.01 -33.13 25.91
N MET G 6 -10.44 -32.06 25.24
CA MET G 6 -9.52 -31.28 24.42
C MET G 6 -9.59 -29.80 24.76
N THR G 7 -10.76 -29.31 25.17
CA THR G 7 -10.94 -27.91 25.54
C THR G 7 -10.84 -27.69 27.04
N GLY G 8 -11.38 -28.60 27.84
CA GLY G 8 -11.31 -28.48 29.28
C GLY G 8 -12.60 -28.91 29.96
N LEU G 9 -13.69 -28.93 29.21
CA LEU G 9 -14.97 -29.35 29.77
C LEU G 9 -14.96 -30.85 30.08
N THR G 10 -15.55 -31.20 31.21
CA THR G 10 -15.73 -32.60 31.58
C THR G 10 -16.96 -33.13 30.84
N GLU G 11 -17.30 -34.39 31.06
CA GLU G 11 -18.49 -34.96 30.44
C GLU G 11 -19.78 -34.47 31.08
N GLN G 12 -19.74 -34.00 32.33
CA GLN G 12 -20.91 -33.44 32.96
C GLN G 12 -21.13 -31.98 32.58
N GLU G 13 -20.06 -31.20 32.44
CA GLU G 13 -20.18 -29.85 31.93
C GLU G 13 -20.56 -29.82 30.46
N ALA G 14 -20.08 -30.79 29.68
CA ALA G 14 -20.48 -30.91 28.28
C ALA G 14 -21.92 -31.36 28.12
N GLN G 15 -22.39 -32.27 28.99
CA GLN G 15 -23.79 -32.67 28.95
C GLN G 15 -24.69 -31.56 29.46
N GLU G 16 -24.22 -30.76 30.41
CA GLU G 16 -25.00 -29.60 30.85
C GLU G 16 -25.10 -28.56 29.75
N PHE G 17 -23.99 -28.29 29.04
CA PHE G 17 -24.05 -27.35 27.93
C PHE G 17 -24.81 -27.91 26.76
N HIS G 18 -24.71 -29.21 26.51
CA HIS G 18 -25.37 -29.80 25.35
C HIS G 18 -26.88 -29.75 25.49
N GLY G 19 -27.41 -29.99 26.69
CA GLY G 19 -28.85 -29.95 26.87
C GLY G 19 -29.43 -28.56 26.61
N ILE G 20 -28.79 -27.53 27.18
CA ILE G 20 -29.26 -26.17 26.99
C ILE G 20 -29.06 -25.74 25.55
N PHE G 21 -27.95 -26.16 24.93
CA PHE G 21 -27.71 -25.87 23.53
C PHE G 21 -28.80 -26.47 22.65
N VAL G 22 -29.18 -27.73 22.92
CA VAL G 22 -30.19 -28.39 22.11
C VAL G 22 -31.55 -27.75 22.33
N GLN G 23 -31.87 -27.36 23.57
CA GLN G 23 -33.13 -26.68 23.82
C GLN G 23 -33.20 -25.34 23.10
N SER G 24 -32.11 -24.56 23.16
CA SER G 24 -32.09 -23.26 22.50
C SER G 24 -32.18 -23.42 20.99
N MET G 25 -31.45 -24.40 20.44
CA MET G 25 -31.49 -24.64 19.00
C MET G 25 -32.86 -25.13 18.56
N THR G 26 -33.54 -25.94 19.38
CA THR G 26 -34.87 -26.39 19.06
C THR G 26 -35.87 -25.24 19.08
N ALA G 27 -35.75 -24.33 20.06
CA ALA G 27 -36.61 -23.15 20.08
C ALA G 27 -36.36 -22.27 18.86
N PHE G 28 -35.09 -22.08 18.50
CA PHE G 28 -34.74 -21.30 17.33
C PHE G 28 -35.31 -21.94 16.06
N PHE G 29 -35.22 -23.26 15.94
CA PHE G 29 -35.74 -23.94 14.77
C PHE G 29 -37.26 -23.92 14.72
N GLY G 30 -37.92 -23.95 15.88
CA GLY G 30 -39.37 -23.82 15.89
C GLY G 30 -39.82 -22.45 15.43
N ILE G 31 -39.15 -21.40 15.90
CA ILE G 31 -39.45 -20.05 15.42
C ILE G 31 -39.18 -19.94 13.92
N VAL G 32 -38.07 -20.53 13.46
CA VAL G 32 -37.73 -20.49 12.04
C VAL G 32 -38.80 -21.21 11.22
N VAL G 33 -39.27 -22.36 11.70
CA VAL G 33 -40.29 -23.12 10.98
C VAL G 33 -41.60 -22.34 10.90
N ILE G 34 -42.01 -21.71 12.01
CA ILE G 34 -43.22 -20.90 11.98
C ILE G 34 -43.06 -19.73 11.00
N ALA G 35 -41.91 -19.08 11.02
CA ALA G 35 -41.66 -17.97 10.10
C ALA G 35 -41.71 -18.45 8.66
N HIS G 36 -41.16 -19.63 8.37
CA HIS G 36 -41.15 -20.13 7.00
C HIS G 36 -42.54 -20.56 6.55
N ILE G 37 -43.35 -21.10 7.47
CA ILE G 37 -44.74 -21.39 7.14
C ILE G 37 -45.49 -20.11 6.81
N LEU G 38 -45.27 -19.06 7.60
CA LEU G 38 -45.90 -17.78 7.33
C LEU G 38 -45.45 -17.21 5.98
N ALA G 39 -44.16 -17.36 5.67
CA ALA G 39 -43.64 -16.89 4.39
C ALA G 39 -44.25 -17.65 3.23
N TRP G 40 -44.40 -18.96 3.36
CA TRP G 40 -45.03 -19.75 2.31
C TRP G 40 -46.49 -19.37 2.13
N LEU G 41 -47.18 -19.07 3.24
CA LEU G 41 -48.54 -18.57 3.15
C LEU G 41 -48.58 -17.21 2.48
N TRP G 42 -47.52 -16.40 2.63
CA TRP G 42 -47.45 -15.08 2.03
C TRP G 42 -47.07 -15.16 0.56
N ARG G 43 -45.93 -15.78 0.25
CA ARG G 43 -45.45 -15.92 -1.12
C ARG G 43 -44.75 -17.26 -1.27
N PRO G 44 -45.44 -18.28 -1.77
CA PRO G 44 -44.76 -19.55 -2.06
C PRO G 44 -43.71 -19.37 -3.14
N TRP G 45 -42.58 -20.05 -2.96
CA TRP G 45 -41.45 -19.92 -3.86
C TRP G 45 -41.21 -21.17 -4.71
N LEU G 46 -42.02 -22.21 -4.55
CA LEU G 46 -41.85 -23.43 -5.33
C LEU G 46 -43.13 -23.76 -6.08
N MET H 1 -23.01 -37.38 21.55
CA MET H 1 -22.94 -36.20 20.69
C MET H 1 -22.55 -34.98 21.50
N HIS H 2 -22.76 -35.05 22.83
CA HIS H 2 -22.34 -33.97 23.71
C HIS H 2 -20.83 -33.83 23.77
N LYS H 3 -20.09 -34.88 23.40
CA LYS H 3 -18.64 -34.87 23.49
C LYS H 3 -18.02 -33.79 22.62
N ILE H 4 -18.79 -33.19 21.72
CA ILE H 4 -18.34 -32.09 20.82
C ILE H 4 -17.89 -30.88 21.62
N TRP H 5 -18.28 -30.79 22.89
CA TRP H 5 -18.06 -29.59 23.71
C TRP H 5 -16.76 -29.83 24.44
N GLN H 6 -16.25 -31.05 24.33
CA GLN H 6 -14.91 -31.40 24.84
C GLN H 6 -13.90 -31.15 23.72
N ILE H 7 -14.34 -31.00 22.47
CA ILE H 7 -13.48 -30.73 21.28
C ILE H 7 -13.64 -29.26 20.94
N PHE H 8 -14.86 -28.73 20.94
CA PHE H 8 -15.19 -27.33 20.54
C PHE H 8 -15.47 -26.46 21.76
N ASP H 9 -14.80 -25.30 21.86
CA ASP H 9 -14.99 -24.38 23.01
C ASP H 9 -16.42 -23.91 22.94
N PRO H 10 -17.16 -23.93 24.05
CA PRO H 10 -18.54 -23.40 24.02
C PRO H 10 -18.65 -21.93 23.68
N ARG H 11 -17.77 -21.07 24.21
CA ARG H 11 -17.94 -19.64 23.96
C ARG H 11 -17.53 -19.28 22.54
N ARG H 12 -16.51 -19.85 21.99
CA ARG H 12 -16.12 -19.50 20.66
C ARG H 12 -16.99 -20.15 19.66
N THR H 13 -17.68 -21.21 20.00
CA THR H 13 -18.56 -21.91 19.11
C THR H 13 -19.82 -21.22 19.11
N LEU H 14 -20.21 -20.68 20.22
CA LEU H 14 -21.44 -19.88 20.29
C LEU H 14 -21.27 -18.54 19.58
N VAL H 15 -20.12 -17.88 19.78
CA VAL H 15 -19.89 -16.59 19.13
C VAL H 15 -19.84 -16.76 17.62
N ALA H 16 -19.08 -17.75 17.15
CA ALA H 16 -18.98 -17.99 15.70
C ALA H 16 -20.33 -18.39 15.12
N LEU H 17 -21.07 -19.25 15.81
CA LEU H 17 -22.38 -19.67 15.33
C LEU H 17 -23.34 -18.50 15.25
N PHE H 18 -23.37 -17.65 16.28
CA PHE H 18 -24.28 -16.51 16.27
C PHE H 18 -23.90 -15.51 15.19
N GLY H 19 -22.60 -15.27 15.01
CA GLY H 19 -22.18 -14.38 13.93
C GLY H 19 -22.51 -14.92 12.56
N PHE H 20 -22.27 -16.21 12.34
CA PHE H 20 -22.60 -16.83 11.06
C PHE H 20 -24.10 -16.83 10.81
N LEU H 21 -24.90 -17.10 11.85
CA LEU H 21 -26.35 -17.07 11.69
C LEU H 21 -26.84 -15.66 11.37
N PHE H 22 -26.28 -14.64 12.04
CA PHE H 22 -26.67 -13.27 11.76
C PHE H 22 -26.30 -12.87 10.33
N VAL H 23 -25.09 -13.22 9.89
CA VAL H 23 -24.67 -12.88 8.54
C VAL H 23 -25.50 -13.66 7.51
N LEU H 24 -25.86 -14.90 7.83
CA LEU H 24 -26.71 -15.68 6.93
C LEU H 24 -28.10 -15.07 6.82
N GLY H 25 -28.69 -14.65 7.94
CA GLY H 25 -29.98 -14.00 7.88
C GLY H 25 -29.94 -12.69 7.12
N LEU H 26 -28.88 -11.90 7.32
CA LEU H 26 -28.71 -10.67 6.54
C LEU H 26 -28.60 -10.98 5.06
N LEU H 27 -27.82 -12.00 4.71
CA LEU H 27 -27.65 -12.36 3.31
C LEU H 27 -28.96 -12.81 2.68
N ILE H 28 -29.72 -13.65 3.39
CA ILE H 28 -30.98 -14.13 2.83
C ILE H 28 -31.97 -13.00 2.68
N HIS H 29 -32.03 -12.09 3.66
CA HIS H 29 -32.93 -10.95 3.55
C HIS H 29 -32.52 -10.02 2.42
N PHE H 30 -31.21 -9.87 2.19
CA PHE H 30 -30.74 -9.01 1.11
C PHE H 30 -30.99 -9.64 -0.26
N ILE H 31 -30.88 -10.97 -0.35
CA ILE H 31 -31.12 -11.65 -1.62
C ILE H 31 -32.59 -11.55 -2.00
N LEU H 32 -33.49 -11.64 -1.03
CA LEU H 32 -34.92 -11.49 -1.31
C LEU H 32 -35.27 -10.05 -1.67
N LEU H 33 -34.55 -9.08 -1.11
CA LEU H 33 -34.76 -7.69 -1.51
C LEU H 33 -34.31 -7.45 -2.93
N SER H 34 -33.23 -8.09 -3.36
CA SER H 34 -32.79 -8.03 -4.75
C SER H 34 -33.68 -8.82 -5.68
N SER H 35 -34.61 -9.62 -5.15
CA SER H 35 -35.55 -10.36 -5.96
C SER H 35 -36.82 -9.54 -6.10
N PRO H 36 -37.16 -9.06 -7.29
CA PRO H 36 -38.41 -8.28 -7.44
C PRO H 36 -39.65 -9.04 -7.04
N ALA H 37 -39.69 -10.34 -7.25
CA ALA H 37 -40.86 -11.13 -6.88
C ALA H 37 -41.01 -11.29 -5.38
N PHE H 38 -39.92 -11.13 -4.62
CA PHE H 38 -39.94 -11.34 -3.18
C PHE H 38 -39.51 -10.12 -2.39
N ASN H 39 -39.45 -8.95 -3.02
CA ASN H 39 -39.20 -7.70 -2.31
C ASN H 39 -40.50 -7.23 -1.69
N TRP H 40 -40.56 -7.20 -0.37
CA TRP H 40 -41.76 -6.80 0.36
C TRP H 40 -41.81 -5.30 0.64
N LEU H 41 -40.76 -4.56 0.30
CA LEU H 41 -40.69 -3.14 0.57
C LEU H 41 -41.01 -2.30 -0.65
N SER H 42 -41.44 -2.93 -1.74
CA SER H 42 -41.86 -2.24 -2.95
C SER H 42 -43.36 -2.47 -3.11
N GLY H 43 -44.15 -1.49 -2.69
CA GLY H 43 -45.60 -1.62 -2.74
C GLY H 43 -46.25 -1.51 -1.38
N SER I 5 -17.98 -19.84 35.61
CA SER I 5 -17.44 -21.11 35.12
C SER I 5 -16.32 -20.89 34.12
N MET I 6 -16.47 -19.89 33.26
CA MET I 6 -15.50 -19.65 32.20
C MET I 6 -15.01 -18.21 32.20
N THR I 7 -15.87 -17.27 32.60
CA THR I 7 -15.50 -15.86 32.65
C THR I 7 -15.07 -15.41 34.04
N GLY I 8 -15.76 -15.87 35.08
CA GLY I 8 -15.43 -15.49 36.45
C GLY I 8 -16.65 -15.25 37.30
N LEU I 9 -17.79 -15.00 36.66
CA LEU I 9 -19.03 -14.78 37.40
C LEU I 9 -19.49 -16.06 38.07
N THR I 10 -19.97 -15.93 39.31
CA THR I 10 -20.58 -17.04 40.01
C THR I 10 -22.02 -17.22 39.53
N GLU I 11 -22.74 -18.18 40.08
CA GLU I 11 -24.14 -18.35 39.71
C GLU I 11 -25.04 -17.27 40.30
N GLN I 12 -24.65 -16.65 41.41
CA GLN I 12 -25.42 -15.55 41.96
C GLN I 12 -25.20 -14.25 41.20
N GLU I 13 -23.97 -13.98 40.76
CA GLU I 13 -23.72 -12.84 39.90
C GLU I 13 -24.31 -13.02 38.51
N ALA I 14 -24.29 -14.24 37.98
CA ALA I 14 -24.92 -14.53 36.70
C ALA I 14 -26.43 -14.49 36.75
N GLN I 15 -27.03 -14.90 37.88
CA GLN I 15 -28.47 -14.78 38.02
C GLN I 15 -28.89 -13.34 38.29
N GLU I 16 -28.02 -12.56 38.94
CA GLU I 16 -28.31 -11.14 39.11
C GLU I 16 -28.21 -10.39 37.79
N PHE I 17 -27.20 -10.71 36.98
CA PHE I 17 -27.10 -10.10 35.66
C PHE I 17 -28.18 -10.60 34.72
N HIS I 18 -28.56 -11.88 34.83
CA HIS I 18 -29.56 -12.43 33.93
C HIS I 18 -30.92 -11.78 34.15
N GLY I 19 -31.30 -11.53 35.40
CA GLY I 19 -32.59 -10.92 35.66
C GLY I 19 -32.69 -9.51 35.08
N ILE I 20 -31.66 -8.70 35.31
CA ILE I 20 -31.67 -7.35 34.79
C ILE I 20 -31.57 -7.36 33.27
N PHE I 21 -30.78 -8.28 32.72
CA PHE I 21 -30.68 -8.41 31.26
C PHE I 21 -32.03 -8.76 30.66
N VAL I 22 -32.76 -9.71 31.27
CA VAL I 22 -34.04 -10.12 30.73
C VAL I 22 -35.07 -9.00 30.88
N GLN I 23 -35.04 -8.27 31.99
CA GLN I 23 -35.96 -7.15 32.15
C GLN I 23 -35.69 -6.06 31.11
N SER I 24 -34.42 -5.72 30.90
CA SER I 24 -34.07 -4.69 29.92
C SER I 24 -34.44 -5.13 28.51
N MET I 25 -34.18 -6.40 28.19
CA MET I 25 -34.51 -6.91 26.87
C MET I 25 -36.01 -6.97 26.66
N THR I 26 -36.77 -7.28 27.71
CA THR I 26 -38.23 -7.29 27.61
C THR I 26 -38.77 -5.89 27.39
N ALA I 27 -38.22 -4.89 28.10
CA ALA I 27 -38.62 -3.51 27.86
C ALA I 27 -38.29 -3.07 26.43
N PHE I 28 -37.09 -3.43 25.97
CA PHE I 28 -36.70 -3.10 24.60
C PHE I 28 -37.63 -3.75 23.59
N PHE I 29 -37.98 -5.01 23.80
CA PHE I 29 -38.88 -5.70 22.87
C PHE I 29 -40.29 -5.14 22.93
N GLY I 30 -40.74 -4.69 24.10
CA GLY I 30 -42.05 -4.05 24.18
C GLY I 30 -42.09 -2.75 23.42
N ILE I 31 -41.05 -1.93 23.56
CA ILE I 31 -40.98 -0.69 22.78
C ILE I 31 -40.92 -1.01 21.28
N VAL I 32 -40.16 -2.04 20.91
CA VAL I 32 -40.06 -2.45 19.51
C VAL I 32 -41.42 -2.90 18.99
N VAL I 33 -42.17 -3.66 19.79
CA VAL I 33 -43.48 -4.14 19.36
C VAL I 33 -44.44 -2.98 19.18
N ILE I 34 -44.42 -2.02 20.11
CA ILE I 34 -45.29 -0.85 19.97
C ILE I 34 -44.94 -0.06 18.72
N ALA I 35 -43.64 0.13 18.47
CA ALA I 35 -43.21 0.84 17.27
C ALA I 35 -43.62 0.11 16.00
N HIS I 36 -43.54 -1.23 16.00
CA HIS I 36 -43.90 -1.99 14.81
C HIS I 36 -45.41 -1.98 14.58
N ILE I 37 -46.19 -1.98 15.66
CA ILE I 37 -47.64 -1.82 15.51
C ILE I 37 -47.96 -0.46 14.91
N LEU I 38 -47.30 0.59 15.41
CA LEU I 38 -47.52 1.93 14.86
C LEU I 38 -47.12 1.99 13.39
N ALA I 39 -46.01 1.34 13.03
CA ALA I 39 -45.58 1.31 11.64
C ALA I 39 -46.59 0.56 10.76
N TRP I 40 -47.16 -0.52 11.28
CA TRP I 40 -48.17 -1.25 10.51
C TRP I 40 -49.42 -0.41 10.29
N LEU I 41 -49.88 0.30 11.33
CA LEU I 41 -50.97 1.24 11.12
C LEU I 41 -50.59 2.38 10.20
N TRP I 42 -49.30 2.70 10.10
CA TRP I 42 -48.85 3.74 9.18
C TRP I 42 -48.75 3.22 7.76
N ARG I 43 -47.94 2.19 7.54
CA ARG I 43 -47.76 1.60 6.21
C ARG I 43 -47.57 0.09 6.36
N PRO I 44 -48.63 -0.70 6.18
CA PRO I 44 -48.46 -2.15 6.19
C PRO I 44 -47.57 -2.60 5.03
N TRP I 45 -46.74 -3.61 5.31
CA TRP I 45 -45.77 -4.09 4.33
C TRP I 45 -46.07 -5.48 3.81
N LEU I 46 -47.14 -6.12 4.28
CA LEU I 46 -47.50 -7.44 3.82
C LEU I 46 -48.94 -7.48 3.32
N MET J 1 -30.35 -21.01 32.09
CA MET J 1 -30.07 -20.17 30.93
C MET J 1 -29.17 -18.99 31.34
N HIS J 2 -29.21 -18.67 32.64
CA HIS J 2 -28.33 -17.63 33.17
C HIS J 2 -26.86 -18.01 33.08
N LYS J 3 -26.56 -19.31 32.96
CA LYS J 3 -25.18 -19.78 32.95
C LYS J 3 -24.40 -19.24 31.77
N ILE J 4 -25.08 -18.60 30.82
CA ILE J 4 -24.43 -17.98 29.63
C ILE J 4 -23.48 -16.88 30.07
N TRP J 5 -23.67 -16.34 31.26
CA TRP J 5 -22.86 -15.18 31.74
C TRP J 5 -21.62 -15.74 32.40
N GLN J 6 -21.63 -17.04 32.69
CA GLN J 6 -20.42 -17.74 33.17
C GLN J 6 -19.59 -18.10 31.93
N ILE J 7 -20.20 -18.13 30.75
CA ILE J 7 -19.50 -18.41 29.46
C ILE J 7 -19.16 -17.09 28.76
N PHE J 8 -20.10 -16.15 28.70
CA PHE J 8 -19.92 -14.84 28.01
C PHE J 8 -19.75 -13.69 28.99
N ASP J 9 -18.84 -12.74 28.71
CA ASP J 9 -18.57 -11.61 29.63
C ASP J 9 -19.76 -10.66 29.63
N PRO J 10 -20.42 -10.37 30.76
CA PRO J 10 -21.50 -9.40 30.78
C PRO J 10 -21.18 -8.08 30.04
N ARG J 11 -19.92 -7.65 29.93
CA ARG J 11 -19.56 -6.33 29.37
C ARG J 11 -19.28 -6.37 27.86
N ARG J 12 -18.53 -7.36 27.38
CA ARG J 12 -18.18 -7.43 25.95
C ARG J 12 -19.36 -8.03 25.20
N THR J 13 -20.21 -8.77 25.90
CA THR J 13 -21.39 -9.35 25.27
C THR J 13 -22.31 -8.19 25.13
N LEU J 14 -22.29 -7.34 26.12
CA LEU J 14 -23.28 -6.27 26.16
C LEU J 14 -22.89 -5.14 25.21
N VAL J 15 -21.60 -4.80 25.17
CA VAL J 15 -21.13 -3.78 24.23
C VAL J 15 -21.32 -4.24 22.80
N ALA J 16 -20.97 -5.50 22.51
CA ALA J 16 -21.15 -6.03 21.16
C ALA J 16 -22.62 -6.06 20.78
N LEU J 17 -23.49 -6.46 21.71
CA LEU J 17 -24.92 -6.51 21.44
C LEU J 17 -25.47 -5.12 21.16
N PHE J 18 -25.06 -4.13 21.94
CA PHE J 18 -25.53 -2.77 21.70
C PHE J 18 -25.02 -2.25 20.36
N GLY J 19 -23.76 -2.52 20.03
CA GLY J 19 -23.24 -2.07 18.75
C GLY J 19 -23.93 -2.72 17.57
N PHE J 20 -24.16 -4.04 17.64
CA PHE J 20 -24.86 -4.73 16.57
C PHE J 20 -26.31 -4.26 16.46
N LEU J 21 -26.97 -4.02 17.60
CA LEU J 21 -28.34 -3.50 17.54
C LEU J 21 -28.39 -2.12 16.92
N PHE J 22 -27.42 -1.26 17.24
CA PHE J 22 -27.39 0.07 16.64
C PHE J 22 -27.12 -0.01 15.14
N VAL J 23 -26.18 -0.85 14.73
CA VAL J 23 -25.89 -1.00 13.30
C VAL J 23 -27.08 -1.60 12.58
N LEU J 24 -27.79 -2.55 13.21
CA LEU J 24 -28.98 -3.13 12.61
C LEU J 24 -30.08 -2.10 12.44
N GLY J 25 -30.30 -1.26 13.45
CA GLY J 25 -31.30 -0.21 13.32
C GLY J 25 -30.94 0.78 12.23
N LEU J 26 -29.68 1.18 12.16
CA LEU J 26 -29.23 2.05 11.08
C LEU J 26 -29.47 1.41 9.72
N LEU J 27 -29.12 0.13 9.59
CA LEU J 27 -29.27 -0.57 8.32
C LEU J 27 -30.74 -0.67 7.90
N ILE J 28 -31.62 -1.02 8.84
CA ILE J 28 -33.03 -1.16 8.52
C ILE J 28 -33.63 0.20 8.14
N HIS J 29 -33.25 1.26 8.86
CA HIS J 29 -33.74 2.59 8.52
C HIS J 29 -33.23 3.03 7.15
N PHE J 30 -31.97 2.72 6.83
CA PHE J 30 -31.43 3.08 5.52
C PHE J 30 -32.11 2.30 4.41
N ILE J 31 -32.43 1.03 4.64
CA ILE J 31 -33.09 0.22 3.63
C ILE J 31 -34.49 0.75 3.35
N LEU J 32 -35.19 1.19 4.40
CA LEU J 32 -36.51 1.79 4.21
C LEU J 32 -36.44 3.16 3.56
N LEU J 33 -35.31 3.86 3.67
CA LEU J 33 -35.14 5.11 2.95
C LEU J 33 -34.85 4.85 1.47
N SER J 34 -34.14 3.77 1.15
CA SER J 34 -33.85 3.41 -0.24
C SER J 34 -35.06 2.84 -0.96
N SER J 35 -36.11 2.47 -0.24
CA SER J 35 -37.33 1.98 -0.86
C SER J 35 -38.32 3.12 -0.98
N PRO J 36 -38.70 3.52 -2.20
CA PRO J 36 -39.60 4.67 -2.34
C PRO J 36 -40.95 4.50 -1.66
N ALA J 37 -41.44 3.26 -1.58
CA ALA J 37 -42.75 3.02 -0.96
C ALA J 37 -42.74 3.25 0.54
N PHE J 38 -41.56 3.20 1.18
CA PHE J 38 -41.46 3.33 2.63
C PHE J 38 -40.54 4.47 3.04
N ASN J 39 -40.08 5.29 2.10
CA ASN J 39 -39.34 6.50 2.44
C ASN J 39 -40.31 7.54 3.00
N TRP J 40 -40.15 7.87 4.27
CA TRP J 40 -41.04 8.82 4.93
C TRP J 40 -40.56 10.25 4.83
N LEU J 41 -39.37 10.49 4.29
CA LEU J 41 -38.81 11.83 4.19
C LEU J 41 -39.05 12.46 2.83
N SER J 42 -39.75 11.79 1.94
CA SER J 42 -40.14 12.33 0.64
C SER J 42 -41.64 12.58 0.69
N GLY J 43 -42.02 13.84 0.88
CA GLY J 43 -43.42 14.20 0.99
C GLY J 43 -43.79 14.77 2.35
N SER K 5 -17.70 -3.78 40.72
CA SER K 5 -17.71 -5.23 40.54
C SER K 5 -16.74 -5.66 39.44
N MET K 6 -16.70 -4.88 38.35
CA MET K 6 -15.89 -5.25 37.20
C MET K 6 -14.98 -4.09 36.78
N THR K 7 -15.41 -2.85 36.98
CA THR K 7 -14.62 -1.68 36.64
C THR K 7 -13.86 -1.12 37.83
N GLY K 8 -14.51 -1.05 38.99
CA GLY K 8 -13.86 -0.52 40.18
C GLY K 8 -14.78 0.31 41.04
N LEU K 9 -15.88 0.79 40.45
CA LEU K 9 -16.85 1.58 41.19
C LEU K 9 -17.57 0.73 42.22
N THR K 10 -17.82 1.31 43.39
CA THR K 10 -18.59 0.65 44.43
C THR K 10 -20.08 0.83 44.12
N GLU K 11 -21.00 0.37 44.91
CA GLU K 11 -22.37 0.66 44.57
C GLU K 11 -22.75 2.09 45.01
N GLN K 12 -22.02 2.72 45.91
CA GLN K 12 -22.34 4.11 46.20
C GLN K 12 -21.81 5.06 45.13
N GLU K 13 -20.64 4.78 44.56
CA GLU K 13 -20.16 5.57 43.44
C GLU K 13 -20.96 5.33 42.18
N ALA K 14 -21.43 4.10 41.95
CA ALA K 14 -22.29 3.79 40.82
C ALA K 14 -23.67 4.42 40.97
N GLN K 15 -24.18 4.53 42.14
CA GLN K 15 -25.45 5.14 42.35
C GLN K 15 -25.29 6.62 42.35
N GLU K 16 -24.16 7.12 42.75
CA GLU K 16 -23.87 8.54 42.58
C GLU K 16 -23.76 8.90 41.11
N PHE K 17 -23.12 8.04 40.31
CA PHE K 17 -23.03 8.30 38.88
C PHE K 17 -24.37 8.07 38.19
N HIS K 18 -25.13 7.07 38.63
CA HIS K 18 -26.37 6.74 37.94
C HIS K 18 -27.39 7.85 38.08
N GLY K 19 -27.48 8.48 39.26
CA GLY K 19 -28.43 9.56 39.43
C GLY K 19 -28.15 10.74 38.51
N ILE K 20 -26.89 11.16 38.45
CA ILE K 20 -26.51 12.28 37.59
C ILE K 20 -26.66 11.89 36.12
N PHE K 21 -26.31 10.65 35.77
CA PHE K 21 -26.50 10.18 34.40
C PHE K 21 -27.97 10.22 34.00
N VAL K 22 -28.86 9.77 34.89
CA VAL K 22 -30.28 9.76 34.58
C VAL K 22 -30.83 11.17 34.48
N GLN K 23 -30.38 12.07 35.37
CA GLN K 23 -30.83 13.45 35.31
C GLN K 23 -30.39 14.11 34.00
N SER K 24 -29.12 13.92 33.63
CA SER K 24 -28.62 14.51 32.39
C SER K 24 -29.34 13.94 31.18
N MET K 25 -29.56 12.62 31.17
CA MET K 25 -30.25 11.98 30.05
C MET K 25 -31.70 12.43 29.97
N THR K 26 -32.35 12.63 31.12
CA THR K 26 -33.72 13.12 31.11
C THR K 26 -33.81 14.54 30.60
N ALA K 27 -32.86 15.40 30.98
CA ALA K 27 -32.82 16.76 30.44
C ALA K 27 -32.58 16.74 28.93
N PHE K 28 -31.66 15.89 28.48
CA PHE K 28 -31.40 15.74 27.06
C PHE K 28 -32.63 15.29 26.32
N PHE K 29 -33.35 14.30 26.86
CA PHE K 29 -34.55 13.80 26.20
C PHE K 29 -35.68 14.82 26.21
N GLY K 30 -35.77 15.64 27.26
CA GLY K 30 -36.76 16.70 27.26
C GLY K 30 -36.49 17.74 26.19
N ILE K 31 -35.23 18.15 26.06
CA ILE K 31 -34.86 19.07 24.99
C ILE K 31 -35.15 18.46 23.63
N VAL K 32 -34.83 17.17 23.47
CA VAL K 32 -35.08 16.47 22.21
C VAL K 32 -36.57 16.42 21.91
N VAL K 33 -37.40 16.17 22.92
CA VAL K 33 -38.84 16.11 22.72
C VAL K 33 -39.38 17.48 22.31
N ILE K 34 -38.91 18.54 22.95
CA ILE K 34 -39.34 19.88 22.55
C ILE K 34 -38.93 20.18 21.12
N ALA K 35 -37.70 19.81 20.75
CA ALA K 35 -37.24 20.01 19.38
C ALA K 35 -38.09 19.23 18.38
N HIS K 36 -38.48 18.01 18.73
CA HIS K 36 -39.28 17.20 17.81
C HIS K 36 -40.70 17.71 17.71
N ILE K 37 -41.27 18.24 18.79
CA ILE K 37 -42.57 18.89 18.70
C ILE K 37 -42.49 20.10 17.77
N LEU K 38 -41.43 20.90 17.92
CA LEU K 38 -41.25 22.05 17.03
C LEU K 38 -41.11 21.61 15.58
N ALA K 39 -40.37 20.52 15.36
CA ALA K 39 -40.20 20.00 14.00
C ALA K 39 -41.52 19.52 13.41
N TRP K 40 -42.33 18.85 14.22
CA TRP K 40 -43.63 18.39 13.74
C TRP K 40 -44.56 19.55 13.40
N LEU K 41 -44.57 20.59 14.25
CA LEU K 41 -45.32 21.79 13.89
C LEU K 41 -44.75 22.49 12.68
N TRP K 42 -43.45 22.30 12.39
CA TRP K 42 -42.84 22.89 11.22
C TRP K 42 -43.15 22.08 9.97
N ARG K 43 -42.74 20.81 9.95
CA ARG K 43 -42.95 19.92 8.82
C ARG K 43 -43.27 18.52 9.33
N PRO K 44 -44.54 18.15 9.45
CA PRO K 44 -44.86 16.76 9.82
C PRO K 44 -44.37 15.78 8.77
N TRP K 45 -43.87 14.65 9.22
CA TRP K 45 -43.29 13.64 8.34
C TRP K 45 -44.12 12.37 8.26
N LEU K 46 -45.25 12.30 8.95
CA LEU K 46 -46.10 11.12 8.91
C LEU K 46 -47.53 11.48 8.57
N MET L 1 -30.22 -1.14 38.42
CA MET L 1 -29.84 -0.73 37.07
C MET L 1 -28.55 0.10 37.12
N HIS L 2 -28.26 0.66 38.29
CA HIS L 2 -27.02 1.40 38.49
C HIS L 2 -25.80 0.49 38.40
N LYS L 3 -25.99 -0.82 38.58
CA LYS L 3 -24.88 -1.76 38.58
C LYS L 3 -24.14 -1.77 37.26
N ILE L 4 -24.75 -1.25 36.19
CA ILE L 4 -24.08 -1.16 34.90
C ILE L 4 -22.81 -0.34 35.01
N TRP L 5 -22.64 0.47 36.05
CA TRP L 5 -21.50 1.40 36.13
C TRP L 5 -20.37 0.63 36.77
N GLN L 6 -20.67 -0.56 37.29
CA GLN L 6 -19.65 -1.48 37.84
C GLN L 6 -19.21 -2.42 36.71
N ILE L 7 -19.93 -2.46 35.60
CA ILE L 7 -19.58 -3.29 34.40
C ILE L 7 -19.00 -2.36 33.35
N PHE L 8 -19.64 -1.20 33.12
CA PHE L 8 -19.23 -0.24 32.07
C PHE L 8 -18.51 0.94 32.72
N ASP L 9 -17.33 1.30 32.19
CA ASP L 9 -16.53 2.42 32.75
C ASP L 9 -17.34 3.70 32.59
N PRO L 10 -17.67 4.44 33.67
CA PRO L 10 -18.36 5.70 33.55
C PRO L 10 -17.78 6.72 32.54
N ARG L 11 -16.50 6.65 32.20
CA ARG L 11 -15.84 7.66 31.34
C ARG L 11 -15.75 7.21 29.89
N ARG L 12 -15.33 5.98 29.64
CA ARG L 12 -15.21 5.52 28.30
C ARG L 12 -16.54 5.29 27.71
N THR L 13 -17.50 5.07 28.55
CA THR L 13 -18.85 4.84 28.14
C THR L 13 -19.42 6.07 27.81
N LEU L 14 -19.09 7.05 28.58
CA LEU L 14 -19.65 8.38 28.40
C LEU L 14 -19.06 9.07 27.18
N VAL L 15 -17.76 8.90 26.94
CA VAL L 15 -17.12 9.42 25.74
C VAL L 15 -17.71 8.75 24.51
N ALA L 16 -17.87 7.42 24.55
CA ALA L 16 -18.44 6.71 23.42
C ALA L 16 -19.88 7.14 23.16
N LEU L 17 -20.66 7.32 24.24
CA LEU L 17 -22.04 7.77 24.09
C LEU L 17 -22.11 9.15 23.47
N PHE L 18 -21.27 10.08 23.94
CA PHE L 18 -21.28 11.42 23.38
C PHE L 18 -20.85 11.42 21.91
N GLY L 19 -19.83 10.63 21.58
CA GLY L 19 -19.40 10.54 20.19
C GLY L 19 -20.45 9.94 19.28
N PHE L 20 -21.08 8.85 19.71
CA PHE L 20 -22.14 8.24 18.91
C PHE L 20 -23.34 9.15 18.77
N LEU L 21 -23.70 9.88 19.85
CA LEU L 21 -24.81 10.82 19.75
C LEU L 21 -24.49 11.96 18.78
N PHE L 22 -23.26 12.47 18.82
CA PHE L 22 -22.89 13.53 17.89
C PHE L 22 -22.91 13.04 16.45
N VAL L 23 -22.37 11.85 16.20
CA VAL L 23 -22.36 11.30 14.85
C VAL L 23 -23.78 11.00 14.38
N LEU L 24 -24.64 10.53 15.29
CA LEU L 24 -26.03 10.27 14.94
C LEU L 24 -26.76 11.57 14.58
N GLY L 25 -26.54 12.63 15.37
CA GLY L 25 -27.14 13.91 15.03
C GLY L 25 -26.66 14.44 13.69
N LEU L 26 -25.36 14.32 13.43
CA LEU L 26 -24.84 14.72 12.12
C LEU L 26 -25.47 13.91 11.00
N LEU L 27 -25.61 12.60 11.20
CA LEU L 27 -26.20 11.74 10.18
C LEU L 27 -27.65 12.10 9.92
N ILE L 28 -28.43 12.33 10.98
CA ILE L 28 -29.84 12.68 10.80
C ILE L 28 -29.97 14.03 10.10
N HIS L 29 -29.13 15.02 10.49
CA HIS L 29 -29.19 16.32 9.83
C HIS L 29 -28.77 16.24 8.38
N PHE L 30 -27.83 15.35 8.05
CA PHE L 30 -27.39 15.21 6.67
C PHE L 30 -28.42 14.46 5.82
N ILE L 31 -29.15 13.51 6.43
CA ILE L 31 -30.19 12.80 5.70
C ILE L 31 -31.33 13.75 5.37
N LEU L 32 -31.67 14.66 6.29
CA LEU L 32 -32.75 15.62 6.02
C LEU L 32 -32.32 16.67 5.01
N LEU L 33 -31.03 17.00 4.94
CA LEU L 33 -30.56 17.90 3.91
C LEU L 33 -30.61 17.26 2.53
N SER L 34 -30.35 15.95 2.46
CA SER L 34 -30.42 15.22 1.21
C SER L 34 -31.84 14.94 0.76
N SER L 35 -32.83 15.15 1.62
CA SER L 35 -34.22 14.97 1.26
C SER L 35 -34.81 16.32 0.89
N PRO L 36 -35.23 16.53 -0.35
CA PRO L 36 -35.72 17.85 -0.76
C PRO L 36 -36.91 18.35 0.04
N ALA L 37 -37.77 17.44 0.52
CA ALA L 37 -38.97 17.88 1.25
C ALA L 37 -38.62 18.43 2.62
N PHE L 38 -37.47 18.05 3.18
CA PHE L 38 -37.09 18.45 4.53
C PHE L 38 -35.80 19.26 4.56
N ASN L 39 -35.26 19.62 3.41
CA ASN L 39 -34.11 20.52 3.37
C ASN L 39 -34.58 21.93 3.68
N TRP L 40 -34.09 22.49 4.79
CA TRP L 40 -34.50 23.81 5.25
C TRP L 40 -33.59 24.92 4.77
N LEU L 41 -32.47 24.59 4.12
CA LEU L 41 -31.53 25.59 3.63
C LEU L 41 -31.75 25.92 2.17
N SER L 42 -32.76 25.35 1.54
CA SER L 42 -33.15 25.70 0.18
C SER L 42 -34.42 26.54 0.26
N GLY L 43 -34.37 27.73 -0.32
CA GLY L 43 -35.51 28.64 -0.29
C GLY L 43 -35.60 29.43 1.00
N SER M 5 -11.54 11.90 41.57
CA SER M 5 -12.04 10.55 41.81
C SER M 5 -11.46 9.55 40.82
N MET M 6 -11.34 9.97 39.56
CA MET M 6 -10.89 9.06 38.52
C MET M 6 -9.70 9.61 37.75
N THR M 7 -9.68 10.92 37.51
CA THR M 7 -8.61 11.53 36.72
C THR M 7 -7.54 12.19 37.58
N GLY M 8 -7.83 12.52 38.83
CA GLY M 8 -6.84 13.12 39.70
C GLY M 8 -7.29 14.39 40.38
N LEU M 9 -8.24 15.09 39.77
CA LEU M 9 -8.73 16.35 40.34
C LEU M 9 -9.52 16.08 41.61
N THR M 10 -9.35 16.96 42.60
CA THR M 10 -10.14 16.90 43.82
C THR M 10 -11.48 17.57 43.56
N GLU M 11 -12.33 17.66 44.58
CA GLU M 11 -13.61 18.34 44.43
C GLU M 11 -13.47 19.86 44.43
N GLN M 12 -12.38 20.40 44.97
CA GLN M 12 -12.16 21.83 44.92
C GLN M 12 -11.56 22.28 43.60
N GLU M 13 -10.66 21.49 43.02
CA GLU M 13 -10.15 21.78 41.68
C GLU M 13 -11.21 21.54 40.60
N ALA M 14 -12.08 20.55 40.79
CA ALA M 14 -13.17 20.31 39.85
C ALA M 14 -14.25 21.37 39.96
N GLN M 15 -14.54 21.88 41.15
CA GLN M 15 -15.47 22.99 41.29
C GLN M 15 -14.86 24.29 40.81
N GLU M 16 -13.55 24.45 40.96
CA GLU M 16 -12.89 25.64 40.42
C GLU M 16 -12.86 25.61 38.91
N PHE M 17 -12.59 24.44 38.31
CA PHE M 17 -12.66 24.32 36.86
C PHE M 17 -14.09 24.43 36.35
N HIS M 18 -15.06 23.91 37.10
CA HIS M 18 -16.44 23.92 36.63
C HIS M 18 -16.99 25.33 36.54
N GLY M 19 -16.65 26.19 37.50
CA GLY M 19 -17.15 27.56 37.45
C GLY M 19 -16.64 28.32 36.24
N ILE M 20 -15.34 28.23 35.98
CA ILE M 20 -14.76 28.91 34.83
C ILE M 20 -15.26 28.30 33.53
N PHE M 21 -15.39 26.97 33.51
CA PHE M 21 -15.92 26.31 32.32
C PHE M 21 -17.34 26.77 32.02
N VAL M 22 -18.19 26.85 33.05
CA VAL M 22 -19.57 27.26 32.85
C VAL M 22 -19.64 28.73 32.43
N GLN M 23 -18.80 29.58 33.02
CA GLN M 23 -18.80 30.98 32.61
C GLN M 23 -18.37 31.13 31.16
N SER M 24 -17.31 30.43 30.76
CA SER M 24 -16.85 30.51 29.38
C SER M 24 -17.88 29.96 28.41
N MET M 25 -18.52 28.84 28.77
CA MET M 25 -19.54 28.26 27.92
C MET M 25 -20.77 29.16 27.82
N THR M 26 -21.11 29.84 28.91
CA THR M 26 -22.23 30.79 28.87
C THR M 26 -21.90 31.99 27.99
N ALA M 27 -20.68 32.50 28.07
CA ALA M 27 -20.29 33.60 27.18
C ALA M 27 -20.32 33.15 25.72
N PHE M 28 -19.82 31.95 25.45
CA PHE M 28 -19.84 31.40 24.09
C PHE M 28 -21.28 31.26 23.59
N PHE M 29 -22.17 30.74 24.43
CA PHE M 29 -23.56 30.57 24.03
C PHE M 29 -24.28 31.90 23.84
N GLY M 30 -23.95 32.91 24.65
CA GLY M 30 -24.53 34.22 24.45
C GLY M 30 -24.09 34.85 23.13
N ILE M 31 -22.81 34.74 22.81
CA ILE M 31 -22.33 35.23 21.53
C ILE M 31 -22.99 34.48 20.38
N VAL M 32 -23.15 33.16 20.54
CA VAL M 32 -23.81 32.35 19.53
C VAL M 32 -25.26 32.79 19.34
N VAL M 33 -25.96 33.07 20.45
CA VAL M 33 -27.35 33.49 20.37
C VAL M 33 -27.47 34.83 19.66
N ILE M 34 -26.57 35.78 19.98
CA ILE M 34 -26.60 37.07 19.29
C ILE M 34 -26.34 36.89 17.81
N ALA M 35 -25.36 36.04 17.46
CA ALA M 35 -25.08 35.77 16.05
C ALA M 35 -26.27 35.14 15.34
N HIS M 36 -26.99 34.25 16.02
CA HIS M 36 -28.14 33.60 15.39
C HIS M 36 -29.32 34.53 15.26
N ILE M 37 -29.50 35.45 16.20
CA ILE M 37 -30.51 36.49 16.03
C ILE M 37 -30.16 37.36 14.82
N LEU M 38 -28.90 37.74 14.70
CA LEU M 38 -28.49 38.53 13.54
C LEU M 38 -28.71 37.78 12.24
N ALA M 39 -28.41 36.48 12.23
CA ALA M 39 -28.63 35.67 11.04
C ALA M 39 -30.11 35.56 10.69
N TRP M 40 -30.97 35.41 11.71
CA TRP M 40 -32.40 35.34 11.45
C TRP M 40 -32.94 36.64 10.88
N LEU M 41 -32.50 37.78 11.43
CA LEU M 41 -32.86 39.07 10.82
C LEU M 41 -32.25 39.24 9.45
N TRP M 42 -31.16 38.54 9.14
CA TRP M 42 -30.57 38.63 7.82
C TRP M 42 -31.26 37.69 6.83
N ARG M 43 -31.47 36.43 7.21
CA ARG M 43 -32.09 35.44 6.33
C ARG M 43 -32.74 34.37 7.20
N PRO M 44 -34.04 34.48 7.49
CA PRO M 44 -34.72 33.41 8.20
C PRO M 44 -34.71 32.12 7.40
N TRP M 45 -34.53 31.00 8.09
CA TRP M 45 -34.45 29.69 7.46
C TRP M 45 -35.66 28.81 7.73
N LEU M 46 -36.63 29.29 8.49
CA LEU M 46 -37.82 28.50 8.78
C LEU M 46 -39.08 29.26 8.42
N MET N 1 -22.62 18.17 39.38
CA MET N 1 -22.31 18.15 37.96
C MET N 1 -20.82 18.44 37.73
N HIS N 2 -20.20 19.14 38.68
CA HIS N 2 -18.78 19.43 38.60
C HIS N 2 -17.93 18.16 38.66
N LYS N 3 -18.46 17.07 39.21
CA LYS N 3 -17.71 15.85 39.38
C LYS N 3 -17.29 15.22 38.06
N ILE N 4 -17.88 15.67 36.95
CA ILE N 4 -17.43 15.23 35.64
C ILE N 4 -15.95 15.54 35.44
N TRP N 5 -15.44 16.51 36.19
CA TRP N 5 -14.03 16.93 35.97
C TRP N 5 -13.14 15.98 36.76
N GLN N 6 -13.74 15.11 37.57
CA GLN N 6 -12.98 14.05 38.29
C GLN N 6 -13.02 12.80 37.42
N ILE N 7 -13.83 12.78 36.36
CA ILE N 7 -13.95 11.65 35.40
C ILE N 7 -13.21 12.04 34.12
N PHE N 8 -13.51 13.24 33.59
CA PHE N 8 -12.91 13.75 32.33
C PHE N 8 -11.78 14.74 32.65
N ASP N 9 -10.68 14.70 31.90
CA ASP N 9 -9.50 15.57 32.16
C ASP N 9 -9.79 17.00 31.74
N PRO N 10 -9.66 18.04 32.60
CA PRO N 10 -9.83 19.42 32.16
C PRO N 10 -9.17 19.76 30.82
N ARG N 11 -8.00 19.19 30.47
CA ARG N 11 -7.26 19.63 29.26
C ARG N 11 -7.58 18.81 28.01
N ARG N 12 -7.63 17.50 28.11
CA ARG N 12 -7.88 16.71 26.93
C ARG N 12 -9.27 16.85 26.50
N THR N 13 -10.13 17.14 27.43
CA THR N 13 -11.53 17.26 27.17
C THR N 13 -11.70 18.49 26.54
N LEU N 14 -11.02 19.47 27.05
CA LEU N 14 -11.16 20.84 26.56
C LEU N 14 -10.56 20.99 25.15
N VAL N 15 -9.43 20.33 24.90
CA VAL N 15 -8.85 20.32 23.56
C VAL N 15 -9.79 19.65 22.57
N ALA N 16 -10.36 18.50 22.95
CA ALA N 16 -11.30 17.82 22.07
C ALA N 16 -12.53 18.67 21.84
N LEU N 17 -13.04 19.32 22.88
CA LEU N 17 -14.22 20.17 22.73
C LEU N 17 -13.95 21.32 21.78
N PHE N 18 -12.79 21.98 21.93
CA PHE N 18 -12.46 23.08 21.04
C PHE N 18 -12.27 22.60 19.61
N GLY N 19 -11.64 21.45 19.42
CA GLY N 19 -11.45 20.92 18.08
C GLY N 19 -12.77 20.56 17.39
N PHE N 20 -13.65 19.87 18.11
CA PHE N 20 -14.95 19.54 17.53
C PHE N 20 -15.80 20.78 17.31
N LEU N 21 -15.71 21.77 18.19
CA LEU N 21 -16.46 23.01 17.96
C LEU N 21 -15.95 23.73 16.71
N PHE N 22 -14.64 23.78 16.52
CA PHE N 22 -14.08 24.41 15.33
C PHE N 22 -14.49 23.65 14.06
N VAL N 23 -14.43 22.32 14.09
CA VAL N 23 -14.80 21.53 12.93
C VAL N 23 -16.30 21.66 12.65
N LEU N 24 -17.11 21.76 13.71
CA LEU N 24 -18.55 21.96 13.54
C LEU N 24 -18.86 23.31 12.92
N GLY N 25 -18.18 24.36 13.38
CA GLY N 25 -18.37 25.67 12.77
C GLY N 25 -17.96 25.69 11.31
N LEU N 26 -16.81 25.07 11.00
CA LEU N 26 -16.38 24.97 9.61
C LEU N 26 -17.41 24.22 8.78
N LEU N 27 -17.95 23.12 9.31
CA LEU N 27 -18.93 22.34 8.58
C LEU N 27 -20.20 23.13 8.32
N ILE N 28 -20.70 23.82 9.35
CA ILE N 28 -21.93 24.59 9.18
C ILE N 28 -21.73 25.72 8.19
N HIS N 29 -20.57 26.39 8.24
CA HIS N 29 -20.29 27.45 7.28
C HIS N 29 -20.17 26.90 5.86
N PHE N 30 -19.55 25.73 5.70
CA PHE N 30 -19.40 25.14 4.39
C PHE N 30 -20.73 24.67 3.81
N ILE N 31 -21.61 24.17 4.68
CA ILE N 31 -22.94 23.74 4.22
C ILE N 31 -23.75 24.93 3.73
N LEU N 32 -23.67 26.07 4.43
CA LEU N 32 -24.38 27.26 4.00
C LEU N 32 -23.79 27.85 2.72
N LEU N 33 -22.49 27.63 2.48
CA LEU N 33 -21.91 28.06 1.22
C LEU N 33 -22.34 27.16 0.07
N SER N 34 -22.61 25.89 0.35
CA SER N 34 -23.11 24.96 -0.66
C SER N 34 -24.59 25.14 -0.94
N SER N 35 -25.30 25.91 -0.12
CA SER N 35 -26.70 26.18 -0.36
C SER N 35 -26.84 27.53 -1.05
N PRO N 36 -27.37 27.59 -2.27
CA PRO N 36 -27.47 28.88 -2.97
C PRO N 36 -28.30 29.91 -2.23
N ALA N 37 -29.33 29.48 -1.48
CA ALA N 37 -30.18 30.43 -0.78
C ALA N 37 -29.48 31.10 0.40
N PHE N 38 -28.42 30.50 0.92
CA PHE N 38 -27.73 31.02 2.09
C PHE N 38 -26.25 31.28 1.84
N ASN N 39 -25.80 31.24 0.59
CA ASN N 39 -24.44 31.62 0.25
C ASN N 39 -24.34 33.13 0.24
N TRP N 40 -23.58 33.70 1.16
CA TRP N 40 -23.44 35.14 1.29
C TRP N 40 -22.30 35.70 0.44
N LEU N 41 -21.50 34.85 -0.19
CA LEU N 41 -20.39 35.29 -1.00
C LEU N 41 -20.71 35.35 -2.48
N SER N 42 -21.96 35.07 -2.85
CA SER N 42 -22.43 35.20 -4.23
C SER N 42 -23.34 36.42 -4.28
N GLY N 43 -22.86 37.49 -4.90
CA GLY N 43 -23.61 38.73 -4.98
C GLY N 43 -23.09 39.82 -4.06
N SER O 5 -0.39 23.96 37.66
CA SER O 5 -1.19 22.83 38.11
C SER O 5 -0.70 21.53 37.50
N MET O 6 -0.82 21.41 36.18
CA MET O 6 -0.44 20.18 35.50
C MET O 6 0.66 20.36 34.47
N THR O 7 0.72 21.52 33.79
CA THR O 7 1.81 21.75 32.85
C THR O 7 3.12 22.06 33.57
N GLY O 8 3.06 22.87 34.61
CA GLY O 8 4.25 23.23 35.36
C GLY O 8 4.33 24.69 35.73
N LEU O 9 3.52 25.52 35.06
CA LEU O 9 3.52 26.95 35.32
C LEU O 9 2.86 27.25 36.65
N THR O 10 3.44 28.21 37.39
CA THR O 10 2.83 28.70 38.61
C THR O 10 1.80 29.76 38.27
N GLU O 11 1.14 30.32 39.28
CA GLU O 11 0.19 31.40 39.05
C GLU O 11 0.88 32.68 38.60
N GLN O 12 2.17 32.85 38.87
CA GLN O 12 2.87 34.04 38.42
C GLN O 12 3.40 33.89 37.00
N GLU O 13 3.87 32.70 36.63
CA GLU O 13 4.25 32.44 35.24
C GLU O 13 3.04 32.38 34.32
N ALA O 14 1.92 31.86 34.81
CA ALA O 14 0.69 31.82 34.03
C ALA O 14 0.06 33.20 33.89
N GLN O 15 0.16 34.05 34.91
CA GLN O 15 -0.32 35.42 34.80
C GLN O 15 0.60 36.27 33.96
N GLU O 16 1.91 35.99 33.99
CA GLU O 16 2.84 36.69 33.11
C GLU O 16 2.57 36.33 31.65
N PHE O 17 2.34 35.06 31.37
CA PHE O 17 2.02 34.65 30.01
C PHE O 17 0.64 35.12 29.59
N HIS O 18 -0.33 35.13 30.52
CA HIS O 18 -1.68 35.52 30.16
C HIS O 18 -1.76 36.98 29.77
N GLY O 19 -1.03 37.86 30.45
CA GLY O 19 -1.08 39.27 30.11
C GLY O 19 -0.54 39.54 28.72
N ILE O 20 0.62 38.95 28.40
CA ILE O 20 1.21 39.13 27.08
C ILE O 20 0.35 38.47 26.01
N PHE O 21 -0.21 37.30 26.32
CA PHE O 21 -1.11 36.63 25.39
C PHE O 21 -2.32 37.49 25.08
N VAL O 22 -2.92 38.10 26.11
CA VAL O 22 -4.11 38.92 25.90
C VAL O 22 -3.76 40.19 25.14
N GLN O 23 -2.61 40.80 25.45
CA GLN O 23 -2.19 41.98 24.70
C GLN O 23 -1.96 41.65 23.22
N SER O 24 -1.28 40.55 22.94
CA SER O 24 -1.03 40.16 21.56
C SER O 24 -2.32 39.82 20.84
N MET O 25 -3.23 39.12 21.52
CA MET O 25 -4.51 38.77 20.90
C MET O 25 -5.36 40.02 20.66
N THR O 26 -5.30 40.99 21.56
CA THR O 26 -6.02 42.25 21.35
C THR O 26 -5.45 43.02 20.17
N ALA O 27 -4.13 43.07 20.03
CA ALA O 27 -3.53 43.72 18.87
C ALA O 27 -3.93 43.01 17.58
N PHE O 28 -3.90 41.68 17.60
CA PHE O 28 -4.32 40.89 16.43
C PHE O 28 -5.77 41.17 16.08
N PHE O 29 -6.64 41.22 17.08
CA PHE O 29 -8.05 41.47 16.83
C PHE O 29 -8.30 42.90 16.36
N GLY O 30 -7.52 43.87 16.84
CA GLY O 30 -7.65 45.22 16.33
C GLY O 30 -7.25 45.33 14.87
N ILE O 31 -6.14 44.69 14.50
CA ILE O 31 -5.74 44.66 13.09
C ILE O 31 -6.81 43.96 12.26
N VAL O 32 -7.37 42.86 12.78
CA VAL O 32 -8.41 42.13 12.06
C VAL O 32 -9.65 43.00 11.87
N VAL O 33 -10.03 43.75 12.90
CA VAL O 33 -11.21 44.62 12.81
C VAL O 33 -10.98 45.72 11.79
N ILE O 34 -9.79 46.32 11.78
CA ILE O 34 -9.50 47.35 10.79
C ILE O 34 -9.55 46.77 9.37
N ALA O 35 -8.98 45.58 9.19
CA ALA O 35 -9.01 44.93 7.88
C ALA O 35 -10.44 44.62 7.46
N HIS O 36 -11.28 44.18 8.40
CA HIS O 36 -12.66 43.85 8.05
C HIS O 36 -13.47 45.09 7.74
N ILE O 37 -13.21 46.19 8.43
CA ILE O 37 -13.85 47.46 8.08
C ILE O 37 -13.44 47.89 6.68
N LEU O 38 -12.15 47.77 6.36
CA LEU O 38 -11.69 48.11 5.02
C LEU O 38 -12.36 47.21 3.97
N ALA O 39 -12.49 45.92 4.27
CA ALA O 39 -13.13 45.00 3.33
C ALA O 39 -14.61 45.33 3.14
N TRP O 40 -15.29 45.76 4.21
CA TRP O 40 -16.69 46.15 4.09
C TRP O 40 -16.83 47.42 3.25
N LEU O 41 -15.94 48.40 3.44
CA LEU O 41 -15.95 49.56 2.57
C LEU O 41 -15.56 49.20 1.13
N TRP O 42 -14.84 48.09 0.94
CA TRP O 42 -14.49 47.65 -0.39
C TRP O 42 -15.64 46.89 -1.05
N ARG O 43 -16.08 45.79 -0.42
CA ARG O 43 -17.18 44.97 -0.93
C ARG O 43 -18.01 44.46 0.24
N PRO O 44 -19.10 45.13 0.58
CA PRO O 44 -19.99 44.59 1.61
C PRO O 44 -20.58 43.25 1.19
N TRP O 45 -20.67 42.33 2.15
CA TRP O 45 -21.13 40.98 1.89
C TRP O 45 -22.50 40.68 2.46
N LEU O 46 -23.12 41.63 3.15
CA LEU O 46 -24.44 41.42 3.74
C LEU O 46 -25.43 42.46 3.24
N MET P 1 -8.85 33.26 34.70
CA MET P 1 -8.79 32.79 33.32
C MET P 1 -7.35 32.49 32.92
N HIS P 2 -6.40 33.10 33.63
CA HIS P 2 -4.99 32.83 33.38
C HIS P 2 -4.62 31.40 33.70
N LYS P 3 -5.38 30.74 34.58
CA LYS P 3 -5.05 29.39 35.01
C LYS P 3 -5.14 28.37 33.89
N ILE P 4 -5.72 28.74 32.75
CA ILE P 4 -5.70 27.87 31.57
C ILE P 4 -4.26 27.55 31.19
N TRP P 5 -3.32 28.37 31.63
CA TRP P 5 -1.91 28.19 31.20
C TRP P 5 -1.26 27.15 32.10
N GLN P 6 -1.93 26.81 33.21
CA GLN P 6 -1.46 25.71 34.09
C GLN P 6 -2.06 24.40 33.57
N ILE P 7 -3.00 24.46 32.62
CA ILE P 7 -3.67 23.28 32.02
C ILE P 7 -3.11 23.10 30.61
N PHE P 8 -3.00 24.19 29.85
CA PHE P 8 -2.53 24.16 28.44
C PHE P 8 -1.10 24.66 28.36
N ASP P 9 -0.21 23.91 27.70
CA ASP P 9 1.23 24.29 27.57
C ASP P 9 1.31 25.58 26.78
N PRO P 10 1.89 26.67 27.33
CA PRO P 10 2.06 27.90 26.56
C PRO P 10 2.63 27.75 25.15
N ARG P 11 3.61 26.88 24.89
CA ARG P 11 4.28 26.81 23.57
C ARG P 11 3.55 25.89 22.59
N ARG P 12 3.07 24.75 23.03
CA ARG P 12 2.38 23.85 22.14
C ARG P 12 1.03 24.34 21.81
N THR P 13 0.50 25.21 22.65
CA THR P 13 -0.83 25.79 22.49
C THR P 13 -0.70 26.87 21.61
N LEU P 14 0.38 27.56 21.75
CA LEU P 14 0.64 28.74 20.93
C LEU P 14 1.02 28.36 19.51
N VAL P 15 1.82 27.30 19.35
CA VAL P 15 2.16 26.80 18.02
C VAL P 15 0.91 26.30 17.30
N ALA P 16 0.07 25.53 18.01
CA ALA P 16 -1.16 25.03 17.40
C ALA P 16 -2.09 26.18 17.04
N LEU P 17 -2.20 27.18 17.91
CA LEU P 17 -3.04 28.34 17.62
C LEU P 17 -2.56 29.09 16.39
N PHE P 18 -1.24 29.30 16.29
CA PHE P 18 -0.70 30.00 15.14
C PHE P 18 -0.91 29.20 13.85
N GLY P 19 -0.70 27.89 13.92
CA GLY P 19 -0.91 27.06 12.74
C GLY P 19 -2.37 27.04 12.29
N PHE P 20 -3.30 26.90 13.25
CA PHE P 20 -4.71 26.91 12.91
C PHE P 20 -5.13 28.27 12.37
N LEU P 21 -4.61 29.36 12.94
CA LEU P 21 -4.95 30.69 12.44
C LEU P 21 -4.43 30.89 11.02
N PHE P 22 -3.21 30.42 10.74
CA PHE P 22 -2.68 30.53 9.38
C PHE P 22 -3.50 29.69 8.40
N VAL P 23 -3.86 28.47 8.78
CA VAL P 23 -4.67 27.63 7.90
C VAL P 23 -6.05 28.24 7.69
N LEU P 24 -6.62 28.83 8.74
CA LEU P 24 -7.92 29.50 8.62
C LEU P 24 -7.84 30.69 7.68
N GLY P 25 -6.79 31.50 7.79
CA GLY P 25 -6.61 32.62 6.87
C GLY P 25 -6.45 32.17 5.44
N LEU P 26 -5.64 31.12 5.22
CA LEU P 26 -5.51 30.56 3.88
C LEU P 26 -6.86 30.08 3.34
N LEU P 27 -7.63 29.39 4.19
CA LEU P 27 -8.93 28.87 3.77
C LEU P 27 -9.89 29.99 3.40
N ILE P 28 -9.95 31.02 4.24
CA ILE P 28 -10.88 32.12 3.97
C ILE P 28 -10.47 32.88 2.71
N HIS P 29 -9.17 33.08 2.52
CA HIS P 29 -8.70 33.76 1.31
C HIS P 29 -8.99 32.93 0.06
N PHE P 30 -8.81 31.61 0.15
CA PHE P 30 -9.10 30.75 -1.00
C PHE P 30 -10.60 30.71 -1.30
N ILE P 31 -11.43 30.71 -0.27
CA ILE P 31 -12.88 30.71 -0.47
C ILE P 31 -13.32 31.98 -1.18
N LEU P 32 -12.74 33.11 -0.78
CA LEU P 32 -13.07 34.38 -1.44
C LEU P 32 -12.51 34.45 -2.85
N LEU P 33 -11.44 33.70 -3.13
CA LEU P 33 -10.94 33.62 -4.50
C LEU P 33 -11.82 32.75 -5.38
N SER P 34 -12.41 31.70 -4.81
CA SER P 34 -13.32 30.83 -5.55
C SER P 34 -14.69 31.44 -5.77
N SER P 35 -15.00 32.55 -5.09
CA SER P 35 -16.27 33.23 -5.29
C SER P 35 -16.08 34.36 -6.27
N PRO P 36 -16.75 34.34 -7.43
CA PRO P 36 -16.51 35.40 -8.43
C PRO P 36 -16.81 36.80 -7.93
N ALA P 37 -17.79 36.96 -7.04
CA ALA P 37 -18.15 38.29 -6.57
C ALA P 37 -17.09 38.90 -5.67
N PHE P 38 -16.25 38.07 -5.04
CA PHE P 38 -15.24 38.56 -4.10
C PHE P 38 -13.82 38.22 -4.53
N ASN P 39 -13.63 37.71 -5.74
CA ASN P 39 -12.29 37.51 -6.26
C ASN P 39 -11.70 38.85 -6.68
N TRP P 40 -10.63 39.26 -6.01
CA TRP P 40 -9.99 40.55 -6.27
C TRP P 40 -8.88 40.46 -7.30
N LEU P 41 -8.54 39.27 -7.76
CA LEU P 41 -7.47 39.07 -8.73
C LEU P 41 -7.99 38.92 -10.15
N SER P 42 -9.28 39.12 -10.36
CA SER P 42 -9.89 39.12 -11.69
C SER P 42 -10.35 40.54 -11.98
N GLY P 43 -9.69 41.18 -12.94
CA GLY P 43 -10.02 42.55 -13.27
C GLY P 43 -9.07 43.57 -12.66
N SER Q 5 13.52 29.95 30.08
CA SER Q 5 12.45 29.50 30.97
C SER Q 5 11.90 28.14 30.53
N MET Q 6 11.81 27.94 29.22
CA MET Q 6 11.19 26.71 28.71
C MET Q 6 12.09 26.02 27.68
N THR Q 7 12.88 26.80 26.95
CA THR Q 7 13.80 26.25 25.95
C THR Q 7 15.23 26.17 26.45
N GLY Q 8 15.69 27.18 27.17
CA GLY Q 8 17.04 27.18 27.69
C GLY Q 8 17.70 28.55 27.63
N LEU Q 9 17.17 29.43 26.78
CA LEU Q 9 17.72 30.77 26.66
C LEU Q 9 17.44 31.57 27.94
N THR Q 10 18.46 32.31 28.39
CA THR Q 10 18.28 33.24 29.49
C THR Q 10 17.58 34.50 28.97
N GLU Q 11 17.32 35.43 29.88
CA GLU Q 11 16.66 36.67 29.47
C GLU Q 11 17.58 37.58 28.68
N GLN Q 12 18.89 37.53 28.93
CA GLN Q 12 19.83 38.32 28.14
C GLN Q 12 20.05 37.75 26.75
N GLU Q 13 20.08 36.42 26.61
CA GLU Q 13 20.17 35.81 25.30
C GLU Q 13 18.88 35.94 24.52
N ALA Q 14 17.73 35.98 25.20
CA ALA Q 14 16.46 36.20 24.53
C ALA Q 14 16.28 37.65 24.11
N GLN Q 15 16.77 38.60 24.89
CA GLN Q 15 16.77 40.00 24.47
C GLN Q 15 17.78 40.26 23.36
N GLU Q 16 18.87 39.50 23.34
CA GLU Q 16 19.84 39.62 22.25
C GLU Q 16 19.28 39.05 20.96
N PHE Q 17 18.62 37.89 21.04
CA PHE Q 17 17.98 37.34 19.85
C PHE Q 17 16.79 38.19 19.40
N HIS Q 18 16.05 38.75 20.35
CA HIS Q 18 14.86 39.50 19.98
C HIS Q 18 15.21 40.76 19.21
N GLY Q 19 16.28 41.46 19.60
CA GLY Q 19 16.66 42.66 18.89
C GLY Q 19 17.04 42.40 17.44
N ILE Q 20 17.86 41.37 17.21
CA ILE Q 20 18.25 41.03 15.86
C ILE Q 20 17.08 40.50 15.06
N PHE Q 21 16.21 39.71 15.71
CA PHE Q 21 15.01 39.21 15.05
C PHE Q 21 14.12 40.36 14.60
N VAL Q 22 13.93 41.36 15.47
CA VAL Q 22 13.06 42.48 15.13
C VAL Q 22 13.69 43.34 14.04
N GLN Q 23 15.02 43.53 14.09
CA GLN Q 23 15.68 44.28 13.04
C GLN Q 23 15.55 43.58 11.69
N SER Q 24 15.77 42.27 11.66
CA SER Q 24 15.66 41.51 10.42
C SER Q 24 14.24 41.52 9.90
N MET Q 25 13.26 41.35 10.79
CA MET Q 25 11.87 41.36 10.37
C MET Q 25 11.44 42.73 9.88
N THR Q 26 11.96 43.79 10.49
CA THR Q 26 11.66 45.15 10.03
C THR Q 26 12.26 45.41 8.65
N ALA Q 27 13.49 44.95 8.42
CA ALA Q 27 14.07 45.08 7.09
C ALA Q 27 13.27 44.30 6.05
N PHE Q 28 12.86 43.08 6.41
CA PHE Q 28 12.04 42.27 5.52
C PHE Q 28 10.72 42.97 5.21
N PHE Q 29 10.08 43.55 6.22
CA PHE Q 29 8.80 44.22 6.02
C PHE Q 29 8.97 45.50 5.21
N GLY Q 30 10.10 46.19 5.37
CA GLY Q 30 10.34 47.37 4.55
C GLY Q 30 10.52 47.02 3.09
N ILE Q 31 11.29 45.97 2.80
CA ILE Q 31 11.43 45.51 1.42
C ILE Q 31 10.08 45.06 0.88
N VAL Q 32 9.28 44.38 1.70
CA VAL Q 32 7.96 43.93 1.29
C VAL Q 32 7.06 45.10 0.96
N VAL Q 33 7.10 46.15 1.79
CA VAL Q 33 6.27 47.32 1.57
C VAL Q 33 6.68 48.03 0.29
N ILE Q 34 7.99 48.14 0.05
CA ILE Q 34 8.45 48.77 -1.19
C ILE Q 34 7.98 47.95 -2.39
N ALA Q 35 8.09 46.62 -2.31
CA ALA Q 35 7.65 45.76 -3.40
C ALA Q 35 6.15 45.90 -3.64
N HIS Q 36 5.35 46.00 -2.58
CA HIS Q 36 3.91 46.11 -2.74
C HIS Q 36 3.51 47.47 -3.28
N ILE Q 37 4.24 48.53 -2.92
CA ILE Q 37 4.01 49.83 -3.53
C ILE Q 37 4.31 49.77 -5.02
N LEU Q 38 5.40 49.11 -5.39
CA LEU Q 38 5.73 48.96 -6.81
C LEU Q 38 4.65 48.15 -7.54
N ALA Q 39 4.14 47.09 -6.90
CA ALA Q 39 3.09 46.29 -7.50
C ALA Q 39 1.80 47.08 -7.67
N TRP Q 40 1.46 47.92 -6.70
CA TRP Q 40 0.29 48.78 -6.85
C TRP Q 40 0.48 49.78 -7.97
N LEU Q 41 1.69 50.33 -8.10
CA LEU Q 41 1.98 51.21 -9.23
C LEU Q 41 1.90 50.47 -10.56
N TRP Q 42 2.19 49.17 -10.55
CA TRP Q 42 2.15 48.37 -11.77
C TRP Q 42 0.72 47.94 -12.10
N ARG Q 43 0.04 47.29 -11.16
CA ARG Q 43 -1.32 46.81 -11.36
C ARG Q 43 -2.06 46.88 -10.03
N PRO Q 44 -2.83 47.93 -9.79
CA PRO Q 44 -3.67 47.97 -8.59
C PRO Q 44 -4.71 46.88 -8.62
N TRP Q 45 -4.95 46.26 -7.46
CA TRP Q 45 -5.86 45.14 -7.35
C TRP Q 45 -7.16 45.48 -6.63
N LEU Q 46 -7.31 46.73 -6.19
CA LEU Q 46 -8.52 47.14 -5.49
C LEU Q 46 -9.16 48.35 -6.15
N MET R 1 8.14 40.96 25.40
CA MET R 1 7.81 40.21 24.19
C MET R 1 8.97 39.30 23.80
N HIS R 2 10.17 39.63 24.29
CA HIS R 2 11.34 38.81 24.03
C HIS R 2 11.24 37.44 24.69
N LYS R 3 10.40 37.31 25.73
CA LYS R 3 10.31 36.07 26.48
C LYS R 3 9.81 34.92 25.62
N ILE R 4 9.24 35.21 24.45
CA ILE R 4 8.83 34.16 23.52
C ILE R 4 10.01 33.29 23.15
N TRP R 5 11.23 33.81 23.26
CA TRP R 5 12.44 33.06 22.82
C TRP R 5 12.83 32.11 23.93
N GLN R 6 12.21 32.26 25.10
CA GLN R 6 12.41 31.30 26.22
C GLN R 6 11.35 30.20 26.10
N ILE R 7 10.34 30.37 25.26
CA ILE R 7 9.24 29.39 25.04
C ILE R 7 9.48 28.73 23.68
N PHE R 8 9.81 29.52 22.66
CA PHE R 8 10.04 29.03 21.29
C PHE R 8 11.53 28.98 21.00
N ASP R 9 12.04 27.87 20.46
CA ASP R 9 13.48 27.71 20.16
C ASP R 9 13.87 28.75 19.12
N PRO R 10 14.88 29.62 19.34
CA PRO R 10 15.31 30.54 18.30
C PRO R 10 15.57 29.92 16.91
N ARG R 11 15.90 28.63 16.80
CA ARG R 11 16.31 28.04 15.49
C ARG R 11 15.24 27.18 14.83
N ARG R 12 14.51 26.37 15.58
CA ARG R 12 13.44 25.60 15.01
C ARG R 12 12.32 26.46 14.62
N THR R 13 12.25 27.62 15.23
CA THR R 13 11.20 28.58 14.99
C THR R 13 11.57 29.30 13.84
N LEU R 14 12.82 29.61 13.78
CA LEU R 14 13.33 30.42 12.68
C LEU R 14 13.35 29.64 11.37
N VAL R 15 13.74 28.36 11.43
CA VAL R 15 13.69 27.50 10.25
C VAL R 15 12.25 27.33 9.77
N ALA R 16 11.33 27.09 10.70
CA ALA R 16 9.93 26.94 10.32
C ALA R 16 9.37 28.23 9.73
N LEU R 17 9.73 29.37 10.32
CA LEU R 17 9.28 30.65 9.80
C LEU R 17 9.81 30.90 8.39
N PHE R 18 11.08 30.61 8.16
CA PHE R 18 11.65 30.81 6.82
C PHE R 18 10.99 29.87 5.82
N GLY R 19 10.76 28.61 6.20
CA GLY R 19 10.10 27.69 5.29
C GLY R 19 8.69 28.09 4.96
N PHE R 20 7.92 28.48 5.97
CA PHE R 20 6.54 28.92 5.74
C PHE R 20 6.50 30.20 4.91
N LEU R 21 7.42 31.14 5.15
CA LEU R 21 7.46 32.35 4.35
C LEU R 21 7.80 32.04 2.90
N PHE R 22 8.75 31.14 2.67
CA PHE R 22 9.08 30.76 1.30
C PHE R 22 7.90 30.09 0.61
N VAL R 23 7.22 29.18 1.30
CA VAL R 23 6.07 28.50 0.72
C VAL R 23 4.94 29.50 0.47
N LEU R 24 4.76 30.47 1.36
CA LEU R 24 3.74 31.49 1.17
C LEU R 24 4.05 32.36 -0.05
N GLY R 25 5.31 32.75 -0.22
CA GLY R 25 5.68 33.51 -1.40
C GLY R 25 5.47 32.72 -2.68
N LEU R 26 5.85 31.44 -2.67
CA LEU R 26 5.59 30.58 -3.82
C LEU R 26 4.10 30.50 -4.12
N LEU R 27 3.28 30.33 -3.09
CA LEU R 27 1.84 30.20 -3.28
C LEU R 27 1.25 31.47 -3.85
N ILE R 28 1.65 32.63 -3.31
CA ILE R 28 1.09 33.89 -3.80
C ILE R 28 1.53 34.16 -5.23
N HIS R 29 2.79 33.84 -5.56
CA HIS R 29 3.24 34.02 -6.94
C HIS R 29 2.51 33.09 -7.90
N PHE R 30 2.27 31.84 -7.48
CA PHE R 30 1.54 30.90 -8.31
C PHE R 30 0.08 31.31 -8.49
N ILE R 31 -0.52 31.91 -7.46
CA ILE R 31 -1.90 32.37 -7.57
C ILE R 31 -2.00 33.54 -8.54
N LEU R 32 -1.05 34.48 -8.47
CA LEU R 32 -1.04 35.60 -9.41
C LEU R 32 -0.73 35.15 -10.83
N LEU R 33 -0.02 34.04 -11.00
CA LEU R 33 0.17 33.48 -12.33
C LEU R 33 -1.08 32.82 -12.87
N SER R 34 -1.88 32.20 -12.00
CA SER R 34 -3.13 31.58 -12.41
C SER R 34 -4.22 32.60 -12.72
N SER R 35 -4.05 33.85 -12.29
CA SER R 35 -5.02 34.90 -12.58
C SER R 35 -4.60 35.62 -13.85
N PRO R 36 -5.41 35.58 -14.92
CA PRO R 36 -5.00 36.25 -16.17
C PRO R 36 -4.76 37.73 -16.02
N ALA R 37 -5.47 38.41 -15.13
CA ALA R 37 -5.32 39.86 -14.99
C ALA R 37 -3.99 40.24 -14.35
N PHE R 38 -3.36 39.34 -13.59
CA PHE R 38 -2.13 39.64 -12.89
C PHE R 38 -0.97 38.72 -13.29
N ASN R 39 -1.14 37.94 -14.35
CA ASN R 39 -0.05 37.14 -14.89
C ASN R 39 0.88 38.05 -15.70
N TRP R 40 2.12 38.20 -15.22
CA TRP R 40 3.08 39.08 -15.85
C TRP R 40 3.94 38.39 -16.90
N LEU R 41 3.79 37.09 -17.07
CA LEU R 41 4.60 36.32 -18.01
C LEU R 41 3.89 36.07 -19.32
N SER R 42 2.73 36.66 -19.52
CA SER R 42 1.98 36.57 -20.77
C SER R 42 1.97 37.97 -21.39
N GLY R 43 2.80 38.17 -22.40
CA GLY R 43 2.92 39.47 -23.04
C GLY R 43 4.25 40.14 -22.79
N SER S 5 27.05 29.06 20.39
CA SER S 5 25.99 29.26 21.38
C SER S 5 24.96 28.14 21.34
N MET S 6 24.62 27.69 20.13
CA MET S 6 23.58 26.68 19.97
C MET S 6 24.08 25.49 19.15
N THR S 7 24.96 25.74 18.18
CA THR S 7 25.43 24.67 17.30
C THR S 7 26.87 24.26 17.58
N GLY S 8 27.68 25.10 18.23
CA GLY S 8 29.03 24.77 18.60
C GLY S 8 30.09 25.77 18.15
N LEU S 9 29.81 26.55 17.12
CA LEU S 9 30.79 27.52 16.65
C LEU S 9 30.97 28.64 17.67
N THR S 10 32.19 29.14 17.78
CA THR S 10 32.49 30.29 18.62
C THR S 10 32.19 31.56 17.81
N GLU S 11 32.49 32.73 18.39
CA GLU S 11 32.30 33.99 17.67
C GLU S 11 33.34 34.20 16.59
N GLN S 12 34.49 33.55 16.67
CA GLN S 12 35.52 33.70 15.65
C GLN S 12 35.30 32.77 14.47
N GLU S 13 34.82 31.55 14.72
CA GLU S 13 34.44 30.66 13.64
C GLU S 13 33.15 31.11 12.95
N ALA S 14 32.24 31.74 13.69
CA ALA S 14 31.02 32.28 13.11
C ALA S 14 31.25 33.56 12.34
N GLN S 15 32.19 34.41 12.79
CA GLN S 15 32.56 35.59 12.03
C GLN S 15 33.41 35.25 10.82
N GLU S 16 34.20 34.17 10.89
CA GLU S 16 34.98 33.75 9.73
C GLU S 16 34.09 33.10 8.68
N PHE S 17 33.11 32.30 9.11
CA PHE S 17 32.14 31.75 8.15
C PHE S 17 31.24 32.85 7.60
N HIS S 18 30.87 33.82 8.44
CA HIS S 18 29.95 34.85 7.98
C HIS S 18 30.57 35.72 6.90
N GLY S 19 31.86 36.05 7.01
CA GLY S 19 32.50 36.87 5.99
C GLY S 19 32.54 36.20 4.65
N ILE S 20 32.94 34.92 4.63
CA ILE S 20 32.98 34.17 3.37
C ILE S 20 31.58 33.94 2.83
N PHE S 21 30.62 33.68 3.72
CA PHE S 21 29.24 33.53 3.29
C PHE S 21 28.71 34.80 2.63
N VAL S 22 29.00 35.95 3.23
CA VAL S 22 28.51 37.21 2.70
C VAL S 22 29.21 37.53 1.37
N GLN S 23 30.51 37.24 1.27
CA GLN S 23 31.21 37.46 0.00
C GLN S 23 30.64 36.58 -1.10
N SER S 24 30.39 35.30 -0.80
CA SER S 24 29.84 34.40 -1.80
C SER S 24 28.42 34.81 -2.18
N MET S 25 27.61 35.22 -1.21
CA MET S 25 26.25 35.67 -1.49
C MET S 25 26.26 36.94 -2.33
N THR S 26 27.21 37.85 -2.06
CA THR S 26 27.32 39.06 -2.85
C THR S 26 27.74 38.77 -4.29
N ALA S 27 28.68 37.84 -4.47
CA ALA S 27 29.06 37.44 -5.83
C ALA S 27 27.89 36.80 -6.56
N PHE S 28 27.16 35.92 -5.87
CA PHE S 28 25.99 35.28 -6.45
C PHE S 28 24.95 36.32 -6.85
N PHE S 29 24.69 37.29 -5.99
CA PHE S 29 23.70 38.32 -6.29
C PHE S 29 24.16 39.24 -7.41
N GLY S 30 25.47 39.50 -7.51
CA GLY S 30 25.96 40.29 -8.63
C GLY S 30 25.80 39.58 -9.96
N ILE S 31 26.11 38.28 -9.99
CA ILE S 31 25.89 37.50 -11.20
C ILE S 31 24.39 37.46 -11.54
N VAL S 32 23.55 37.30 -10.53
CA VAL S 32 22.11 37.28 -10.73
C VAL S 32 21.61 38.61 -11.28
N VAL S 33 22.15 39.71 -10.77
CA VAL S 33 21.73 41.04 -11.24
C VAL S 33 22.15 41.25 -12.68
N ILE S 34 23.37 40.82 -13.03
CA ILE S 34 23.79 40.93 -14.43
C ILE S 34 22.89 40.09 -15.34
N ALA S 35 22.56 38.88 -14.90
CA ALA S 35 21.68 38.01 -15.69
C ALA S 35 20.30 38.64 -15.85
N HIS S 36 19.78 39.27 -14.80
CA HIS S 36 18.46 39.88 -14.87
C HIS S 36 18.45 41.13 -15.73
N ILE S 37 19.54 41.90 -15.71
CA ILE S 37 19.66 43.03 -16.63
C ILE S 37 19.68 42.53 -18.07
N LEU S 38 20.45 41.47 -18.33
CA LEU S 38 20.47 40.90 -19.68
C LEU S 38 19.10 40.40 -20.10
N ALA S 39 18.37 39.77 -19.17
CA ALA S 39 17.02 39.29 -19.47
C ALA S 39 16.08 40.45 -19.76
N TRP S 40 16.20 41.56 -19.03
CA TRP S 40 15.35 42.72 -19.30
C TRP S 40 15.65 43.33 -20.66
N LEU S 41 16.94 43.44 -21.01
CA LEU S 41 17.28 43.88 -22.36
C LEU S 41 16.82 42.88 -23.42
N TRP S 42 16.67 41.61 -23.05
CA TRP S 42 16.19 40.60 -23.99
C TRP S 42 14.67 40.66 -24.12
N ARG S 43 13.96 40.48 -23.01
CA ARG S 43 12.50 40.49 -23.00
C ARG S 43 12.02 41.12 -21.69
N PRO S 44 11.68 42.41 -21.69
CA PRO S 44 11.09 43.00 -20.50
C PRO S 44 9.76 42.36 -20.17
N TRP S 45 9.54 42.11 -18.87
CA TRP S 45 8.33 41.45 -18.41
C TRP S 45 7.35 42.38 -17.72
N LEU S 46 7.68 43.67 -17.60
CA LEU S 46 6.80 44.62 -16.95
C LEU S 46 6.53 45.82 -17.85
N MET T 1 25.01 39.79 13.36
CA MET T 1 24.30 38.98 12.39
C MET T 1 25.04 37.68 12.13
N HIS T 2 26.34 37.68 12.40
CA HIS T 2 27.15 36.48 12.27
C HIS T 2 26.74 35.41 13.26
N LYS T 3 26.11 35.79 14.38
CA LYS T 3 25.74 34.86 15.43
C LYS T 3 24.74 33.82 14.96
N ILE T 4 24.08 34.05 13.81
CA ILE T 4 23.20 33.04 13.23
C ILE T 4 23.96 31.75 12.98
N TRP T 5 25.29 31.82 12.89
CA TRP T 5 26.07 30.61 12.56
C TRP T 5 26.31 29.85 13.85
N GLN T 6 25.95 30.45 14.99
CA GLN T 6 26.02 29.76 16.30
C GLN T 6 24.65 29.14 16.57
N ILE T 7 23.65 29.43 15.74
CA ILE T 7 22.28 28.87 15.85
C ILE T 7 22.12 27.85 14.72
N PHE T 8 22.45 28.26 13.48
CA PHE T 8 22.32 27.40 12.27
C PHE T 8 23.65 26.74 11.94
N ASP T 9 23.64 25.45 11.62
CA ASP T 9 24.87 24.71 11.26
C ASP T 9 25.39 25.23 9.94
N PRO T 10 26.63 25.74 9.83
CA PRO T 10 27.18 26.14 8.55
C PRO T 10 26.97 25.15 7.39
N ARG T 11 27.10 23.83 7.59
CA ARG T 11 27.06 22.86 6.47
C ARG T 11 25.65 22.42 6.10
N ARG T 12 24.78 22.26 7.08
CA ARG T 12 23.41 21.86 6.80
C ARG T 12 22.63 23.00 6.29
N THR T 13 23.05 24.20 6.58
CA THR T 13 22.40 25.37 6.08
C THR T 13 22.83 25.48 4.71
N LEU T 14 24.11 25.38 4.44
CA LEU T 14 24.62 25.54 3.08
C LEU T 14 24.03 24.50 2.14
N VAL T 15 23.92 23.26 2.59
CA VAL T 15 23.33 22.20 1.76
C VAL T 15 21.87 22.51 1.47
N ALA T 16 21.11 22.88 2.50
CA ALA T 16 19.69 23.19 2.29
C ALA T 16 19.53 24.41 1.39
N LEU T 17 20.33 25.45 1.62
CA LEU T 17 20.24 26.66 0.81
C LEU T 17 20.58 26.37 -0.65
N PHE T 18 21.63 25.59 -0.89
CA PHE T 18 22.00 25.26 -2.26
C PHE T 18 20.92 24.41 -2.94
N GLY T 19 20.35 23.45 -2.20
CA GLY T 19 19.27 22.64 -2.77
C GLY T 19 18.04 23.46 -3.10
N PHE T 20 17.64 24.35 -2.19
CA PHE T 20 16.47 25.19 -2.44
C PHE T 20 16.74 26.18 -3.56
N LEU T 21 17.95 26.71 -3.66
CA LEU T 21 18.27 27.63 -4.75
C LEU T 21 18.27 26.90 -6.10
N PHE T 22 18.78 25.67 -6.13
CA PHE T 22 18.75 24.89 -7.36
C PHE T 22 17.31 24.56 -7.77
N VAL T 23 16.49 24.16 -6.81
CA VAL T 23 15.10 23.85 -7.12
C VAL T 23 14.35 25.11 -7.55
N LEU T 24 14.68 26.25 -6.94
CA LEU T 24 14.06 27.52 -7.34
C LEU T 24 14.46 27.90 -8.76
N GLY T 25 15.74 27.74 -9.12
CA GLY T 25 16.14 28.03 -10.48
C GLY T 25 15.47 27.11 -11.48
N LEU T 26 15.39 25.82 -11.16
CA LEU T 26 14.66 24.88 -12.01
C LEU T 26 13.20 25.30 -12.17
N LEU T 27 12.56 25.68 -11.06
CA LEU T 27 11.16 26.06 -11.11
C LEU T 27 10.94 27.30 -11.95
N ILE T 28 11.79 28.32 -11.79
CA ILE T 28 11.64 29.54 -12.55
C ILE T 28 11.89 29.28 -14.03
N HIS T 29 12.90 28.49 -14.37
CA HIS T 29 13.16 28.19 -15.77
C HIS T 29 12.01 27.39 -16.38
N PHE T 30 11.43 26.45 -15.62
CA PHE T 30 10.31 25.68 -16.13
C PHE T 30 9.07 26.53 -16.30
N ILE T 31 8.85 27.49 -15.41
CA ILE T 31 7.70 28.38 -15.51
C ILE T 31 7.83 29.26 -16.75
N LEU T 32 9.03 29.76 -17.02
CA LEU T 32 9.25 30.57 -18.22
C LEU T 32 9.17 29.74 -19.49
N LEU T 33 9.49 28.45 -19.43
CA LEU T 33 9.28 27.57 -20.58
C LEU T 33 7.80 27.33 -20.84
N SER T 34 6.99 27.25 -19.79
CA SER T 34 5.56 27.04 -19.92
C SER T 34 4.82 28.30 -20.36
N SER T 35 5.48 29.46 -20.34
CA SER T 35 4.88 30.68 -20.82
C SER T 35 5.30 30.94 -22.26
N PRO T 36 4.39 30.95 -23.22
CA PRO T 36 4.80 31.13 -24.63
C PRO T 36 5.53 32.43 -24.89
N ALA T 37 5.19 33.50 -24.17
CA ALA T 37 5.85 34.78 -24.39
C ALA T 37 7.31 34.79 -23.97
N PHE T 38 7.70 33.88 -23.08
CA PHE T 38 9.06 33.86 -22.54
C PHE T 38 9.76 32.52 -22.77
N ASN T 39 9.24 31.67 -23.65
CA ASN T 39 9.93 30.45 -24.03
C ASN T 39 10.96 30.78 -25.09
N TRP T 40 12.23 30.59 -24.75
CA TRP T 40 13.33 30.89 -25.66
C TRP T 40 13.72 29.71 -26.53
N LEU T 41 13.14 28.54 -26.30
CA LEU T 41 13.46 27.34 -27.06
C LEU T 41 12.49 27.08 -28.20
N SER T 42 11.53 27.97 -28.42
CA SER T 42 10.62 27.90 -29.54
C SER T 42 11.00 29.03 -30.50
N GLY T 43 11.59 28.66 -31.64
CA GLY T 43 12.03 29.64 -32.62
C GLY T 43 13.53 29.77 -32.69
N SER U 5 38.03 20.84 10.01
CA SER U 5 37.39 21.57 11.11
C SER U 5 36.09 20.90 11.53
N MET U 6 35.36 20.35 10.56
CA MET U 6 34.05 19.78 10.85
C MET U 6 33.92 18.38 10.27
N THR U 7 34.66 18.10 9.19
CA THR U 7 34.67 16.77 8.58
C THR U 7 35.89 15.96 8.99
N GLY U 8 37.05 16.60 9.07
CA GLY U 8 38.28 15.91 9.45
C GLY U 8 39.47 16.37 8.65
N LEU U 9 39.22 16.99 7.50
CA LEU U 9 40.30 17.49 6.67
C LEU U 9 40.99 18.67 7.34
N THR U 10 42.32 18.67 7.28
CA THR U 10 43.09 19.81 7.75
C THR U 10 43.08 20.91 6.69
N GLU U 11 43.76 22.01 6.98
CA GLU U 11 43.85 23.09 6.00
C GLU U 11 44.80 22.76 4.86
N GLN U 12 45.71 21.82 5.05
CA GLN U 12 46.58 21.39 3.95
C GLN U 12 45.93 20.35 3.07
N GLU U 13 45.14 19.44 3.65
CA GLU U 13 44.36 18.51 2.85
C GLU U 13 43.22 19.20 2.12
N ALA U 14 42.62 20.24 2.73
CA ALA U 14 41.60 21.03 2.07
C ALA U 14 42.16 21.90 0.96
N GLN U 15 43.36 22.46 1.15
CA GLN U 15 43.99 23.22 0.07
C GLN U 15 44.49 22.32 -1.03
N GLU U 16 44.84 21.07 -0.70
CA GLU U 16 45.20 20.11 -1.74
C GLU U 16 43.99 19.68 -2.55
N PHE U 17 42.87 19.43 -1.88
CA PHE U 17 41.65 19.08 -2.60
C PHE U 17 41.07 20.28 -3.34
N HIS U 18 41.19 21.48 -2.77
CA HIS U 18 40.61 22.65 -3.41
C HIS U 18 41.31 22.98 -4.72
N GLY U 19 42.63 22.84 -4.77
CA GLY U 19 43.34 23.14 -6.00
C GLY U 19 42.96 22.22 -7.14
N ILE U 20 42.91 20.91 -6.85
CA ILE U 20 42.54 19.94 -7.88
C ILE U 20 41.07 20.11 -8.25
N PHE U 21 40.22 20.40 -7.27
CA PHE U 21 38.81 20.66 -7.55
C PHE U 21 38.65 21.86 -8.47
N VAL U 22 39.39 22.94 -8.22
CA VAL U 22 39.27 24.13 -9.05
C VAL U 22 39.81 23.87 -10.44
N GLN U 23 40.91 23.12 -10.55
CA GLN U 23 41.43 22.78 -11.88
C GLN U 23 40.44 21.94 -12.67
N SER U 24 39.85 20.93 -12.03
CA SER U 24 38.89 20.07 -12.71
C SER U 24 37.64 20.85 -13.11
N MET U 25 37.16 21.72 -12.22
CA MET U 25 36.00 22.53 -12.52
C MET U 25 36.28 23.52 -13.64
N THR U 26 37.50 24.08 -13.68
CA THR U 26 37.87 24.98 -14.75
C THR U 26 37.95 24.26 -16.09
N ALA U 27 38.50 23.04 -16.10
CA ALA U 27 38.51 22.25 -17.34
C ALA U 27 37.10 21.92 -17.78
N PHE U 28 36.23 21.54 -16.84
CA PHE U 28 34.85 21.25 -17.17
C PHE U 28 34.15 22.48 -17.74
N PHE U 29 34.39 23.65 -17.14
CA PHE U 29 33.75 24.87 -17.63
C PHE U 29 34.31 25.29 -18.97
N GLY U 30 35.59 25.04 -19.24
CA GLY U 30 36.13 25.33 -20.56
C GLY U 30 35.51 24.46 -21.64
N ILE U 31 35.36 23.16 -21.35
CA ILE U 31 34.67 22.27 -22.29
C ILE U 31 33.24 22.72 -22.49
N VAL U 32 32.56 23.10 -21.41
CA VAL U 32 31.18 23.57 -21.49
C VAL U 32 31.08 24.83 -22.34
N VAL U 33 32.01 25.76 -22.17
CA VAL U 33 32.01 27.00 -22.93
C VAL U 33 32.23 26.73 -24.41
N ILE U 34 33.17 25.85 -24.73
CA ILE U 34 33.40 25.50 -26.14
C ILE U 34 32.15 24.85 -26.73
N ALA U 35 31.52 23.94 -25.99
CA ALA U 35 30.30 23.30 -26.47
C ALA U 35 29.19 24.32 -26.69
N HIS U 36 29.07 25.30 -25.79
CA HIS U 36 28.03 26.30 -25.94
C HIS U 36 28.30 27.26 -27.10
N ILE U 37 29.57 27.58 -27.35
CA ILE U 37 29.91 28.36 -28.53
C ILE U 37 29.55 27.59 -29.80
N LEU U 38 29.85 26.29 -29.83
CA LEU U 38 29.49 25.47 -30.98
C LEU U 38 27.97 25.40 -31.15
N ALA U 39 27.23 25.29 -30.04
CA ALA U 39 25.77 25.26 -30.11
C ALA U 39 25.22 26.57 -30.63
N TRP U 40 25.77 27.70 -30.19
CA TRP U 40 25.32 29.00 -30.69
C TRP U 40 25.64 29.15 -32.17
N LEU U 41 26.78 28.63 -32.61
CA LEU U 41 27.09 28.61 -34.04
C LEU U 41 26.12 27.72 -34.81
N TRP U 42 25.62 26.67 -34.15
CA TRP U 42 24.69 25.75 -34.79
C TRP U 42 23.27 26.31 -34.81
N ARG U 43 22.72 26.64 -33.64
CA ARG U 43 21.38 27.19 -33.51
C ARG U 43 21.37 28.21 -32.39
N PRO U 44 21.50 29.50 -32.70
CA PRO U 44 21.33 30.53 -31.67
C PRO U 44 19.93 30.51 -31.09
N TRP U 45 19.83 30.72 -29.78
CA TRP U 45 18.56 30.66 -29.08
C TRP U 45 18.09 32.00 -28.58
N LEU U 46 18.83 33.07 -28.82
CA LEU U 46 18.44 34.40 -28.38
C LEU U 46 18.38 35.37 -29.55
N MET V 1 38.56 30.05 0.82
CA MET V 1 37.44 29.38 0.16
C MET V 1 37.64 27.87 0.19
N HIS V 2 38.88 27.44 0.37
CA HIS V 2 39.17 26.01 0.51
C HIS V 2 38.56 25.43 1.78
N LYS V 3 38.27 26.27 2.77
CA LYS V 3 37.76 25.80 4.04
C LYS V 3 36.39 25.16 3.93
N ILE V 4 35.71 25.31 2.79
CA ILE V 4 34.46 24.61 2.55
C ILE V 4 34.68 23.11 2.63
N TRP V 5 35.92 22.66 2.42
CA TRP V 5 36.23 21.21 2.40
C TRP V 5 36.43 20.72 3.83
N GLN V 6 36.46 21.64 4.79
CA GLN V 6 36.50 21.27 6.22
C GLN V 6 35.05 21.21 6.72
N ILE V 7 34.10 21.77 5.96
CA ILE V 7 32.65 21.77 6.29
C ILE V 7 31.98 20.68 5.47
N PHE V 8 32.33 20.57 4.18
CA PHE V 8 31.72 19.60 3.23
C PHE V 8 32.70 18.46 2.95
N ASP V 9 32.22 17.20 3.00
CA ASP V 9 33.08 16.02 2.76
C ASP V 9 33.54 16.02 1.31
N PRO V 10 34.85 16.00 0.99
CA PRO V 10 35.28 15.90 -0.40
C PRO V 10 34.60 14.82 -1.26
N ARG V 11 34.15 13.69 -0.71
CA ARG V 11 33.62 12.56 -1.53
C ARG V 11 32.10 12.56 -1.63
N ARG V 12 31.37 12.76 -0.55
CA ARG V 12 29.95 12.80 -0.61
C ARG V 12 29.44 13.96 -1.33
N THR V 13 30.28 14.95 -1.43
CA THR V 13 29.93 16.21 -2.04
C THR V 13 30.20 16.09 -3.38
N LEU V 14 31.25 15.42 -3.64
CA LEU V 14 31.68 15.23 -5.02
C LEU V 14 30.78 14.25 -5.76
N VAL V 15 30.35 13.18 -5.08
CA VAL V 15 29.40 12.25 -5.67
C VAL V 15 28.07 12.95 -5.94
N ALA V 16 27.60 13.75 -4.98
CA ALA V 16 26.35 14.48 -5.17
C ALA V 16 26.48 15.49 -6.31
N LEU V 17 27.61 16.18 -6.40
CA LEU V 17 27.83 17.14 -7.47
C LEU V 17 27.82 16.44 -8.83
N PHE V 18 28.52 15.31 -8.94
CA PHE V 18 28.56 14.58 -10.21
C PHE V 18 27.17 14.07 -10.59
N GLY V 19 26.42 13.54 -9.62
CA GLY V 19 25.09 13.05 -9.91
C GLY V 19 24.14 14.16 -10.33
N PHE V 20 24.20 15.31 -9.63
CA PHE V 20 23.35 16.44 -10.00
C PHE V 20 23.73 17.00 -11.36
N LEU V 21 25.03 17.04 -11.67
CA LEU V 21 25.45 17.51 -12.99
C LEU V 21 24.98 16.56 -14.08
N PHE V 22 25.06 15.26 -13.85
CA PHE V 22 24.57 14.30 -14.83
C PHE V 22 23.08 14.42 -15.04
N VAL V 23 22.31 14.54 -13.95
CA VAL V 23 20.86 14.68 -14.07
C VAL V 23 20.50 16.00 -14.75
N LEU V 24 21.27 17.07 -14.47
CA LEU V 24 21.02 18.34 -15.12
C LEU V 24 21.30 18.26 -16.62
N GLY V 25 22.39 17.60 -17.01
CA GLY V 25 22.66 17.44 -18.43
C GLY V 25 21.60 16.60 -19.13
N LEU V 26 21.14 15.53 -18.48
CA LEU V 26 20.05 14.73 -19.02
C LEU V 26 18.79 15.57 -19.18
N LEU V 27 18.47 16.38 -18.18
CA LEU V 27 17.28 17.23 -18.23
C LEU V 27 17.36 18.24 -19.35
N ILE V 28 18.52 18.89 -19.51
CA ILE V 28 18.65 19.91 -20.55
C ILE V 28 18.60 19.26 -21.93
N HIS V 29 19.22 18.09 -22.09
CA HIS V 29 19.16 17.41 -23.38
C HIS V 29 17.74 16.94 -23.69
N PHE V 30 16.99 16.53 -22.67
CA PHE V 30 15.61 16.11 -22.90
C PHE V 30 14.71 17.29 -23.22
N ILE V 31 14.94 18.43 -22.57
CA ILE V 31 14.14 19.62 -22.84
C ILE V 31 14.36 20.11 -24.27
N LEU V 32 15.61 20.09 -24.73
CA LEU V 32 15.90 20.47 -26.10
C LEU V 32 15.34 19.49 -27.11
N LEU V 33 15.18 18.22 -26.73
CA LEU V 33 14.54 17.26 -27.62
C LEU V 33 13.04 17.48 -27.70
N SER V 34 12.42 17.93 -26.61
CA SER V 34 10.99 18.23 -26.59
C SER V 34 10.66 19.52 -27.31
N SER V 35 11.64 20.35 -27.63
CA SER V 35 11.41 21.57 -28.39
C SER V 35 11.67 21.30 -29.86
N PRO V 36 10.67 21.41 -30.73
CA PRO V 36 10.91 21.12 -32.16
C PRO V 36 11.98 21.98 -32.80
N ALA V 37 12.14 23.23 -32.35
CA ALA V 37 13.14 24.11 -32.95
C ALA V 37 14.56 23.67 -32.63
N PHE V 38 14.77 22.91 -31.54
CA PHE V 38 16.10 22.52 -31.11
C PHE V 38 16.28 21.01 -31.03
N ASN V 39 15.39 20.24 -31.62
CA ASN V 39 15.57 18.80 -31.73
C ASN V 39 16.48 18.51 -32.91
N TRP V 40 17.65 17.93 -32.62
CA TRP V 40 18.64 17.64 -33.64
C TRP V 40 18.48 16.24 -34.23
N LEU V 41 17.56 15.44 -33.70
CA LEU V 41 17.36 14.08 -34.16
C LEU V 41 16.18 13.93 -35.10
N SER V 42 15.57 15.05 -35.50
CA SER V 42 14.48 15.06 -36.46
C SER V 42 15.01 15.76 -37.72
N GLY V 43 15.41 14.96 -38.70
CA GLY V 43 15.96 15.50 -39.93
C GLY V 43 17.38 15.04 -40.19
N SER W 5 43.87 7.71 1.66
CA SER W 5 43.61 8.87 2.51
C SER W 5 42.22 8.80 3.13
N MET W 6 41.25 8.31 2.37
CA MET W 6 39.87 8.27 2.84
C MET W 6 39.25 6.89 2.68
N THR W 7 39.68 6.15 1.66
CA THR W 7 39.16 4.80 1.41
C THR W 7 40.08 3.72 1.94
N GLY W 8 41.39 3.89 1.79
CA GLY W 8 42.34 2.91 2.28
C GLY W 8 43.51 2.69 1.34
N LEU W 9 43.32 3.06 0.07
CA LEU W 9 44.39 2.90 -0.91
C LEU W 9 45.52 3.88 -0.61
N THR W 10 46.76 3.40 -0.78
CA THR W 10 47.92 4.26 -0.68
C THR W 10 48.12 5.01 -1.98
N GLU W 11 49.10 5.87 -2.11
CA GLU W 11 49.30 6.49 -3.38
C GLU W 11 49.94 5.55 -4.40
N GLN W 12 50.63 4.51 -3.99
CA GLN W 12 51.11 3.56 -4.97
C GLN W 12 50.00 2.66 -5.52
N GLU W 13 49.06 2.27 -4.67
CA GLU W 13 47.89 1.54 -5.15
C GLU W 13 46.94 2.42 -5.94
N ALA W 14 46.83 3.70 -5.59
CA ALA W 14 46.02 4.65 -6.34
C ALA W 14 46.65 5.01 -7.68
N GLN W 15 47.98 5.11 -7.74
CA GLN W 15 48.64 5.35 -9.01
C GLN W 15 48.62 4.10 -9.90
N GLU W 16 48.62 2.92 -9.29
CA GLU W 16 48.49 1.69 -10.07
C GLU W 16 47.08 1.55 -10.63
N PHE W 17 46.07 1.87 -9.82
CA PHE W 17 44.70 1.84 -10.33
C PHE W 17 44.45 2.98 -11.31
N HIS W 18 45.05 4.14 -11.08
CA HIS W 18 44.80 5.27 -11.98
C HIS W 18 45.35 5.02 -13.38
N GLY W 19 46.52 4.39 -13.48
CA GLY W 19 47.09 4.12 -14.79
C GLY W 19 46.23 3.18 -15.61
N ILE W 20 45.78 2.08 -14.99
CA ILE W 20 44.94 1.12 -15.67
C ILE W 20 43.58 1.73 -15.98
N PHE W 21 43.04 2.53 -15.06
CA PHE W 21 41.78 3.22 -15.29
C PHE W 21 41.88 4.15 -16.49
N VAL W 22 42.96 4.92 -16.58
CA VAL W 22 43.13 5.87 -17.67
C VAL W 22 43.33 5.13 -18.99
N GLN W 23 44.09 4.04 -18.98
CA GLN W 23 44.27 3.25 -20.20
C GLN W 23 42.94 2.66 -20.68
N SER W 24 42.16 2.09 -19.76
CA SER W 24 40.88 1.50 -20.13
C SER W 24 39.91 2.56 -20.64
N MET W 25 39.89 3.72 -19.98
CA MET W 25 39.00 4.80 -20.40
C MET W 25 39.43 5.37 -21.74
N THR W 26 40.74 5.43 -22.00
CA THR W 26 41.22 5.89 -23.30
C THR W 26 40.85 4.91 -24.41
N ALA W 27 40.97 3.60 -24.14
CA ALA W 27 40.52 2.62 -25.13
C ALA W 27 39.03 2.72 -25.39
N PHE W 28 38.24 2.88 -24.31
CA PHE W 28 36.80 3.04 -24.46
C PHE W 28 36.46 4.29 -25.27
N PHE W 29 37.15 5.40 -25.01
CA PHE W 29 36.88 6.63 -25.74
C PHE W 29 37.33 6.52 -27.19
N GLY W 30 38.40 5.78 -27.46
CA GLY W 30 38.80 5.57 -28.85
C GLY W 30 37.78 4.77 -29.63
N ILE W 31 37.26 3.70 -29.01
CA ILE W 31 36.20 2.92 -29.66
C ILE W 31 34.96 3.80 -29.86
N VAL W 32 34.63 4.63 -28.88
CA VAL W 32 33.49 5.53 -28.98
C VAL W 32 33.68 6.52 -30.12
N VAL W 33 34.89 7.07 -30.27
CA VAL W 33 35.17 8.03 -31.32
C VAL W 33 35.07 7.37 -32.68
N ILE W 34 35.60 6.15 -32.82
CA ILE W 34 35.48 5.44 -34.09
C ILE W 34 34.02 5.17 -34.44
N ALA W 35 33.24 4.74 -33.44
CA ALA W 35 31.82 4.49 -33.66
C ALA W 35 31.08 5.77 -34.05
N HIS W 36 31.43 6.90 -33.44
CA HIS W 36 30.75 8.15 -33.75
C HIS W 36 31.14 8.67 -35.13
N ILE W 37 32.39 8.44 -35.54
CA ILE W 37 32.78 8.78 -36.91
C ILE W 37 32.00 7.93 -37.90
N LEU W 38 31.87 6.63 -37.62
CA LEU W 38 31.10 5.76 -38.50
C LEU W 38 29.64 6.20 -38.56
N ALA W 39 29.07 6.59 -37.42
CA ALA W 39 27.70 7.07 -37.39
C ALA W 39 27.54 8.36 -38.19
N TRP W 40 28.53 9.25 -38.11
CA TRP W 40 28.46 10.49 -38.90
C TRP W 40 28.52 10.21 -40.39
N LEU W 41 29.40 9.29 -40.81
CA LEU W 41 29.38 8.88 -42.21
C LEU W 41 28.09 8.16 -42.58
N TRP W 42 27.41 7.56 -41.61
CA TRP W 42 26.14 6.90 -41.88
C TRP W 42 25.00 7.91 -41.95
N ARG W 43 24.78 8.65 -40.87
CA ARG W 43 23.72 9.67 -40.82
C ARG W 43 24.21 10.85 -40.00
N PRO W 44 24.69 11.91 -40.64
CA PRO W 44 25.03 13.13 -39.90
C PRO W 44 23.81 13.73 -39.24
N TRP W 45 24.00 14.26 -38.03
CA TRP W 45 22.91 14.80 -37.23
C TRP W 45 22.98 16.31 -37.07
N LEU W 46 23.99 16.97 -37.62
CA LEU W 46 24.11 18.40 -37.50
C LEU W 46 24.25 19.05 -38.87
N MET X 1 45.86 13.71 -9.61
CA MET X 1 44.54 13.28 -10.08
C MET X 1 44.25 11.85 -9.65
N HIS X 2 45.32 11.08 -9.43
CA HIS X 2 45.16 9.72 -8.95
C HIS X 2 44.61 9.66 -7.52
N LYS X 3 44.76 10.76 -6.78
CA LYS X 3 44.34 10.78 -5.38
C LYS X 3 42.84 10.58 -5.22
N ILE X 4 42.08 10.72 -6.31
CA ILE X 4 40.65 10.45 -6.26
C ILE X 4 40.39 9.02 -5.84
N TRP X 5 41.36 8.13 -6.00
CA TRP X 5 41.15 6.70 -5.68
C TRP X 5 41.38 6.53 -4.19
N GLN X 6 41.94 7.55 -3.55
CA GLN X 6 42.07 7.56 -2.07
C GLN X 6 40.79 8.16 -1.49
N ILE X 7 39.99 8.84 -2.30
CA ILE X 7 38.68 9.43 -1.89
C ILE X 7 37.56 8.47 -2.32
N PHE X 8 37.61 7.94 -3.53
CA PHE X 8 36.55 7.05 -4.09
C PHE X 8 37.00 5.60 -4.15
N ASP X 9 36.14 4.65 -3.79
CA ASP X 9 36.49 3.21 -3.77
C ASP X 9 36.67 2.74 -5.21
N PRO X 10 37.84 2.21 -5.62
CA PRO X 10 37.99 1.69 -6.98
C PRO X 10 36.87 0.75 -7.44
N ARG X 11 36.15 0.04 -6.57
CA ARG X 11 35.17 -0.99 -7.01
C ARG X 11 33.74 -0.48 -6.99
N ARG X 12 33.37 0.35 -6.03
CA ARG X 12 32.03 0.86 -6.03
C ARG X 12 31.88 1.94 -7.01
N THR X 13 32.98 2.53 -7.37
CA THR X 13 33.00 3.61 -8.28
C THR X 13 32.95 3.03 -9.55
N LEU X 14 33.68 2.00 -9.72
CA LEU X 14 33.79 1.34 -11.01
C LEU X 14 32.50 0.64 -11.39
N VAL X 15 31.86 -0.01 -10.41
CA VAL X 15 30.57 -0.66 -10.66
C VAL X 15 29.51 0.39 -11.01
N ALA X 16 29.49 1.49 -10.25
CA ALA X 16 28.53 2.56 -10.54
C ALA X 16 28.78 3.17 -11.91
N LEU X 17 30.04 3.39 -12.26
CA LEU X 17 30.38 3.94 -13.56
C LEU X 17 29.95 3.02 -14.69
N PHE X 18 30.20 1.71 -14.54
CA PHE X 18 29.79 0.77 -15.58
C PHE X 18 28.28 0.72 -15.70
N GLY X 19 27.56 0.74 -14.57
CA GLY X 19 26.12 0.72 -14.63
C GLY X 19 25.53 1.97 -15.26
N PHE X 20 26.07 3.14 -14.90
CA PHE X 20 25.60 4.38 -15.51
C PHE X 20 25.94 4.43 -17.00
N LEU X 21 27.12 3.94 -17.39
CA LEU X 21 27.46 3.91 -18.79
C LEU X 21 26.53 2.99 -19.57
N PHE X 22 26.20 1.83 -19.00
CA PHE X 22 25.28 0.92 -19.68
C PHE X 22 23.89 1.52 -19.80
N VAL X 23 23.40 2.15 -18.74
CA VAL X 23 22.08 2.79 -18.79
C VAL X 23 22.09 3.94 -19.78
N LEU X 24 23.19 4.70 -19.84
CA LEU X 24 23.29 5.79 -20.80
C LEU X 24 23.29 5.28 -22.23
N GLY X 25 24.02 4.20 -22.50
CA GLY X 25 23.99 3.63 -23.84
C GLY X 25 22.62 3.12 -24.22
N LEU X 26 21.94 2.44 -23.29
CA LEU X 26 20.57 2.00 -23.54
C LEU X 26 19.66 3.19 -23.82
N LEU X 27 19.78 4.25 -23.04
CA LEU X 27 18.93 5.42 -23.22
C LEU X 27 19.17 6.09 -24.57
N ILE X 28 20.44 6.25 -24.95
CA ILE X 28 20.75 6.91 -26.21
C ILE X 28 20.27 6.05 -27.38
N HIS X 29 20.43 4.73 -27.29
CA HIS X 29 19.95 3.86 -28.36
C HIS X 29 18.43 3.89 -28.46
N PHE X 30 17.74 3.94 -27.31
CA PHE X 30 16.28 4.02 -27.31
C PHE X 30 15.79 5.34 -27.88
N ILE X 31 16.49 6.44 -27.58
CA ILE X 31 16.10 7.74 -28.09
C ILE X 31 16.26 7.79 -29.61
N LEU X 32 17.32 7.19 -30.13
CA LEU X 32 17.51 7.13 -31.58
C LEU X 32 16.52 6.19 -32.24
N LEU X 33 15.98 5.21 -31.51
CA LEU X 33 14.92 4.38 -32.06
C LEU X 33 13.58 5.11 -32.08
N SER X 34 13.33 5.99 -31.11
CA SER X 34 12.11 6.78 -31.07
C SER X 34 12.11 7.91 -32.07
N SER X 35 13.27 8.24 -32.66
CA SER X 35 13.34 9.27 -33.68
C SER X 35 13.30 8.61 -35.05
N PRO X 36 12.26 8.87 -35.86
CA PRO X 36 12.17 8.18 -37.15
C PRO X 36 13.33 8.44 -38.08
N ALA X 37 13.95 9.62 -38.00
CA ALA X 37 15.07 9.94 -38.88
C ALA X 37 16.31 9.13 -38.57
N PHE X 38 16.42 8.58 -37.36
CA PHE X 38 17.61 7.84 -36.94
C PHE X 38 17.29 6.42 -36.50
N ASN X 39 16.06 5.95 -36.70
CA ASN X 39 15.73 4.56 -36.45
C ASN X 39 16.29 3.71 -37.58
N TRP X 40 17.25 2.85 -37.25
CA TRP X 40 17.91 2.01 -38.24
C TRP X 40 17.22 0.67 -38.44
N LEU X 41 16.21 0.35 -37.62
CA LEU X 41 15.52 -0.92 -37.72
C LEU X 41 14.24 -0.84 -38.54
N SER X 42 13.94 0.31 -39.11
CA SER X 42 12.80 0.49 -40.01
C SER X 42 13.36 0.68 -41.41
N GLY X 43 13.32 -0.38 -42.20
CA GLY X 43 13.85 -0.35 -43.56
C GLY X 43 15.01 -1.28 -43.75
N SER Y 5 43.77 -8.21 -3.36
CA SER Y 5 44.01 -6.85 -2.87
C SER Y 5 42.78 -6.27 -2.19
N MET Y 6 41.60 -6.56 -2.76
CA MET Y 6 40.37 -5.98 -2.24
C MET Y 6 39.33 -7.05 -1.94
N THR Y 7 39.29 -8.11 -2.74
CA THR Y 7 38.29 -9.16 -2.58
C THR Y 7 38.84 -10.43 -1.96
N GLY Y 8 40.15 -10.66 -2.02
CA GLY Y 8 40.78 -11.81 -1.43
C GLY Y 8 41.63 -12.64 -2.38
N LEU Y 9 41.37 -12.56 -3.68
CA LEU Y 9 42.15 -13.32 -4.65
C LEU Y 9 43.59 -12.82 -4.69
N THR Y 10 44.53 -13.74 -4.85
CA THR Y 10 45.93 -13.41 -5.04
C THR Y 10 46.17 -13.08 -6.51
N GLU Y 11 47.42 -12.79 -6.87
CA GLU Y 11 47.74 -12.56 -8.28
C GLU Y 11 47.75 -13.84 -9.10
N GLN Y 12 47.96 -14.99 -8.46
CA GLN Y 12 47.95 -16.25 -9.19
C GLN Y 12 46.54 -16.79 -9.40
N GLU Y 13 45.65 -16.60 -8.44
CA GLU Y 13 44.25 -16.94 -8.62
C GLU Y 13 43.53 -15.99 -9.55
N ALA Y 14 43.92 -14.72 -9.58
CA ALA Y 14 43.34 -13.74 -10.49
C ALA Y 14 43.85 -13.92 -11.91
N GLN Y 15 45.13 -14.25 -12.09
CA GLN Y 15 45.63 -14.55 -13.42
C GLN Y 15 45.08 -15.87 -13.94
N GLU Y 16 44.83 -16.83 -13.05
CA GLU Y 16 44.17 -18.06 -13.47
C GLU Y 16 42.73 -17.80 -13.87
N PHE Y 17 42.03 -16.95 -13.12
CA PHE Y 17 40.66 -16.60 -13.50
C PHE Y 17 40.64 -15.72 -14.74
N HIS Y 18 41.61 -14.82 -14.87
CA HIS Y 18 41.61 -13.89 -16.00
C HIS Y 18 41.81 -14.62 -17.32
N GLY Y 19 42.68 -15.63 -17.34
CA GLY Y 19 42.91 -16.38 -18.57
C GLY Y 19 41.66 -17.10 -19.05
N ILE Y 20 40.99 -17.79 -18.14
CA ILE Y 20 39.77 -18.51 -18.50
C ILE Y 20 38.66 -17.53 -18.84
N PHE Y 21 38.58 -16.41 -18.13
CA PHE Y 21 37.59 -15.39 -18.45
C PHE Y 21 37.80 -14.83 -19.85
N VAL Y 22 39.05 -14.56 -20.22
CA VAL Y 22 39.35 -14.02 -21.53
C VAL Y 22 39.08 -15.05 -22.62
N GLN Y 23 39.42 -16.32 -22.36
CA GLN Y 23 39.14 -17.36 -23.34
C GLN Y 23 37.64 -17.52 -23.56
N SER Y 24 36.87 -17.57 -22.48
CA SER Y 24 35.42 -17.71 -22.60
C SER Y 24 34.81 -16.50 -23.30
N MET Y 25 35.28 -15.30 -22.96
CA MET Y 25 34.74 -14.09 -23.58
C MET Y 25 35.11 -14.02 -25.06
N THR Y 26 36.32 -14.49 -25.41
CA THR Y 26 36.71 -14.52 -26.81
C THR Y 26 35.89 -15.52 -27.61
N ALA Y 27 35.61 -16.69 -27.04
CA ALA Y 27 34.73 -17.64 -27.70
C ALA Y 27 33.32 -17.08 -27.87
N PHE Y 28 32.81 -16.42 -26.83
CA PHE Y 28 31.50 -15.78 -26.90
C PHE Y 28 31.47 -14.72 -27.99
N PHE Y 29 32.52 -13.89 -28.08
CA PHE Y 29 32.57 -12.84 -29.08
C PHE Y 29 32.72 -13.41 -30.48
N GLY Y 30 33.45 -14.52 -30.64
CA GLY Y 30 33.52 -15.15 -31.94
C GLY Y 30 32.18 -15.69 -32.40
N ILE Y 31 31.45 -16.35 -31.50
CA ILE Y 31 30.11 -16.82 -31.83
C ILE Y 31 29.20 -15.63 -32.17
N VAL Y 32 29.31 -14.54 -31.41
CA VAL Y 32 28.51 -13.35 -31.66
C VAL Y 32 28.84 -12.76 -33.04
N VAL Y 33 30.13 -12.74 -33.39
CA VAL Y 33 30.53 -12.20 -34.68
C VAL Y 33 29.99 -13.05 -35.82
N ILE Y 34 30.05 -14.37 -35.67
CA ILE Y 34 29.49 -15.25 -36.71
C ILE Y 34 27.99 -15.02 -36.84
N ALA Y 35 27.29 -14.91 -35.71
CA ALA Y 35 25.85 -14.66 -35.74
C ALA Y 35 25.54 -13.33 -36.41
N HIS Y 36 26.32 -12.29 -36.13
CA HIS Y 36 26.06 -10.99 -36.73
C HIS Y 36 26.38 -10.97 -38.21
N ILE Y 37 27.40 -11.71 -38.64
CA ILE Y 37 27.66 -11.87 -40.07
C ILE Y 37 26.49 -12.55 -40.75
N LEU Y 38 25.98 -13.63 -40.14
CA LEU Y 38 24.82 -14.32 -40.70
C LEU Y 38 23.61 -13.40 -40.76
N ALA Y 39 23.42 -12.58 -39.73
CA ALA Y 39 22.31 -11.63 -39.72
C ALA Y 39 22.46 -10.59 -40.84
N TRP Y 40 23.68 -10.10 -41.06
CA TRP Y 40 23.89 -9.13 -42.13
C TRP Y 40 23.64 -9.75 -43.50
N LEU Y 41 24.09 -10.98 -43.71
CA LEU Y 41 23.74 -11.67 -44.95
C LEU Y 41 22.25 -11.94 -45.06
N TRP Y 42 21.55 -12.04 -43.93
CA TRP Y 42 20.10 -12.24 -43.95
C TRP Y 42 19.36 -10.93 -44.20
N ARG Y 43 19.55 -9.95 -43.33
CA ARG Y 43 18.90 -8.65 -43.45
C ARG Y 43 19.86 -7.56 -43.00
N PRO Y 44 20.57 -6.92 -43.93
CA PRO Y 44 21.42 -5.79 -43.55
C PRO Y 44 20.58 -4.64 -43.00
N TRP Y 45 21.10 -3.99 -41.97
CA TRP Y 45 20.39 -2.92 -41.29
C TRP Y 45 21.00 -1.55 -41.51
N LEU Y 46 22.08 -1.46 -42.27
CA LEU Y 46 22.71 -0.17 -42.54
C LEU Y 46 22.87 0.06 -44.04
N MET Z 1 45.79 -6.07 -15.99
CA MET Z 1 44.36 -6.02 -16.20
C MET Z 1 43.66 -7.15 -15.44
N HIS Z 2 44.42 -8.21 -15.14
CA HIS Z 2 43.89 -9.31 -14.34
C HIS Z 2 43.57 -8.89 -12.91
N LYS Z 3 44.20 -7.83 -12.43
CA LYS Z 3 44.03 -7.42 -11.04
C LYS Z 3 42.62 -6.92 -10.74
N ILE Z 4 41.80 -6.71 -11.78
CA ILE Z 4 40.38 -6.42 -11.57
C ILE Z 4 39.73 -7.54 -10.78
N TRP Z 5 40.32 -8.73 -10.77
CA TRP Z 5 39.68 -9.89 -10.09
C TRP Z 5 40.04 -9.82 -8.62
N GLN Z 6 40.92 -8.88 -8.24
CA GLN Z 6 41.26 -8.63 -6.83
C GLN Z 6 40.39 -7.48 -6.33
N ILE Z 7 39.67 -6.81 -7.21
CA ILE Z 7 38.73 -5.71 -6.85
C ILE Z 7 37.32 -6.29 -6.98
N PHE Z 8 37.04 -6.98 -8.09
CA PHE Z 8 35.70 -7.54 -8.38
C PHE Z 8 35.68 -9.04 -8.11
N ASP Z 9 34.69 -9.52 -7.35
CA ASP Z 9 34.58 -10.97 -7.01
C ASP Z 9 34.35 -11.75 -8.28
N PRO Z 10 35.15 -12.78 -8.63
CA PRO Z 10 34.86 -13.60 -9.81
C PRO Z 10 33.41 -14.10 -9.92
N ARG Z 11 32.72 -14.44 -8.83
CA ARG Z 11 31.37 -15.08 -8.88
C ARG Z 11 30.24 -14.06 -8.98
N ARG Z 12 30.26 -12.99 -8.20
CA ARG Z 12 29.17 -12.07 -8.24
C ARG Z 12 29.24 -11.25 -9.47
N THR Z 13 30.41 -11.13 -10.01
CA THR Z 13 30.64 -10.37 -11.19
C THR Z 13 30.22 -11.15 -12.29
N LEU Z 14 30.49 -12.39 -12.20
CA LEU Z 14 30.18 -13.32 -13.28
C LEU Z 14 28.67 -13.58 -13.36
N VAL Z 15 28.01 -13.70 -12.20
CA VAL Z 15 26.55 -13.85 -12.18
C VAL Z 15 25.90 -12.59 -12.74
N ALA Z 16 26.38 -11.42 -12.32
CA ALA Z 16 25.82 -10.17 -12.82
C ALA Z 16 26.03 -10.03 -14.32
N LEU Z 17 27.22 -10.40 -14.81
CA LEU Z 17 27.51 -10.33 -16.23
C LEU Z 17 26.60 -11.26 -17.01
N PHE Z 18 26.41 -12.49 -16.54
CA PHE Z 18 25.55 -13.43 -17.24
C PHE Z 18 24.10 -12.94 -17.25
N GLY Z 19 23.63 -12.41 -16.12
CA GLY Z 19 22.27 -11.90 -16.06
C GLY Z 19 22.06 -10.71 -16.98
N PHE Z 20 23.00 -9.76 -16.97
CA PHE Z 20 22.88 -8.60 -17.85
C PHE Z 20 22.98 -8.99 -19.31
N LEU Z 21 23.84 -9.95 -19.64
CA LEU Z 21 23.94 -10.41 -21.02
C LEU Z 21 22.64 -11.08 -21.46
N PHE Z 22 22.04 -11.90 -20.59
CA PHE Z 22 20.78 -12.55 -20.94
C PHE Z 22 19.67 -11.52 -21.13
N VAL Z 23 19.58 -10.53 -20.23
CA VAL Z 23 18.55 -9.52 -20.34
C VAL Z 23 18.78 -8.66 -21.58
N LEU Z 24 20.04 -8.38 -21.91
CA LEU Z 24 20.36 -7.62 -23.11
C LEU Z 24 19.97 -8.38 -24.37
N GLY Z 25 20.26 -9.69 -24.41
CA GLY Z 25 19.83 -10.49 -25.54
C GLY Z 25 18.32 -10.54 -25.70
N LEU Z 26 17.62 -10.70 -24.58
CA LEU Z 26 16.16 -10.65 -24.62
C LEU Z 26 15.66 -9.31 -25.13
N LEU Z 27 16.28 -8.22 -24.67
CA LEU Z 27 15.86 -6.89 -25.09
C LEU Z 27 16.08 -6.68 -26.58
N ILE Z 28 17.24 -7.09 -27.09
CA ILE Z 28 17.53 -6.91 -28.51
C ILE Z 28 16.59 -7.77 -29.35
N HIS Z 29 16.33 -9.01 -28.92
CA HIS Z 29 15.42 -9.86 -29.66
C HIS Z 29 14.00 -9.32 -29.64
N PHE Z 30 13.59 -8.68 -28.55
CA PHE Z 30 12.25 -8.11 -28.48
C PHE Z 30 12.13 -6.82 -29.29
N ILE Z 31 13.21 -6.05 -29.36
CA ILE Z 31 13.21 -4.84 -30.18
C ILE Z 31 13.11 -5.20 -31.66
N LEU Z 32 13.82 -6.26 -32.07
CA LEU Z 32 13.76 -6.68 -33.47
C LEU Z 32 12.41 -7.30 -33.82
N LEU Z 33 11.74 -7.92 -32.84
CA LEU Z 33 10.39 -8.42 -33.08
C LEU Z 33 9.38 -7.29 -33.21
N SER Z 34 9.57 -6.20 -32.46
CA SER Z 34 8.69 -5.05 -32.53
C SER Z 34 8.90 -4.22 -33.79
N SER Z 35 9.97 -4.47 -34.55
CA SER Z 35 10.21 -3.76 -35.80
C SER Z 35 9.73 -4.60 -36.96
N PRO Z 36 8.73 -4.15 -37.73
CA PRO Z 36 8.21 -4.98 -38.83
C PRO Z 36 9.29 -5.41 -39.82
N ALA Z 37 10.29 -4.58 -40.09
CA ALA Z 37 11.30 -4.92 -41.09
C ALA Z 37 12.20 -6.06 -40.65
N PHE Z 38 12.34 -6.28 -39.35
CA PHE Z 38 13.26 -7.30 -38.83
C PHE Z 38 12.55 -8.37 -38.02
N ASN Z 39 11.23 -8.38 -38.00
CA ASN Z 39 10.48 -9.46 -37.38
C ASN Z 39 10.53 -10.69 -38.28
N TRP Z 40 11.18 -11.74 -37.81
CA TRP Z 40 11.37 -12.96 -38.59
C TRP Z 40 10.26 -13.98 -38.37
N LEU Z 41 9.36 -13.74 -37.43
CA LEU Z 41 8.28 -14.68 -37.13
C LEU Z 41 6.98 -14.32 -37.84
N SER Z 42 6.99 -13.27 -38.65
CA SER Z 42 5.86 -12.90 -39.48
C SER Z 42 6.18 -13.30 -40.92
N GLY Z 43 5.31 -14.11 -41.52
CA GLY Z 43 5.53 -14.59 -42.87
C GLY Z 43 6.46 -15.76 -42.94
N SER AA 5 37.38 -24.05 -4.11
CA SER AA 5 38.15 -22.83 -3.92
C SER AA 5 37.31 -21.74 -3.26
N MET AA 6 36.05 -21.63 -3.66
CA MET AA 6 35.19 -20.56 -3.18
C MET AA 6 33.88 -21.09 -2.62
N THR AA 7 33.38 -22.20 -3.16
CA THR AA 7 32.14 -22.80 -2.69
C THR AA 7 32.39 -23.94 -1.70
N GLY AA 8 33.40 -24.77 -1.97
CA GLY AA 8 33.70 -25.88 -1.08
C GLY AA 8 34.10 -27.14 -1.83
N LEU AA 9 33.73 -27.21 -3.11
CA LEU AA 9 34.08 -28.36 -3.92
C LEU AA 9 35.59 -28.41 -4.18
N THR AA 10 36.16 -29.59 -4.12
CA THR AA 10 37.55 -29.79 -4.48
C THR AA 10 37.65 -29.89 -6.00
N GLU AA 11 38.79 -30.07 -6.59
CA GLU AA 11 38.81 -30.23 -8.01
C GLU AA 11 38.37 -31.63 -8.43
N GLN AA 12 38.52 -32.63 -7.58
CA GLN AA 12 37.97 -33.93 -7.96
C GLN AA 12 36.45 -33.94 -7.96
N GLU AA 13 35.82 -33.23 -7.01
CA GLU AA 13 34.37 -33.09 -7.02
C GLU AA 13 33.89 -32.15 -8.12
N ALA AA 14 34.67 -31.13 -8.45
CA ALA AA 14 34.32 -30.21 -9.52
C ALA AA 14 34.53 -30.83 -10.90
N GLN AA 15 35.58 -31.62 -11.08
CA GLN AA 15 35.77 -32.32 -12.34
C GLN AA 15 34.75 -33.43 -12.53
N GLU AA 16 34.36 -34.11 -11.45
CA GLU AA 16 33.42 -35.21 -11.57
C GLU AA 16 31.99 -34.69 -11.73
N PHE AA 17 31.71 -33.51 -11.18
CA PHE AA 17 30.45 -32.83 -11.48
C PHE AA 17 30.47 -32.24 -12.89
N HIS AA 18 31.62 -31.75 -13.34
CA HIS AA 18 31.70 -31.12 -14.66
C HIS AA 18 31.43 -32.13 -15.77
N GLY AA 19 31.91 -33.37 -15.61
CA GLY AA 19 31.66 -34.37 -16.63
C GLY AA 19 30.18 -34.67 -16.78
N ILE AA 20 29.48 -34.88 -15.66
CA ILE AA 20 28.05 -35.15 -15.71
C ILE AA 20 27.29 -33.94 -16.24
N PHE AA 21 27.69 -32.74 -15.81
CA PHE AA 21 27.05 -31.52 -16.31
C PHE AA 21 27.21 -31.39 -17.82
N VAL AA 22 28.41 -31.65 -18.33
CA VAL AA 22 28.66 -31.51 -19.76
C VAL AA 22 27.91 -32.59 -20.54
N GLN AA 23 27.85 -33.82 -20.01
CA GLN AA 23 27.09 -34.86 -20.69
C GLN AA 23 25.61 -34.53 -20.75
N SER AA 24 25.05 -34.05 -19.64
CA SER AA 24 23.63 -33.69 -19.62
C SER AA 24 23.35 -32.51 -20.54
N MET AA 25 24.23 -31.52 -20.55
CA MET AA 25 24.06 -30.36 -21.43
C MET AA 25 24.18 -30.76 -22.89
N THR AA 26 25.09 -31.70 -23.19
CA THR AA 26 25.22 -32.18 -24.57
C THR AA 26 23.99 -32.95 -25.02
N ALA AA 27 23.43 -33.78 -24.14
CA ALA AA 27 22.19 -34.48 -24.47
C ALA AA 27 21.05 -33.49 -24.69
N PHE AA 28 20.95 -32.48 -23.83
CA PHE AA 28 19.93 -31.45 -23.98
C PHE AA 28 20.09 -30.71 -25.30
N PHE AA 29 21.33 -30.34 -25.65
CA PHE AA 29 21.57 -29.62 -26.89
C PHE AA 29 21.31 -30.49 -28.11
N GLY AA 30 21.60 -31.78 -28.03
CA GLY AA 30 21.27 -32.67 -29.14
C GLY AA 30 19.77 -32.80 -29.35
N ILE AA 31 19.02 -32.91 -28.26
CA ILE AA 31 17.56 -32.96 -28.37
C ILE AA 31 17.04 -31.65 -28.95
N VAL AA 32 17.61 -30.52 -28.51
CA VAL AA 32 17.22 -29.22 -29.06
C VAL AA 32 17.52 -29.13 -30.54
N VAL AA 33 18.67 -29.65 -30.96
CA VAL AA 33 19.04 -29.60 -32.37
C VAL AA 33 18.08 -30.42 -33.21
N ILE AA 34 17.72 -31.62 -32.73
CA ILE AA 34 16.76 -32.44 -33.45
C ILE AA 34 15.41 -31.74 -33.54
N ALA AA 35 14.97 -31.14 -32.43
CA ALA AA 35 13.70 -30.41 -32.42
C ALA AA 35 13.73 -29.23 -33.39
N HIS AA 36 14.84 -28.50 -33.45
CA HIS AA 36 14.92 -27.35 -34.34
C HIS AA 36 15.01 -27.77 -35.80
N ILE AA 37 15.65 -28.90 -36.09
CA ILE AA 37 15.61 -29.43 -37.45
C ILE AA 37 14.19 -29.80 -37.83
N LEU AA 38 13.46 -30.46 -36.92
CA LEU AA 38 12.07 -30.81 -37.20
C LEU AA 38 11.22 -29.56 -37.42
N ALA AA 39 11.45 -28.52 -36.62
CA ALA AA 39 10.72 -27.27 -36.79
C ALA AA 39 11.04 -26.61 -38.13
N TRP AA 40 12.30 -26.65 -38.54
CA TRP AA 40 12.67 -26.08 -39.85
C TRP AA 40 12.00 -26.83 -40.99
N LEU AA 41 12.00 -28.17 -40.93
CA LEU AA 41 11.26 -28.92 -41.94
C LEU AA 41 9.75 -28.69 -41.85
N TRP AA 42 9.26 -28.26 -40.68
CA TRP AA 42 7.84 -27.97 -40.55
C TRP AA 42 7.51 -26.55 -41.02
N ARG AA 43 8.28 -25.57 -40.58
CA ARG AA 43 8.05 -24.17 -40.95
C ARG AA 43 9.37 -23.41 -40.85
N PRO AA 44 10.09 -23.25 -41.95
CA PRO AA 44 11.30 -22.42 -41.93
C PRO AA 44 10.95 -20.97 -41.60
N TRP AA 45 11.81 -20.34 -40.80
CA TRP AA 45 11.59 -18.97 -40.36
C TRP AA 45 12.55 -17.98 -40.99
N LEU AA 46 13.46 -18.43 -41.84
CA LEU AA 46 14.42 -17.53 -42.48
C LEU AA 46 14.37 -17.68 -43.99
N MET BA 1 38.08 -25.51 -17.07
CA MET BA 1 36.74 -24.95 -17.13
C MET BA 1 35.88 -25.51 -16.00
N HIS BA 2 36.27 -26.67 -15.47
CA HIS BA 2 35.56 -27.28 -14.36
C HIS BA 2 35.66 -26.43 -13.09
N LYS BA 3 36.68 -25.56 -13.01
CA LYS BA 3 36.90 -24.76 -11.81
C LYS BA 3 35.71 -23.85 -11.50
N ILE BA 4 34.84 -23.61 -12.48
CA ILE BA 4 33.65 -22.81 -12.23
C ILE BA 4 32.81 -23.42 -11.12
N TRP BA 5 32.97 -24.71 -10.87
CA TRP BA 5 32.12 -25.39 -9.86
C TRP BA 5 32.72 -25.12 -8.48
N GLN BA 6 33.93 -24.58 -8.44
CA GLN BA 6 34.54 -24.14 -7.15
C GLN BA 6 34.14 -22.69 -6.91
N ILE BA 7 33.59 -22.01 -7.92
CA ILE BA 7 33.12 -20.59 -7.83
C ILE BA 7 31.61 -20.60 -7.71
N PHE BA 8 30.92 -21.41 -8.53
CA PHE BA 8 29.43 -21.49 -8.56
C PHE BA 8 28.98 -22.81 -7.91
N ASP BA 9 27.92 -22.78 -7.08
CA ASP BA 9 27.43 -23.98 -6.36
C ASP BA 9 26.77 -24.94 -7.34
N PRO BA 10 27.14 -26.23 -7.44
CA PRO BA 10 26.43 -27.16 -8.32
C PRO BA 10 24.90 -27.13 -8.18
N ARG BA 11 24.32 -26.80 -7.02
CA ARG BA 11 22.85 -26.92 -6.82
C ARG BA 11 22.10 -25.62 -7.08
N ARG BA 12 22.60 -24.50 -6.59
CA ARG BA 12 21.88 -23.27 -6.79
C ARG BA 12 22.01 -22.83 -8.16
N THR BA 13 23.09 -23.20 -8.79
CA THR BA 13 23.37 -22.81 -10.14
C THR BA 13 22.54 -23.58 -10.95
N LEU BA 14 22.43 -24.81 -10.63
CA LEU BA 14 21.67 -25.76 -11.44
C LEU BA 14 20.17 -25.48 -11.34
N VAL BA 15 19.69 -25.14 -10.14
CA VAL BA 15 18.29 -24.75 -9.97
C VAL BA 15 17.98 -23.50 -10.78
N ALA BA 16 18.86 -22.50 -10.71
CA ALA BA 16 18.65 -21.27 -11.47
C ALA BA 16 18.69 -21.56 -12.96
N LEU BA 17 19.62 -22.41 -13.41
CA LEU BA 17 19.71 -22.75 -14.82
C LEU BA 17 18.45 -23.44 -15.30
N PHE BA 18 17.93 -24.39 -14.52
CA PHE BA 18 16.71 -25.09 -14.90
C PHE BA 18 15.53 -24.13 -14.93
N GLY BA 19 15.45 -23.24 -13.94
CA GLY BA 19 14.35 -22.27 -13.92
C GLY BA 19 14.37 -21.31 -15.09
N PHE BA 20 15.55 -20.76 -15.41
CA PHE BA 20 15.65 -19.87 -16.55
C PHE BA 20 15.41 -20.60 -17.87
N LEU BA 21 15.87 -21.86 -17.97
CA LEU BA 21 15.60 -22.62 -19.19
C LEU BA 21 14.10 -22.88 -19.36
N PHE BA 22 13.41 -23.22 -18.27
CA PHE BA 22 11.97 -23.42 -18.36
C PHE BA 22 11.24 -22.14 -18.72
N VAL BA 23 11.63 -21.01 -18.10
CA VAL BA 23 10.99 -19.73 -18.41
C VAL BA 23 11.29 -19.32 -19.85
N LEU BA 24 12.50 -19.60 -20.33
CA LEU BA 24 12.86 -19.29 -21.71
C LEU BA 24 12.03 -20.13 -22.69
N GLY BA 25 11.86 -21.42 -22.41
CA GLY BA 25 11.01 -22.24 -23.25
C GLY BA 25 9.58 -21.77 -23.26
N LEU BA 26 9.04 -21.42 -22.10
CA LEU BA 26 7.69 -20.86 -22.03
C LEU BA 26 7.59 -19.59 -22.86
N LEU BA 27 8.59 -18.71 -22.74
CA LEU BA 27 8.56 -17.45 -23.46
C LEU BA 27 8.61 -17.67 -24.97
N ILE BA 28 9.50 -18.55 -25.43
CA ILE BA 28 9.61 -18.78 -26.86
C ILE BA 28 8.34 -19.42 -27.40
N HIS BA 29 7.74 -20.35 -26.64
CA HIS BA 29 6.50 -20.96 -27.09
C HIS BA 29 5.36 -19.96 -27.13
N PHE BA 30 5.29 -19.05 -26.15
CA PHE BA 30 4.25 -18.03 -26.16
C PHE BA 30 4.45 -17.04 -27.30
N ILE BA 31 5.69 -16.70 -27.61
CA ILE BA 31 5.97 -15.79 -28.72
C ILE BA 31 5.54 -16.40 -30.04
N LEU BA 32 5.82 -17.69 -30.23
CA LEU BA 32 5.41 -18.37 -31.45
C LEU BA 32 3.90 -18.55 -31.53
N LEU BA 33 3.23 -18.59 -30.38
CA LEU BA 33 1.77 -18.62 -30.39
C LEU BA 33 1.17 -17.25 -30.72
N SER BA 34 1.84 -16.18 -30.30
CA SER BA 34 1.38 -14.83 -30.61
C SER BA 34 1.67 -14.44 -32.06
N SER BA 35 2.46 -15.22 -32.79
CA SER BA 35 2.72 -14.95 -34.18
C SER BA 35 1.79 -15.80 -35.03
N PRO BA 36 0.90 -15.19 -35.83
CA PRO BA 36 -0.03 -15.98 -36.63
C PRO BA 36 0.64 -16.95 -37.59
N ALA BA 37 1.83 -16.59 -38.11
CA ALA BA 37 2.50 -17.46 -39.08
C ALA BA 37 3.06 -18.72 -38.43
N PHE BA 38 3.28 -18.72 -37.12
CA PHE BA 38 3.88 -19.85 -36.42
C PHE BA 38 3.00 -20.39 -35.30
N ASN BA 39 1.75 -19.98 -35.23
CA ASN BA 39 0.81 -20.56 -34.27
C ASN BA 39 0.32 -21.89 -34.82
N TRP BA 40 0.67 -22.97 -34.13
CA TRP BA 40 0.31 -24.32 -34.56
C TRP BA 40 -1.03 -24.78 -34.02
N LEU BA 41 -1.67 -24.00 -33.15
CA LEU BA 41 -2.94 -24.36 -32.55
C LEU BA 41 -4.13 -23.71 -33.25
N SER BA 42 -3.89 -22.97 -34.33
CA SER BA 42 -4.93 -22.37 -35.15
C SER BA 42 -4.99 -23.16 -36.45
N GLY BA 43 -5.94 -24.08 -36.54
CA GLY BA 43 -6.07 -24.92 -37.72
C GLY BA 43 -5.75 -26.37 -37.46
MG BCL CA . 1.77 -31.99 -25.10
CHA BCL CA . 1.40 -32.64 -21.78
CHB BCL CA . 5.12 -32.19 -24.69
CHC BCL CA . 2.05 -31.22 -28.35
CHD BCL CA . -1.61 -30.90 -25.32
NA BCL CA . 3.06 -32.18 -23.48
C1A BCL CA . 2.80 -32.47 -22.28
C2A BCL CA . 3.98 -32.61 -21.35
C3A BCL CA . 5.13 -32.26 -22.28
C4A BCL CA . 4.39 -32.30 -23.58
CMA BCL CA . 5.67 -30.87 -22.01
CAA BCL CA . 4.09 -34.04 -20.84
CBA BCL CA . 5.07 -34.13 -19.68
CGA BCL CA . 6.36 -34.72 -20.18
O1A BCL CA . 6.48 -35.92 -20.31
O2A BCL CA . 7.49 -33.87 -20.52
NB BCL CA . 3.37 -31.65 -26.31
C1B BCL CA . 4.66 -31.80 -26.03
C2B BCL CA . 5.60 -31.48 -27.13
C3B BCL CA . 4.66 -31.29 -28.26
C4B BCL CA . 3.31 -31.45 -27.63
CMB BCL CA . 7.05 -31.90 -27.17
CAB BCL CA . 4.90 -31.14 -29.73
OBB BCL CA . 4.04 -31.45 -30.52
CBB BCL CA . 6.20 -30.59 -30.24
NC BCL CA . 0.47 -31.33 -26.55
C1C BCL CA . 0.83 -31.07 -27.82
C2C BCL CA . -0.28 -30.55 -28.65
C3C BCL CA . -1.47 -31.02 -27.84
C4C BCL CA . -0.79 -31.09 -26.52
CMC BCL CA . -0.25 -29.35 -29.58
CAC BCL CA . -2.36 -32.07 -28.47
CBC BCL CA . -3.78 -31.65 -28.19
ND BCL CA . 0.04 -32.10 -24.01
C1D BCL CA . -1.21 -31.69 -24.16
C2D BCL CA . -1.87 -31.49 -22.86
C3D BCL CA . -0.84 -31.89 -21.88
C4D BCL CA . 0.28 -32.24 -22.65
CMD BCL CA . -3.27 -31.02 -22.61
CAD BCL CA . -0.49 -32.06 -20.45
OBD BCL CA . -1.27 -31.83 -19.44
CBD BCL CA . 0.90 -32.54 -20.39
CGD BCL CA . 1.59 -31.89 -19.23
O1D BCL CA . 2.07 -30.77 -19.33
O2D BCL CA . 1.69 -32.59 -17.97
CED BCL CA . 2.61 -32.15 -16.97
C1 BCL CA . 8.65 -34.41 -21.13
C2 BCL CA . 8.62 -34.10 -22.61
C3 BCL CA . 8.29 -35.04 -23.50
C4 BCL CA . 7.96 -36.43 -23.05
C5 BCL CA . 8.27 -34.69 -24.97
C6 BCL CA . 8.35 -35.97 -25.80
C7 BCL CA . 7.14 -36.18 -26.71
C8 BCL CA . 5.81 -35.74 -26.09
C9 BCL CA . 5.11 -36.91 -25.43
C10 BCL CA . 4.92 -35.10 -27.15
C11 BCL CA . 5.43 -35.32 -28.56
C12 BCL CA . 4.49 -34.78 -29.62
C13 BCL CA . 5.04 -35.07 -31.02
C14 BCL CA . 6.48 -34.60 -31.14
C15 BCL CA . 4.17 -34.41 -32.08
C16 BCL CA . 4.59 -34.85 -33.48
C17 BCL CA . 3.93 -36.17 -33.85
C18 BCL CA . 4.21 -36.56 -35.29
C19 BCL CA . 4.18 -35.36 -36.22
C20 BCL CA . 3.25 -37.65 -35.76
MG BCL DA . -5.98 -33.85 -20.56
CHA BCL DA . -2.91 -35.01 -19.82
CHB BCL DA . -6.76 -34.04 -17.27
CHC BCL DA . -9.06 -32.90 -21.41
CHD BCL DA . -5.35 -34.48 -23.99
NA BCL DA . -5.06 -34.57 -18.85
C1A BCL DA . -3.85 -34.91 -18.68
C2A BCL DA . -3.42 -35.23 -17.28
C3A BCL DA . -4.76 -35.20 -16.56
C4A BCL DA . -5.58 -34.54 -17.63
CMA BCL DA . -5.27 -36.61 -16.29
CAA BCL DA . -2.48 -34.16 -16.74
CBA BCL DA . -1.99 -34.62 -15.38
CGA BCL DA . -0.79 -33.84 -14.94
O1A BCL DA . -0.62 -32.69 -15.31
O2A BCL DA . 0.18 -34.46 -14.05
NB BCL DA . -7.70 -33.58 -19.49
C1B BCL DA . -7.81 -33.55 -18.17
C2B BCL DA . -9.00 -32.82 -17.65
C3B BCL DA . -9.80 -32.67 -18.91
C4B BCL DA . -8.83 -33.08 -19.97
CMB BCL DA . -9.47 -32.86 -16.22
CAB BCL DA . -11.14 -32.04 -19.15
OBB BCL DA . -11.53 -31.90 -20.30
CBB BCL DA . -12.02 -31.59 -18.02
NC BCL DA . -7.00 -33.71 -22.34
C1C BCL DA . -8.29 -33.33 -22.42
C2C BCL DA . -8.88 -33.41 -23.78
C3C BCL DA . -7.65 -33.64 -24.62
C4C BCL DA . -6.64 -33.94 -23.55
CMC BCL DA . -10.29 -33.82 -24.15
CAC BCL DA . -7.45 -32.71 -25.80
CBC BCL DA . -6.66 -31.53 -25.29
ND BCL DA . -4.41 -34.14 -21.84
C1D BCL DA . -4.20 -34.17 -23.15
C2D BCL DA . -2.89 -34.79 -23.43
C3D BCL DA . -2.35 -35.14 -22.09
C4D BCL DA . -3.33 -34.73 -21.19
CMD BCL DA . -2.24 -35.03 -24.77
CAD BCL DA . -1.22 -35.74 -21.32
OBD BCL DA . -0.15 -36.22 -21.82
CBD BCL DA . -1.58 -35.66 -19.89
CGD BCL DA . -1.23 -36.95 -19.22
O1D BCL DA . -1.65 -38.01 -19.64
O2D BCL DA . -0.39 -36.96 -18.04
CED BCL DA . -0.26 -38.15 -17.29
C1 BCL DA . 1.43 -33.83 -13.79
C2 BCL DA . 1.58 -33.60 -12.31
C3 BCL DA . 1.98 -34.57 -11.48
C4 BCL DA . 2.11 -34.24 -10.02
C5 BCL DA . 2.29 -35.95 -11.99
C6 BCL DA . 3.16 -36.72 -10.99
C7 BCL DA . 3.23 -38.20 -11.35
C8 BCL DA . 3.59 -39.08 -10.14
C9 BCL DA . 4.48 -40.24 -10.56
C10 BCL DA . 2.34 -39.62 -9.50
C11 BCL DA . 2.04 -38.95 -8.17
C12 BCL DA . 0.58 -38.51 -8.11
C13 BCL DA . 0.44 -37.08 -8.61
C14 BCL DA . 0.23 -36.12 -7.45
C15 BCL DA . -0.70 -36.97 -9.62
C16 BCL DA . -0.55 -37.97 -10.76
C17 BCL DA . -1.61 -37.72 -11.84
C18 BCL DA . -1.36 -38.60 -13.05
C19 BCL DA . 0.11 -38.59 -13.48
C20 BCL DA . -2.27 -38.21 -14.21
MG BCL EA . -12.81 -35.19 -15.95
CHA BCL EA . -12.84 -34.84 -12.58
CHB BCL EA . -9.65 -36.38 -15.72
CHC BCL EA . -12.75 -35.24 -19.31
CHD BCL EA . -15.62 -33.01 -16.25
NA BCL EA . -11.43 -35.47 -14.43
C1A BCL EA . -11.57 -35.34 -13.18
C2A BCL EA . -10.40 -35.70 -12.32
C3A BCL EA . -9.34 -35.99 -13.37
C4A BCL EA . -10.22 -36.01 -14.58
CMA BCL EA . -8.34 -34.84 -13.47
CAA BCL EA . -10.70 -36.93 -11.48
CBA BCL EA . -9.66 -37.11 -10.38
CGA BCL EA . -8.72 -38.21 -10.82
O1A BCL EA . -9.02 -39.37 -10.65
O2A BCL EA . -7.45 -37.88 -11.44
NB BCL EA . -11.38 -35.70 -17.31
C1B BCL EA . -10.15 -36.15 -17.08
C2B BCL EA . -9.35 -36.51 -18.28
C3B BCL EA . -10.35 -36.25 -19.37
C4B BCL EA . -11.56 -35.79 -18.62
CMB BCL EA . -8.23 -37.52 -18.30
CAB BCL EA . -10.26 -36.48 -20.84
OBB BCL EA . -11.29 -36.56 -21.49
CBB BCL EA . -8.93 -36.59 -21.53
NC BCL EA . -14.01 -34.42 -17.44
C1C BCL EA . -13.76 -34.57 -18.76
C2C BCL EA . -14.76 -33.89 -19.63
C3C BCL EA . -15.90 -33.75 -18.65
C4C BCL EA . -15.10 -33.75 -17.39
CMC BCL EA . -14.50 -33.00 -20.83
CAC BCL EA . -17.16 -34.55 -18.92
CBC BCL EA . -18.28 -33.55 -19.09
ND BCL EA . -14.28 -34.39 -14.77
C1D BCL EA . -15.35 -33.62 -14.95
C2D BCL EA . -15.70 -32.92 -13.71
C3D BCL EA . -14.70 -33.40 -12.73
C4D BCL EA . -13.90 -34.29 -13.44
CMD BCL EA . -16.82 -31.95 -13.49
CAD BCL EA . -14.22 -33.34 -11.32
OBD BCL EA . -14.72 -32.64 -10.38
CBD BCL EA . -13.06 -34.26 -11.23
CGD BCL EA . -12.02 -33.65 -10.34
O1D BCL EA . -11.37 -32.70 -10.68
O2D BCL EA . -11.78 -34.24 -9.03
CED BCL EA . -10.68 -33.80 -8.25
C1 BCL EA . -6.62 -38.92 -11.96
C2 BCL EA . -6.74 -38.94 -13.46
C3 BCL EA . -7.48 -39.87 -14.09
C4 BCL EA . -8.21 -40.91 -13.30
C5 BCL EA . -7.57 -39.84 -15.60
C6 BCL EA . -8.05 -41.21 -16.10
C7 BCL EA . -9.31 -41.11 -16.97
C8 BCL EA . -10.38 -40.17 -16.41
C9 BCL EA . -11.28 -40.90 -15.43
C10 BCL EA . -11.19 -39.54 -17.54
C11 BCL EA . -10.89 -40.15 -18.91
C12 BCL EA . -11.88 -39.69 -19.96
C13 BCL EA . -11.65 -40.41 -21.28
C14 BCL EA . -10.16 -40.42 -21.64
C15 BCL EA . -12.46 -39.76 -22.39
C16 BCL EA . -12.38 -40.56 -23.68
C17 BCL EA . -13.44 -41.65 -23.72
C18 BCL EA . -13.48 -42.36 -25.06
C19 BCL EA . -13.28 -41.39 -26.22
C20 BCL EA . -14.78 -43.15 -25.23
C1M CRT FA . 0.22 -42.53 9.40
O1 CRT FA . -0.71 -43.55 9.08
C1 CRT FA . -1.24 -44.35 10.15
C2 CRT FA . -0.07 -45.04 10.82
C3 CRT FA . -1.97 -43.42 11.11
C4 CRT FA . -2.21 -45.39 9.58
C5 CRT FA . -3.42 -44.86 8.87
C6 CRT FA . -3.43 -44.16 7.75
C7 CRT FA . -4.56 -43.63 7.10
C8 CRT FA . -5.87 -43.72 7.78
C9 CRT FA . -4.51 -43.03 5.84
C10 CRT FA . -5.52 -42.50 5.06
C11 CRT FA . -5.31 -42.05 3.77
C12 CRT FA . -6.22 -41.51 2.83
C13 CRT FA . -7.59 -41.18 3.26
C14 CRT FA . -5.84 -41.29 1.50
C15 CRT FA . -6.56 -40.77 0.44
C16 CRT FA . -6.01 -40.62 -0.81
C17 CRT FA . -6.55 -40.05 -1.98
C18 CRT FA . -7.97 -39.64 -1.99
C19 CRT FA . -5.78 -39.85 -3.13
C20 CRT FA . -6.12 -39.23 -4.32
C21 CRT FA . -5.28 -38.85 -5.35
C22 CRT FA . -5.53 -38.19 -6.53
C23 CRT FA . -4.61 -37.62 -7.42
C24 CRT FA . -3.17 -37.76 -7.12
C25 CRT FA . -4.99 -36.92 -8.56
C26 CRT FA . -4.23 -36.13 -9.40
C27 CRT FA . -4.73 -35.46 -10.50
C28 CRT FA . -4.11 -34.50 -11.31
C29 CRT FA . -2.72 -34.08 -11.02
C30 CRT FA . -4.78 -33.90 -12.39
C31 CRT FA . -4.44 -32.78 -13.12
C32 CRT FA . -5.10 -32.34 -14.25
C33 CRT FA . -4.85 -31.21 -15.03
C34 CRT FA . -3.94 -30.16 -14.49
C35 CRT FA . -5.33 -31.05 -16.33
C36 CRT FA . -6.25 -30.18 -16.75
C37 CRT FA . -7.19 -29.39 -15.90
C38 CRT FA . -8.09 -28.39 -16.64
C39 CRT FA . -8.74 -29.07 -17.84
C40 CRT FA . -9.14 -27.83 -15.69
O2 CRT FA . -7.28 -27.30 -17.12
C2M CRT FA . -7.92 -26.23 -17.79
MG BCL GA . -19.92 -33.00 -10.56
CHA BCL GA . -17.41 -35.10 -9.74
CHB BCL GA . -20.16 -32.11 -7.30
CHC BCL GA . -22.57 -31.18 -11.44
CHD BCL GA . -20.15 -34.63 -13.73
NA BCL GA . -19.02 -33.57 -8.80
C1A BCL GA . -18.03 -34.34 -8.62
C2A BCL GA . -17.49 -34.45 -7.23
C3A BCL GA . -18.62 -33.79 -6.44
C4A BCL GA . -19.31 -33.10 -7.58
CMA BCL GA . -19.54 -34.83 -5.83
CAA BCL GA . -16.19 -33.68 -7.06
CBA BCL GA . -15.72 -33.86 -5.64
CGA BCL GA . -14.23 -33.60 -5.54
O1A BCL GA . -13.72 -32.70 -6.17
O2A BCL GA . -13.43 -34.44 -4.66
NB BCL GA . -21.23 -31.85 -9.48
C1B BCL GA . -21.11 -31.47 -8.22
C2B BCL GA . -21.89 -30.26 -7.84
C3B BCL GA . -22.69 -30.05 -9.08
C4B BCL GA . -22.18 -31.10 -10.01
CMB BCL GA . -22.26 -29.88 -6.43
CAB BCL GA . -23.87 -29.17 -9.34
OBB BCL GA . -24.65 -29.48 -10.21
CBB BCL GA . -24.08 -27.91 -8.56
NC BCL GA . -21.13 -32.92 -12.24
C1C BCL GA . -22.19 -32.12 -12.31
C2C BCL GA . -23.04 -32.32 -13.53
C3C BCL GA . -22.15 -33.22 -14.36
C4C BCL GA . -21.10 -33.58 -13.35
CMC BCL GA . -24.55 -32.25 -13.63
CAC BCL GA . -21.91 -32.78 -15.79
CBC BCL GA . -20.66 -31.93 -15.80
ND BCL GA . -18.84 -34.22 -11.80
C1D BCL GA . -18.85 -34.59 -13.07
C2D BCL GA . -17.87 -35.68 -13.28
C3D BCL GA . -17.28 -35.90 -11.93
C4D BCL GA . -17.92 -34.99 -11.10
CMD BCL GA . -17.53 -36.41 -14.55
CAD BCL GA . -16.30 -36.67 -11.11
OBD BCL GA . -15.52 -37.60 -11.54
CBD BCL GA . -16.39 -36.17 -9.73
CGD BCL GA . -16.39 -37.33 -8.78
O1D BCL GA . -17.23 -38.21 -8.85
O2D BCL GA . -15.36 -37.43 -7.76
CED BCL GA . -15.53 -38.36 -6.70
C1 BCL GA . -12.01 -34.35 -4.70
C2 BCL GA . -11.49 -33.93 -3.35
C3 BCL GA . -11.30 -34.81 -2.35
C4 BCL GA . -10.78 -34.30 -1.04
C5 BCL GA . -11.62 -36.27 -2.54
C6 BCL GA . -10.92 -37.12 -1.49
C7 BCL GA . -11.46 -38.55 -1.51
C8 BCL GA . -11.21 -39.28 -0.19
C9 BCL GA . -11.00 -40.78 -0.42
C10 BCL GA . -12.41 -39.09 0.74
C11 BCL GA . -12.10 -38.09 1.86
C12 BCL GA . -13.27 -37.14 2.03
C13 BCL GA . -13.04 -35.86 1.23
C14 BCL GA . -12.66 -34.71 2.15
C15 BCL GA . -14.27 -35.53 0.41
C16 BCL GA . -14.70 -36.68 -0.49
C17 BCL GA . -15.74 -36.23 -1.51
C18 BCL GA . -16.10 -37.35 -2.47
C19 BCL GA . -14.87 -38.09 -2.95
C20 BCL GA . -16.91 -36.82 -3.65
C1M CRT HA . -12.16 -36.47 20.52
O1 CRT HA . -13.41 -37.09 20.31
C1 CRT HA . -14.12 -37.63 21.44
C2 CRT HA . -13.24 -38.69 22.08
C3 CRT HA . -14.40 -36.48 22.41
C4 CRT HA . -15.44 -38.25 20.95
C5 CRT HA . -16.40 -37.31 20.30
C6 CRT HA . -16.67 -37.27 19.00
C7 CRT HA . -17.55 -36.39 18.33
C8 CRT HA . -18.43 -35.53 19.14
C9 CRT HA . -17.61 -36.31 16.93
C10 CRT HA . -18.41 -35.52 16.12
C11 CRT HA . -18.33 -35.56 14.75
C12 CRT HA . -19.07 -34.88 13.77
C13 CRT HA . -20.04 -33.84 14.19
C14 CRT HA . -18.91 -35.15 12.41
C15 CRT HA . -19.52 -34.59 11.30
C16 CRT HA . -19.21 -34.98 10.02
C17 CRT HA . -19.66 -34.47 8.79
C18 CRT HA . -20.80 -33.53 8.78
C19 CRT HA . -19.07 -34.81 7.56
C20 CRT HA . -19.34 -34.34 6.31
C21 CRT HA . -18.63 -34.49 5.14
C22 CRT HA . -18.84 -34.01 3.86
C23 CRT HA . -17.98 -34.03 2.76
C24 CRT HA . -16.65 -34.67 2.92
C25 CRT HA . -18.31 -33.46 1.53
C26 CRT HA . -17.51 -33.24 0.43
C27 CRT HA . -17.91 -32.63 -0.74
C28 CRT HA . -17.13 -32.21 -1.83
C29 CRT HA . -15.68 -32.53 -1.82
C30 CRT HA . -17.66 -31.49 -2.92
C31 CRT HA . -16.97 -30.92 -3.97
C32 CRT HA . -17.43 -30.28 -5.11
C33 CRT HA . -16.67 -29.82 -6.18
C34 CRT HA . -15.20 -29.73 -6.00
C35 CRT HA . -17.18 -29.48 -7.44
C36 CRT HA . -18.39 -29.05 -7.79
C37 CRT HA . -19.21 -27.99 -7.11
C38 CRT HA . -19.56 -26.77 -7.98
C39 CRT HA . -20.44 -27.20 -9.15
C40 CRT HA . -20.24 -25.70 -7.14
O2 CRT HA . -18.35 -26.22 -8.51
C2M CRT HA . -18.42 -25.06 -9.32
MG BCL IA . -25.89 -30.68 -5.42
CHA BCL IA . -25.33 -29.70 -2.24
CHB BCL IA . -23.48 -33.01 -5.08
CHC BCL IA . -26.64 -31.63 -8.52
CHD BCL IA . -28.56 -28.31 -5.64
NA BCL IA . -24.73 -31.40 -3.85
C1A BCL IA . -24.50 -30.84 -2.73
C2A BCL IA . -23.35 -31.36 -1.92
C3A BCL IA . -22.68 -32.27 -2.94
C4A BCL IA . -23.73 -32.27 -4.00
CMA BCL IA . -21.39 -31.62 -3.46
CAA BCL IA . -23.84 -32.16 -0.72
CBA BCL IA . -22.69 -32.51 0.22
CGA BCL IA . -22.32 -33.95 0.01
O1A BCL IA . -23.00 -34.85 0.46
O2A BCL IA . -21.14 -34.30 -0.77
NB BCL IA . -25.08 -32.07 -6.68
C1B BCL IA . -24.10 -32.92 -6.41
C2B BCL IA . -23.68 -33.77 -7.55
C3B BCL IA . -24.70 -33.39 -8.58
C4B BCL IA . -25.56 -32.39 -7.87
CMB BCL IA . -22.90 -35.06 -7.43
CAB BCL IA . -24.98 -33.96 -9.93
OBB BCL IA . -26.08 -33.80 -10.44
CBB BCL IA . -23.93 -34.70 -10.69
NC BCL IA . -27.37 -30.17 -6.76
C1C BCL IA . -27.34 -30.59 -8.03
C2C BCL IA . -28.17 -29.77 -8.96
C3C BCL IA . -29.06 -29.06 -7.98
C4C BCL IA . -28.26 -29.24 -6.73
CMC BCL IA . -27.80 -29.28 -10.36
CAC BCL IA . -30.57 -29.29 -8.12
CBC BCL IA . -31.18 -27.94 -8.39
ND BCL IA . -26.67 -29.08 -4.45
C1D BCL IA . -27.44 -28.06 -4.76
C2D BCL IA . -27.52 -27.14 -3.60
C3D BCL IA . -26.66 -27.77 -2.57
C4D BCL IA . -26.20 -28.94 -3.15
CMD BCL IA . -28.28 -25.85 -3.54
CAD BCL IA . -26.10 -27.70 -1.19
OBD BCL IA . -26.31 -26.77 -0.33
CBD BCL IA . -25.28 -28.91 -0.99
CGD BCL IA . -24.01 -28.53 -0.28
O1D BCL IA . -23.15 -27.89 -0.83
O2D BCL IA . -23.80 -28.93 1.10
CED BCL IA . -22.54 -28.72 1.70
C1 BCL IA . -20.85 -35.66 -1.08
C2 BCL IA . -21.30 -35.97 -2.50
C3 BCL IA . -22.36 -36.73 -2.74
C4 BCL IA . -23.11 -37.32 -1.58
C5 BCL IA . -22.77 -37.01 -4.17
C6 BCL IA . -23.85 -38.10 -4.24
C7 BCL IA . -25.29 -37.59 -4.31
C8 BCL IA . -25.44 -36.11 -4.67
C9 BCL IA . -25.68 -35.28 -3.43
C10 BCL IA . -26.61 -35.96 -5.63
C11 BCL IA . -26.22 -36.32 -7.05
C12 BCL IA . -27.39 -36.12 -8.00
C13 BCL IA . -27.43 -37.23 -9.04
C14 BCL IA . -26.05 -37.44 -9.68
C15 BCL IA . -28.48 -36.91 -10.10
C16 BCL IA . -28.53 -38.04 -11.14
C17 BCL IA . -29.83 -38.00 -11.94
C18 BCL IA . -30.97 -38.75 -11.25
C19 BCL IA . -30.46 -39.91 -10.40
C20 BCL IA . -32.00 -39.24 -12.26
MG BCL JA . -31.04 -25.19 -0.29
CHA BCL JA . -29.21 -27.79 0.84
CHB BCL JA . -30.51 -23.65 2.67
CHC BCL JA . -33.06 -22.78 -1.39
CHD BCL JA . -32.31 -27.26 -2.88
NA BCL JA . -30.13 -25.67 1.50
C1A BCL JA . -29.41 -26.66 1.79
C2A BCL JA . -28.77 -26.68 3.15
C3A BCL JA . -29.49 -25.51 3.80
C4A BCL JA . -30.05 -24.88 2.57
CMA BCL JA . -30.62 -26.02 4.69
CAA BCL JA . -27.27 -26.40 3.03
CBA BCL JA . -26.69 -26.39 4.43
CGA BCL JA . -25.20 -26.58 4.38
O1A BCL JA . -24.53 -26.01 3.54
O2A BCL JA . -24.55 -27.44 5.35
NB BCL JA . -31.74 -23.48 0.56
C1B BCL JA . -31.38 -22.93 1.72
C2B BCL JA . -31.79 -21.53 1.93
C3B BCL JA . -32.44 -21.23 0.62
C4B BCL JA . -32.44 -22.54 -0.07
CMB BCL JA . -31.13 -20.59 2.89
CAB BCL JA . -33.33 -20.07 0.25
OBB BCL JA . -34.25 -20.25 -0.51
CBB BCL JA . -33.08 -18.70 0.80
NC BCL JA . -32.40 -25.03 -1.84
C1C BCL JA . -33.14 -23.94 -2.05
C2C BCL JA . -34.16 -24.08 -3.12
C3C BCL JA . -33.70 -25.35 -3.78
C4C BCL JA . -32.75 -25.87 -2.75
CMC BCL JA . -35.58 -23.52 -3.14
CAC BCL JA . -33.46 -25.27 -5.29
CBC BCL JA . -31.98 -25.00 -5.48
ND BCL JA . -30.61 -26.94 -1.27
C1D BCL JA . -30.98 -27.56 -2.37
C2D BCL JA . -30.50 -28.96 -2.34
C3D BCL JA . -29.79 -29.07 -1.04
C4D BCL JA . -29.89 -27.81 -0.46
CMD BCL JA . -30.69 -30.03 -3.36
CAD BCL JA . -29.00 -29.94 -0.14
OBD BCL JA . -28.70 -31.17 -0.34
CBD BCL JA . -28.65 -29.14 1.06
CGD BCL JA . -28.88 -29.97 2.28
O1D BCL JA . -29.95 -30.51 2.49
O2D BCL JA . -27.82 -30.12 3.26
CED BCL JA . -28.12 -30.71 4.53
C1 BCL JA . -23.18 -27.76 5.20
C2 BCL JA . -22.38 -27.28 6.39
C3 BCL JA . -22.37 -27.95 7.55
C4 BCL JA . -21.56 -27.40 8.68
C5 BCL JA . -23.16 -29.22 7.73
C6 BCL JA . -22.66 -30.02 8.92
C7 BCL JA . -23.60 -31.17 9.25
C8 BCL JA . -23.44 -31.67 10.68
C9 BCL JA . -23.77 -33.16 10.78
C10 BCL JA . -24.35 -30.89 11.62
C11 BCL JA . -23.58 -29.88 12.46
C12 BCL JA . -24.33 -28.55 12.50
C13 BCL JA . -23.82 -27.61 11.43
C14 BCL JA . -22.96 -26.51 12.04
C15 BCL JA . -24.97 -27.02 10.62
C16 BCL JA . -25.88 -28.10 10.06
C17 BCL JA . -26.84 -27.54 9.02
C18 BCL JA . -27.69 -28.64 8.41
C19 BCL JA . -26.85 -29.87 8.05
C20 BCL JA . -28.46 -28.14 7.18
C1M CRT KA . -20.17 -24.35 30.10
O1 CRT KA . -21.59 -24.44 30.15
C1 CRT KA . -22.24 -24.38 31.43
C2 CRT KA . -21.71 -25.51 32.29
C3 CRT KA . -21.93 -23.01 32.03
C4 CRT KA . -23.75 -24.54 31.22
C5 CRT KA . -24.41 -23.48 30.38
C6 CRT KA . -24.88 -23.65 29.15
C7 CRT KA . -25.51 -22.68 28.34
C8 CRT KA . -25.89 -21.39 28.95
C9 CRT KA . -25.78 -22.89 26.98
C10 CRT KA . -26.38 -22.06 26.06
C11 CRT KA . -26.55 -22.41 24.74
C12 CRT KA . -27.16 -21.72 23.68
C13 CRT KA . -27.71 -20.36 23.92
C14 CRT KA . -27.28 -22.28 22.40
C15 CRT KA . -27.86 -21.80 21.25
C16 CRT KA . -27.85 -22.53 20.08
C17 CRT KA . -28.35 -22.22 18.82
C18 CRT KA . -29.21 -21.03 18.64
C19 CRT KA . -28.05 -23.01 17.70
C20 CRT KA . -28.39 -22.82 16.37
C21 CRT KA . -27.89 -23.48 15.26
C22 CRT KA . -28.13 -23.33 13.91
C23 CRT KA . -27.41 -23.87 12.84
C24 CRT KA . -26.30 -24.81 13.13
C25 CRT KA . -27.70 -23.57 11.51
C26 CRT KA . -26.98 -23.88 10.37
C27 CRT KA . -27.38 -23.53 9.09
C28 CRT KA . -26.68 -23.64 7.88
C29 CRT KA . -25.34 -24.26 7.88
C30 CRT KA . -27.22 -23.17 6.67
C31 CRT KA . -26.60 -22.94 5.47
C32 CRT KA . -27.24 -22.59 4.30
C33 CRT KA . -26.69 -22.28 3.05
C34 CRT KA . -25.24 -22.03 2.96
C35 CRT KA . -27.44 -22.28 1.87
C36 CRT KA . -27.81 -21.24 1.13
C37 CRT KA . -27.78 -19.80 1.53
C38 CRT KA . -28.12 -18.80 0.43
C39 CRT KA . -29.41 -19.21 -0.27
C40 CRT KA . -28.24 -17.40 1.02
O2 CRT KA . -27.05 -18.80 -0.54
C2M CRT KA . -27.14 -17.90 -1.64
MG BCL LA . -35.04 -19.74 4.50
CHA BCL LA . -33.79 -18.39 7.33
CHB BCL LA . -33.67 -22.70 5.36
CHC BCL LA . -36.64 -21.09 1.87
CHD BCL LA . -36.24 -16.61 3.40
NA BCL LA . -34.03 -20.47 6.15
C1A BCL LA . -33.46 -19.82 7.07
C2A BCL LA . -32.41 -20.52 7.87
C3A BCL LA . -32.28 -21.83 7.10
C4A BCL LA . -33.48 -21.69 6.22
CMA BCL LA . -31.01 -21.85 6.26
CAA BCL LA . -32.90 -20.77 9.30
CBA BCL LA . -31.76 -21.26 10.19
CGA BCL LA . -31.91 -22.75 10.38
O1A BCL LA . -32.77 -23.18 11.13
O2A BCL LA . -31.07 -23.68 9.66
NB BCL LA . -35.01 -21.59 3.64
C1B BCL LA . -34.30 -22.65 4.03
C2B BCL LA . -34.37 -23.83 3.14
C3B BCL LA . -35.38 -23.36 2.14
C4B BCL LA . -35.76 -22.00 2.62
CMB BCL LA . -34.10 -25.25 3.58
CAB BCL LA . -36.00 -24.08 0.98
OBB BCL LA . -37.05 -23.67 0.52
CBB BCL LA . -35.34 -25.27 0.37
NC BCL LA . -36.39 -19.05 3.10
C1C BCL LA . -36.78 -19.77 2.04
C2C BCL LA . -37.42 -18.96 0.96
C3C BCL LA . -37.77 -17.72 1.73
C4C BCL LA . -36.74 -17.85 2.80
CMC BCL LA . -37.16 -19.04 -0.53
CAC BCL LA . -39.24 -17.40 1.93
CBC BCL LA . -39.47 -16.03 1.35
ND BCL LA . -35.40 -17.89 5.28
C1D BCL LA . -35.82 -16.73 4.78
C2D BCL LA . -35.24 -15.60 5.52
C3D BCL LA . -34.41 -16.24 6.57
C4D BCL LA . -34.57 -17.61 6.35
CMD BCL LA . -35.46 -14.14 5.25
CAD BCL LA . -33.52 -16.05 7.74
OBD BCL LA . -33.15 -14.93 8.24
CBD BCL LA . -33.14 -17.40 8.22
CGD BCL LA . -31.71 -17.40 8.65
O1D BCL LA . -30.81 -17.48 7.84
O2D BCL LA . -31.37 -17.30 10.06
CED BCL LA . -30.08 -17.67 10.50
C1 BCL LA . -31.31 -25.09 9.74
C2 BCL LA . -31.98 -25.54 8.47
C3 BCL LA . -33.29 -25.81 8.45
C4 BCL LA . -34.12 -25.67 9.70
C5 BCL LA . -33.94 -26.26 7.17
C6 BCL LA . -35.26 -26.95 7.47
C7 BCL LA . -36.45 -26.28 6.79
C8 BCL LA . -36.39 -24.74 6.79
C9 BCL LA . -37.07 -24.19 8.04
C10 BCL LA . -37.03 -24.17 5.54
C11 BCL LA . -37.65 -25.25 4.67
C12 BCL LA . -38.56 -24.71 3.57
C13 BCL LA . -39.24 -25.88 2.85
C14 BCL LA . -38.19 -26.78 2.21
C15 BCL LA . -40.24 -25.38 1.82
C16 BCL LA . -40.84 -26.56 1.07
C17 BCL LA . -42.21 -26.23 0.48
C18 BCL LA . -43.35 -26.53 1.45
C19 BCL LA . -43.03 -27.67 2.41
C20 BCL LA . -44.64 -26.83 0.70
MG BCL MA . -37.30 -11.81 8.38
CHA BCL MA . -36.23 -14.59 9.99
CHB BCL MA . -35.92 -9.97 10.88
CHC BCL MA . -38.57 -9.15 6.87
CHD BCL MA . -39.58 -13.80 6.53
NA BCL MA . -36.31 -12.20 10.17
C1A BCL MA . -35.91 -13.30 10.64
C2A BCL MA . -35.10 -13.26 11.89
C3A BCL MA . -35.30 -11.81 12.31
C4A BCL MA . -35.85 -11.29 11.01
CMA BCL MA . -36.35 -11.71 13.41
CAA BCL MA . -33.63 -13.53 11.59
CBA BCL MA . -32.84 -13.33 12.87
CGA BCL MA . -31.58 -14.16 12.84
O1A BCL MA . -30.86 -14.16 11.85
O2A BCL MA . -31.22 -14.96 14.00
NB BCL MA . -37.29 -9.84 8.84
C1B BCL MA . -36.61 -9.22 9.81
C2B BCL MA . -36.44 -7.75 9.65
C3B BCL MA . -37.17 -7.52 8.37
C4B BCL MA . -37.75 -8.87 8.06
CMB BCL MA . -35.39 -6.91 10.30
CAB BCL MA . -37.59 -6.25 7.71
OBB BCL MA . -38.63 -6.22 7.07
CBB BCL MA . -36.75 -5.01 7.81
NC BCL MA . -38.75 -11.52 6.95
C1C BCL MA . -39.12 -10.31 6.53
C2C BCL MA . -40.29 -10.30 5.59
C3C BCL MA . -40.41 -11.78 5.29
C4C BCL MA . -39.50 -12.36 6.33
CMC BCL MA . -41.40 -9.27 5.52
CAC BCL MA . -40.45 -12.15 3.81
CBC BCL MA . -39.03 -12.45 3.39
ND BCL MA . -37.60 -13.78 7.85
C1D BCL MA . -38.34 -14.45 6.99
C2D BCL MA . -38.36 -15.88 7.35
C3D BCL MA . -37.51 -15.96 8.56
C4D BCL MA . -37.10 -14.66 8.79
CMD BCL MA . -39.06 -17.01 6.65
CAD BCL MA . -36.92 -16.84 9.61
OBD BCL MA . -37.09 -18.10 9.72
CBD BCL MA . -36.12 -15.97 10.51
CGD BCL MA . -36.43 -16.36 11.93
O1D BCL MA . -37.57 -16.37 12.34
O2D BCL MA . -35.36 -16.73 12.83
CED BCL MA . -35.61 -16.78 14.22
C1 BCL MA . -30.10 -15.84 13.96
C2 BCL MA . -28.97 -15.26 14.76
C3 BCL MA . -28.80 -15.55 16.05
C4 BCL MA . -27.64 -14.94 16.79
C5 BCL MA . -29.74 -16.50 16.77
C6 BCL MA . -29.11 -16.98 18.08
C7 BCL MA . -30.18 -17.44 19.07
C8 BCL MA . -29.69 -17.35 20.52
C9 BCL MA . -29.83 -18.68 21.24
C10 BCL MA . -30.50 -16.29 21.27
C11 BCL MA . -29.60 -15.18 21.79
C12 BCL MA . -29.98 -13.85 21.13
C13 BCL MA . -29.36 -13.75 19.75
C14 BCL MA . -28.09 -12.90 19.78
C15 BCL MA . -30.37 -13.15 18.78
C16 BCL MA . -31.65 -13.98 18.73
C17 BCL MA . -32.62 -13.43 17.69
C18 BCL MA . -33.81 -14.36 17.48
C19 BCL MA . -33.36 -15.81 17.31
C20 BCL MA . -34.67 -13.92 16.31
C1M CRT NA . -22.08 -8.29 36.65
O1 CRT NA . -23.43 -7.89 36.83
C1 CRT NA . -23.83 -7.34 38.10
C2 CRT NA . -23.56 -8.40 39.16
C3 CRT NA . -23.03 -6.08 38.36
C4 CRT NA . -25.32 -7.02 38.04
C5 CRT NA . -25.73 -5.99 37.03
C6 CRT NA . -26.42 -6.23 35.91
C7 CRT NA . -26.81 -5.30 34.96
C8 CRT NA . -26.64 -3.85 35.24
C9 CRT NA . -27.36 -5.67 33.71
C10 CRT NA . -27.78 -4.89 32.66
C11 CRT NA . -28.28 -5.43 31.49
C12 CRT NA . -28.76 -4.82 30.34
C13 CRT NA . -28.74 -3.34 30.24
C14 CRT NA . -29.25 -5.58 29.26
C15 CRT NA . -29.82 -5.18 28.07
C16 CRT NA . -30.22 -6.10 27.13
C17 CRT NA . -30.77 -5.93 25.86
C18 CRT NA . -31.18 -4.56 25.43
C19 CRT NA . -30.93 -6.99 24.95
C20 CRT NA . -31.41 -6.98 23.67
C21 CRT NA . -31.35 -8.01 22.74
C22 CRT NA . -31.75 -8.07 21.43
C23 CRT NA . -31.43 -9.06 20.48
C24 CRT NA . -30.61 -10.21 20.91
C25 CRT NA . -31.85 -8.99 19.14
C26 CRT NA . -31.42 -9.73 18.06
C27 CRT NA . -31.90 -9.56 16.78
C28 CRT NA . -31.44 -10.13 15.57
C29 CRT NA . -30.32 -11.09 15.63
C30 CRT NA . -32.02 -9.80 14.34
C31 CRT NA . -31.55 -10.06 13.08
C32 CRT NA . -32.27 -9.80 11.92
C33 CRT NA . -31.86 -9.93 10.58
C34 CRT NA . -30.42 -10.19 10.31
C35 CRT NA . -32.75 -9.91 9.51
C36 CRT NA . -32.81 -9.02 8.53
C37 CRT NA . -32.22 -7.65 8.51
C38 CRT NA . -32.33 -6.88 7.19
C39 CRT NA . -33.76 -6.91 6.69
C40 CRT NA . -31.84 -5.45 7.38
O2 CRT NA . -31.48 -7.53 6.21
C2M CRT NA . -31.38 -6.96 4.92
MG BCL OA . -38.50 -4.41 11.88
CHA BCL OA . -36.38 -3.03 14.10
CHB BCL OA . -38.01 -7.40 13.31
CHC BCL OA . -40.87 -5.57 9.86
CHD BCL OA . -39.22 -1.14 10.58
NA BCL OA . -37.51 -5.09 13.57
C1A BCL OA . -36.60 -4.49 14.23
C2A BCL OA . -35.75 -5.33 15.14
C3A BCL OA . -36.18 -6.73 14.72
C4A BCL OA . -37.38 -6.38 13.88
CMA BCL OA . -35.12 -7.38 13.85
CAA BCL OA . -36.09 -5.07 16.60
CBA BCL OA . -35.04 -5.70 17.52
CGA BCL OA . -35.61 -6.97 18.09
O1A BCL OA . -36.42 -6.94 18.98
O2A BCL OA . -35.19 -8.26 17.55
NB BCL OA . -39.17 -6.28 11.48
C1B BCL OA . -38.78 -7.41 12.06
C2B BCL OA . -39.37 -8.65 11.48
C3B BCL OA . -40.39 -8.06 10.55
C4B BCL OA . -40.20 -6.59 10.70
CMB BCL OA . -39.40 -9.98 12.18
CAB BCL OA . -41.21 -8.71 9.48
OBB BCL OA . -41.58 -8.05 8.53
CBB BCL OA . -41.59 -10.16 9.56
NC BCL OA . -39.78 -3.55 10.52
C1C BCL OA . -40.52 -4.29 9.68
C2C BCL OA . -40.97 -3.56 8.46
C3C BCL OA . -40.83 -2.13 8.94
C4C BCL OA . -39.91 -2.34 10.09
CMC BCL OA . -40.92 -4.03 7.01
CAC BCL OA . -42.09 -1.28 8.95
CBC BCL OA . -41.91 -0.22 7.89
ND BCL OA . -37.83 -2.49 11.95
C1D BCL OA . -37.94 -1.40 11.22
C2D BCL OA . -37.06 -0.34 11.75
C3D BCL OA . -36.40 -0.98 12.92
C4D BCL OA . -36.93 -2.26 12.97
CMD BCL OA . -36.88 1.03 11.20
CAD BCL OA . -35.44 -0.83 14.06
OBD BCL OA . -34.76 0.22 14.34
CBD BCL OA . -35.43 -2.12 14.79
CGD BCL OA . -34.02 -2.47 15.14
O1D BCL OA . -33.27 -2.98 14.32
O2D BCL OA . -33.52 -2.21 16.48
CED BCL OA . -32.28 -2.77 16.89
C1 BCL OA . -35.85 -9.46 17.97
C2 BCL OA . -36.83 -9.88 16.90
C3 BCL OA . -38.14 -9.68 17.06
C4 BCL OA . -38.66 -9.05 18.31
C5 BCL OA . -39.09 -10.11 15.97
C6 BCL OA . -40.49 -10.24 16.54
C7 BCL OA . -41.52 -9.30 15.90
C8 BCL OA . -40.95 -7.93 15.51
C9 BCL OA . -41.21 -6.92 16.61
C10 BCL OA . -41.56 -7.46 14.19
C11 BCL OA . -42.80 -8.27 13.82
C12 BCL OA . -43.49 -7.75 12.57
C13 BCL OA . -44.66 -8.68 12.22
C14 BCL OA . -44.18 -10.12 12.11
C15 BCL OA . -45.33 -8.22 10.93
C16 BCL OA . -46.40 -9.23 10.51
C17 BCL OA . -47.70 -8.55 10.09
C18 BCL OA . -48.62 -8.26 11.26
C19 BCL OA . -48.54 -9.33 12.35
C20 BCL OA . -50.07 -8.10 10.78
MG BCL PA . -37.29 4.55 13.73
CHA BCL PA . -36.95 2.04 15.94
CHB BCL PA . -34.90 6.25 15.42
CHC BCL PA . -37.86 7.10 11.65
CHD BCL PA . -40.33 3.11 12.61
NA BCL PA . -36.26 4.29 15.50
C1A BCL PA . -36.14 3.25 16.22
C2A BCL PA . -35.17 3.29 17.34
C3A BCL PA . -34.77 4.77 17.33
C4A BCL PA . -35.35 5.14 16.00
CMA BCL PA . -35.49 5.52 18.45
CAA BCL PA . -33.96 2.42 17.05
CBA BCL PA . -33.03 2.47 18.24
CGA BCL PA . -32.10 1.27 18.25
O1A BCL PA . -31.71 0.80 17.20
O2A BCL PA . -31.68 0.71 19.51
NB BCL PA . -36.53 6.44 13.60
C1B BCL PA . -35.43 6.89 14.20
C2B BCL PA . -34.79 8.09 13.60
C3B BCL PA . -35.77 8.38 12.51
C4B BCL PA . -36.79 7.32 12.64
CMB BCL PA . -33.90 9.05 14.34
CAB BCL PA . -35.83 9.54 11.57
OBB BCL PA . -36.89 9.80 11.03
CBB BCL PA . -34.62 10.36 11.26
NC BCL PA . -38.76 4.98 12.35
C1C BCL PA . -38.79 6.14 11.66
C2C BCL PA . -40.02 6.32 10.82
C3C BCL PA . -40.64 4.95 10.92
C4C BCL PA . -39.83 4.35 12.03
CMC BCL PA . -40.75 7.62 10.54
CAC BCL PA . -41.00 4.29 9.59
CBC BCL PA . -39.83 3.42 9.20
ND BCL PA . -38.28 2.76 13.75
C1D BCL PA . -39.33 2.20 13.14
C2D BCL PA . -39.74 1.00 13.88
C3D BCL PA . -38.78 0.91 15.02
C4D BCL PA . -37.95 2.00 14.87
CMD BCL PA . -40.86 0.05 13.56
CAD BCL PA . -38.36 0.15 16.23
OBD BCL PA . -38.91 -0.91 16.68
CBD BCL PA . -37.21 0.87 16.81
CGD BCL PA . -37.40 0.93 18.30
O1D BCL PA . -38.42 1.39 18.78
O2D BCL PA . -36.37 0.43 19.18
CED BCL PA . -36.55 0.57 20.59
C1 BCL PA . -30.93 -0.51 19.52
C2 BCL PA . -29.62 -0.31 20.24
C3 BCL PA . -29.53 -0.34 21.58
C4 BCL PA . -28.20 -0.14 22.22
C5 BCL PA . -30.76 -0.59 22.43
C6 BCL PA . -30.37 -1.02 23.84
C7 BCL PA . -31.56 -0.93 24.80
C8 BCL PA . -31.14 -0.84 26.26
C9 BCL PA . -32.13 -1.58 27.16
C10 BCL PA . -31.05 0.60 26.70
C11 BCL PA . -29.62 1.09 26.81
C12 BCL PA . -29.48 2.45 26.13
C13 BCL PA . -29.02 2.29 24.69
C14 BCL PA . -27.55 2.67 24.55
C15 BCL PA . -29.89 3.12 23.76
C16 BCL PA . -31.36 2.75 23.88
C17 BCL PA . -32.19 3.37 22.76
C18 BCL PA . -33.66 3.00 22.88
C19 BCL PA . -33.83 1.52 23.18
C20 BCL PA . -34.43 3.39 21.61
C1M CRT QA . -18.12 8.44 38.70
O1 CRT QA . -19.10 9.39 39.05
C1 CRT QA . -18.83 10.32 40.12
C2 CRT QA . -18.57 9.50 41.37
C3 CRT QA . -17.60 11.13 39.72
C4 CRT QA . -20.03 11.25 40.32
C5 CRT QA . -20.41 12.12 39.17
C6 CRT QA . -20.89 11.70 38.01
C7 CRT QA . -21.24 12.50 36.89
C8 CRT QA . -20.91 13.95 36.93
C9 CRT QA . -21.90 12.00 35.76
C10 CRT QA . -22.33 12.64 34.61
C11 CRT QA . -23.05 12.02 33.63
C12 CRT QA . -23.58 12.52 32.42
C13 CRT QA . -23.22 13.89 32.00
C14 CRT QA . -24.44 11.75 31.63
C15 CRT QA . -25.09 12.08 30.45
C16 CRT QA . -25.95 11.19 29.81
C17 CRT QA . -26.63 11.31 28.60
C18 CRT QA . -26.67 12.62 27.92
C19 CRT QA . -27.27 10.21 27.99
C20 CRT QA . -27.88 10.14 26.76
C21 CRT QA . -28.35 9.03 26.09
C22 CRT QA . -28.91 8.88 24.84
C23 CRT QA . -29.15 7.68 24.13
C24 CRT QA . -28.87 6.40 24.81
C25 CRT QA . -29.65 7.65 22.83
C26 CRT QA . -29.77 6.58 21.96
C27 CRT QA . -30.20 6.64 20.65
C28 CRT QA . -30.22 5.64 19.67
C29 CRT QA . -29.77 4.28 20.06
C30 CRT QA . -30.63 5.85 18.35
C31 CRT QA . -30.59 4.98 17.28
C32 CRT QA . -31.05 5.14 15.99
C33 CRT QA . -31.03 4.19 14.95
C34 CRT QA . -30.22 2.97 15.16
C35 CRT QA . -31.74 4.30 13.75
C36 CRT QA . -32.24 5.36 13.13
C37 CRT QA . -31.54 6.64 12.79
C38 CRT QA . -31.46 6.95 11.29
C39 CRT QA . -32.85 7.12 10.71
C40 CRT QA . -30.60 8.19 11.06
O2 CRT QA . -30.82 5.86 10.62
C2M CRT QA . -30.60 5.95 9.22
MG BCL RA . -35.50 12.45 15.37
CHA BCL RA . -32.66 13.41 16.97
CHB BCL RA . -35.61 9.75 17.38
CHC BCL RA . -38.21 11.53 13.64
CHD BCL RA . -34.86 14.76 12.73
NA BCL RA . -34.25 11.61 16.79
C1A BCL RA . -33.22 12.08 17.36
C2A BCL RA . -32.57 11.25 18.43
C3A BCL RA . -33.45 10.00 18.38
C4A BCL RA . -34.55 10.53 17.52
CMA BCL RA . -32.71 8.87 17.67
CAA BCL RA . -32.68 11.93 19.79
CBA BCL RA . -31.88 11.18 20.85
CGA BCL RA . -32.82 10.36 21.71
O1A BCL RA . -33.49 10.90 22.58
O2A BCL RA . -32.95 8.93 21.51
NB BCL RA . -36.68 10.81 15.43
C1B BCL RA . -36.62 9.80 16.31
C2B BCL RA . -37.69 8.77 16.17
C3B BCL RA . -38.53 9.38 15.10
C4B BCL RA . -37.82 10.64 14.75
CMB BCL RA . -38.09 7.78 17.24
CAB BCL RA . -39.77 8.88 14.43
OBB BCL RA . -40.46 9.65 13.80
CBB BCL RA . -40.16 7.43 14.52
NC BCL RA . -36.41 13.10 13.65
C1C BCL RA . -37.52 12.55 13.13
C2C BCL RA . -37.97 13.20 11.86
C3C BCL RA . -37.25 14.51 11.96
C4C BCL RA . -36.14 14.06 12.85
CMC BCL RA . -38.40 12.52 10.58
CAC BCL RA . -38.08 15.77 12.13
CBC BCL RA . -38.16 16.42 10.77
ND BCL RA . -34.32 14.09 14.99
C1D BCL RA . -34.16 14.95 14.00
C2D BCL RA . -32.84 15.57 14.05
C3D BCL RA . -32.21 14.97 15.25
C4D BCL RA . -33.17 14.10 15.76
CMD BCL RA . -32.26 16.57 13.09
CAD BCL RA . -31.01 14.92 16.12
OBD BCL RA . -29.92 15.59 15.96
CBD BCL RA . -31.30 13.96 17.21
CGD BCL RA . -30.06 13.18 17.51
O1D BCL RA . -29.63 12.34 16.75
O2D BCL RA . -29.37 13.43 18.77
CED BCL RA . -28.30 12.57 19.16
C1 BCL RA . -33.90 8.18 22.26
C2 BCL RA . -35.13 7.95 21.42
C3 BCL RA . -36.29 8.58 21.70
C4 BCL RA . -36.34 9.50 22.89
C5 BCL RA . -37.51 8.33 20.85
C6 BCL RA . -38.75 8.99 21.45
C7 BCL RA . -39.12 10.36 20.89
C8 BCL RA . -38.34 10.77 19.65
C9 BCL RA . -37.17 11.69 20.01
C10 BCL RA . -39.27 11.52 18.70
C11 BCL RA . -40.23 10.57 18.01
C12 BCL RA . -41.18 11.32 17.08
C13 BCL RA . -42.55 10.65 17.08
C14 BCL RA . -42.44 9.15 16.81
C15 BCL RA . -43.44 11.33 16.04
C16 BCL RA . -44.81 10.64 16.00
C17 BCL RA . -45.87 11.52 15.35
C18 BCL RA . -46.51 12.48 16.35
C19 BCL RA . -46.61 11.87 17.75
C20 BCL RA . -47.88 12.92 15.87
MG BCL SA . -31.17 20.42 14.60
CHA BCL SA . -31.37 18.56 17.42
CHB BCL SA . -28.13 21.52 15.66
CHC BCL SA . -31.19 22.49 11.99
CHD BCL SA . -34.67 19.97 14.13
NA BCL SA . -29.98 20.16 16.28
C1A BCL SA . -30.14 19.39 17.26
C2A BCL SA . -29.04 19.32 18.28
C3A BCL SA . -28.20 20.51 17.85
C4A BCL SA . -28.80 20.74 16.50
CMA BCL SA . -28.45 21.72 18.75
CAA BCL SA . -28.25 18.04 18.14
CBA BCL SA . -27.13 18.06 19.17
CGA BCL SA . -26.60 16.67 19.41
O1A BCL SA . -26.45 15.89 18.49
O2A BCL SA . -26.27 16.26 20.77
NB BCL SA . -29.86 21.83 13.94
C1B BCL SA . -28.61 22.04 14.37
C2B BCL SA . -27.71 22.72 13.42
C3B BCL SA . -28.68 23.14 12.36
C4B BCL SA . -29.97 22.52 12.81
CMB BCL SA . -26.39 23.36 13.78
CAB BCL SA . -28.52 24.03 11.16
OBB BCL SA . -29.51 24.47 10.63
CBB BCL SA . -27.17 24.36 10.62
NC BCL SA . -32.63 21.09 13.30
C1C BCL SA . -32.38 21.97 12.33
C2C BCL SA . -33.58 22.39 11.56
C3C BCL SA . -34.59 21.37 12.02
C4C BCL SA . -33.88 20.80 13.21
CMC BCL SA . -33.89 23.77 11.01
CAC BCL SA . -35.30 20.59 10.94
CBC BCL SA . -34.50 19.32 10.72
ND BCL SA . -32.70 19.21 15.20
C1D BCL SA . -33.94 18.92 14.82
C2D BCL SA . -34.61 18.11 15.86
C3D BCL SA . -33.58 17.95 16.91
C4D BCL SA . -32.47 18.64 16.44
CMD BCL SA . -36.01 17.55 15.86
CAD BCL SA . -33.24 17.38 18.25
OBD BCL SA . -34.02 16.67 18.99
CBD BCL SA . -31.85 17.76 18.56
CGD BCL SA . -31.78 18.22 19.99
O1D BCL SA . -32.48 19.12 20.40
O2D BCL SA . -30.87 17.58 20.92
CED BCL SA . -30.59 18.21 22.15
C1 BCL SA . -26.01 14.90 21.06
C2 BCL SA . -24.62 14.74 21.62
C3 BCL SA . -24.34 14.98 22.90
C4 BCL SA . -22.94 14.80 23.38
C5 BCL SA . -25.42 15.45 23.86
C6 BCL SA . -25.02 15.20 25.31
C7 BCL SA . -26.01 15.85 26.27
C8 BCL SA . -25.40 16.14 27.64
C9 BCL SA . -26.47 16.11 28.73
C10 BCL SA . -24.71 17.49 27.63
C11 BCL SA . -23.20 17.38 27.61
C12 BCL SA . -22.61 18.40 26.64
C13 BCL SA . -22.41 17.77 25.27
C14 BCL SA . -20.94 17.49 25.01
C15 BCL SA . -23.00 18.65 24.17
C16 BCL SA . -24.46 19.00 24.46
C17 BCL SA . -25.15 19.56 23.21
C18 BCL SA . -26.63 19.83 23.48
C19 BCL SA . -27.28 18.68 24.24
C20 BCL SA . -27.38 20.14 22.21
C1M CRT TA . -8.48 22.84 36.56
O1 CRT TA . -7.44 23.78 36.40
C1 CRT TA . -7.32 24.86 37.36
C2 CRT TA . -7.30 24.25 38.75
C3 CRT TA . -6.01 25.56 37.04
C4 CRT TA . -8.50 25.83 37.21
C5 CRT TA . -8.64 26.51 35.89
C6 CRT TA . -9.68 26.36 35.06
C7 CRT TA . -9.88 26.98 33.81
C8 CRT TA . -8.93 28.02 33.37
C9 CRT TA . -10.94 26.62 32.96
C10 CRT TA . -11.24 27.07 31.68
C11 CRT TA . -12.35 26.64 30.98
C12 CRT TA . -12.80 26.95 29.68
C13 CRT TA . -11.97 27.84 28.83
C14 CRT TA . -14.02 26.47 29.20
C15 CRT TA . -14.63 26.64 27.97
C16 CRT TA . -15.84 26.05 27.66
C17 CRT TA . -16.57 26.06 26.47
C18 CRT TA . -16.17 26.98 25.38
C19 CRT TA . -17.65 25.19 26.24
C20 CRT TA . -18.43 25.04 25.12
C21 CRT TA . -19.32 24.02 24.83
C22 CRT TA . -20.13 23.78 23.75
C23 CRT TA . -20.82 22.60 23.41
C24 CRT TA . -20.73 21.45 24.35
C25 CRT TA . -21.57 22.44 22.24
C26 CRT TA . -22.09 21.30 21.68
C27 CRT TA . -22.79 21.25 20.50
C28 CRT TA . -23.23 20.14 19.77
C29 CRT TA . -22.98 18.78 20.29
C30 CRT TA . -23.91 20.27 18.54
C31 CRT TA . -24.19 19.32 17.59
C32 CRT TA . -24.97 19.52 16.47
C33 CRT TA . -25.24 18.64 15.41
C34 CRT TA . -24.44 17.41 15.30
C35 CRT TA . -26.28 18.83 14.50
C36 CRT TA . -26.20 19.18 13.22
C37 CRT TA . -24.99 19.72 12.52
C38 CRT TA . -25.13 19.91 11.00
C39 CRT TA . -26.40 20.68 10.68
C40 CRT TA . -23.90 20.61 10.45
O2 CRT TA . -25.22 18.60 10.39
C2M CRT TA . -25.31 18.53 8.97
MG BCL UA . -26.54 27.46 13.99
CHA BCL UA . -23.33 27.62 15.06
CHB BCL UA . -27.23 25.47 16.62
CHC BCL UA . -29.65 27.22 12.77
CHD BCL UA . -25.61 28.76 10.80
NA BCL UA . -25.44 26.54 15.48
C1A BCL UA . -24.24 26.72 15.83
C2A BCL UA . -23.75 25.99 17.04
C3A BCL UA . -24.97 25.15 17.39
C4A BCL UA . -25.96 25.83 16.49
CMA BCL UA . -24.77 23.71 16.95
CAA BCL UA . -23.43 26.98 18.16
CBA BCL UA . -22.65 26.30 19.29
CGA BCL UA . -23.60 26.04 20.43
O1A BCL UA . -23.87 26.92 21.22
O2A BCL UA . -24.22 24.73 20.59
NB BCL UA . -28.19 26.42 14.58
C1B BCL UA . -28.32 25.64 15.65
C2B BCL UA . -29.67 25.05 15.85
C3B BCL UA . -30.42 25.69 14.73
C4B BCL UA . -29.41 26.53 14.05
CMB BCL UA . -30.20 24.56 17.18
CAB BCL UA . -31.86 25.52 14.30
OBB BCL UA . -32.30 26.24 13.43
CBB BCL UA . -32.73 24.48 14.91
NC BCL UA . -27.45 28.00 12.22
C1C BCL UA . -28.75 27.77 11.95
C2C BCL UA . -29.15 28.20 10.58
C3C BCL UA . -28.05 29.20 10.30
C4C BCL UA . -27.01 28.59 11.18
CMC BCL UA . -29.93 27.41 9.54
CAC BCL UA . -28.44 30.66 10.22
CBC BCL UA . -28.02 31.15 8.86
ND BCL UA . -24.95 28.42 13.11
C1D BCL UA . -24.69 28.92 11.91
C2D BCL UA . -23.23 28.99 11.69
C3D BCL UA . -22.66 28.48 12.95
C4D BCL UA . -23.76 28.16 13.75
CMD BCL UA . -22.52 29.48 10.46
CAD BCL UA . -21.41 28.17 13.72
OBD BCL UA . -20.21 28.34 13.31
CBD BCL UA . -21.84 27.66 15.04
CGD BCL UA . -20.92 26.56 15.48
O1D BCL UA . -21.01 25.44 15.02
O2D BCL UA . -19.90 26.84 16.47
CED BCL UA . -19.23 25.77 17.13
C1 BCL UA . -25.20 24.52 21.60
C2 BCL UA . -26.57 24.51 20.96
C3 BCL UA . -27.39 25.55 21.06
C4 BCL UA . -26.97 26.77 21.83
C5 BCL UA . -28.75 25.50 20.40
C6 BCL UA . -29.64 26.58 20.98
C7 BCL UA . -30.16 27.57 19.92
C8 BCL UA . -29.10 27.99 18.91
C9 BCL UA . -28.34 29.21 19.40
C10 BCL UA . -29.74 28.27 17.55
C11 BCL UA . -31.24 28.06 17.56
C12 BCL UA . -31.94 28.71 16.37
C13 BCL UA . -33.44 28.72 16.62
C14 BCL UA . -33.96 27.32 16.96
C15 BCL UA . -34.19 29.30 15.42
C16 BCL UA . -35.69 29.18 15.62
C17 BCL UA . -36.46 30.27 14.87
C18 BCL UA . -36.60 31.55 15.68
C19 BCL UA . -36.67 31.29 17.17
C20 BCL UA . -37.83 32.34 15.23
MG BCL VA . -19.99 32.92 10.92
CHA BCL VA . -20.37 31.89 14.10
CHB BCL VA . -16.64 32.96 11.42
CHC BCL VA . -19.73 34.11 7.82
CHD BCL VA . -23.46 33.66 10.79
NA BCL VA . -18.71 32.62 12.52
C1A BCL VA . -18.97 32.17 13.68
C2A BCL VA . -17.81 31.92 14.59
C3A BCL VA . -16.69 32.59 13.80
C4A BCL VA . -17.38 32.68 12.48
CMA BCL VA . -16.41 33.98 14.35
CAA BCL VA . -17.54 30.44 14.75
CBA BCL VA . -16.30 30.26 15.61
CGA BCL VA . -16.28 28.90 16.22
O1A BCL VA . -16.56 27.91 15.56
O2A BCL VA . -15.90 28.74 17.62
NB BCL VA . -18.40 33.56 9.81
C1B BCL VA . -17.10 33.44 10.11
C2B BCL VA . -16.18 33.84 9.02
C3B BCL VA . -17.12 33.96 7.88
C4B BCL VA . -18.45 33.86 8.52
CMB BCL VA . -14.70 33.53 9.01
CAB BCL VA . -16.88 34.46 6.47
OBB BCL VA . -17.76 35.05 5.90
CBB BCL VA . -15.57 34.22 5.78
NC BCL VA . -21.32 33.75 9.58
C1C BCL VA . -20.94 34.21 8.38
C2C BCL VA . -22.02 34.91 7.62
C3C BCL VA . -23.23 34.51 8.42
C4C BCL VA . -22.58 33.95 9.65
CMC BCL VA . -21.89 36.16 6.76
CAC BCL VA . -24.36 33.87 7.63
CBC BCL VA . -24.13 32.38 7.66
ND BCL VA . -21.72 32.48 11.90
C1D BCL VA . -23.03 32.58 11.68
C2D BCL VA . -23.77 32.31 12.93
C3D BCL VA . -22.71 32.03 13.93
C4D BCL VA . -21.51 32.15 13.23
CMD BCL VA . -25.25 32.31 13.17
CAD BCL VA . -22.38 31.66 15.34
OBD BCL VA . -23.23 31.46 16.28
CBD BCL VA . -20.91 31.58 15.45
CGD BCL VA . -20.48 32.27 16.71
O1D BCL VA . -20.78 33.43 16.93
O2D BCL VA . -19.68 31.56 17.69
CED BCL VA . -19.10 32.28 18.77
C1 BCL VA . -16.07 27.48 18.26
C2 BCL VA . -14.73 26.94 18.72
C3 BCL VA . -14.18 27.34 19.87
C4 BCL VA . -12.87 26.76 20.26
C5 BCL VA . -14.87 28.37 20.75
C6 BCL VA . -14.35 28.30 22.18
C7 BCL VA . -14.85 29.48 23.00
C8 BCL VA . -13.97 29.79 24.21
C9 BCL VA . -14.79 30.32 25.37
C10 BCL VA . -12.91 30.81 23.82
C11 BCL VA . -11.53 30.19 23.66
C12 BCL VA . -10.88 30.71 22.38
C13 BCL VA . -11.16 29.77 21.22
C14 BCL VA . -9.93 28.94 20.87
C15 BCL VA . -11.64 30.56 20.01
C16 BCL VA . -12.86 31.41 20.33
C17 BCL VA . -13.50 31.96 19.04
C18 BCL VA . -14.76 32.75 19.36
C19 BCL VA . -15.63 32.04 20.39
C20 BCL VA . -15.55 33.03 18.08
C1M CRT WA . 5.98 31.25 29.97
O1 CRT WA . 5.76 32.61 29.66
C1 CRT WA . 6.74 33.58 30.07
C2 CRT WA . 6.85 33.53 31.59
C3 CRT WA . 8.06 33.22 29.41
C4 CRT WA . 6.28 34.98 29.61
C5 CRT WA . 6.15 35.17 28.14
C6 CRT WA . 5.00 35.29 27.48
C7 CRT WA . 4.85 35.50 26.09
C8 CRT WA . 6.04 35.85 25.29
C9 CRT WA . 3.60 35.38 25.44
C10 CRT WA . 3.29 35.54 24.11
C11 CRT WA . 1.99 35.39 23.64
C12 CRT WA . 1.47 35.54 22.35
C13 CRT WA . 2.39 35.86 21.22
C14 CRT WA . 0.10 35.41 22.10
C15 CRT WA . -0.62 35.54 20.93
C16 CRT WA . -1.99 35.34 20.88
C17 CRT WA . -2.87 35.37 19.80
C18 CRT WA . -2.40 35.90 18.50
C19 CRT WA . -4.18 34.89 19.89
C20 CRT WA . -5.14 34.79 18.90
C21 CRT WA . -6.35 34.10 18.92
C22 CRT WA . -7.31 33.94 17.95
C23 CRT WA . -8.38 33.05 17.94
C24 CRT WA . -8.58 32.18 19.11
C25 CRT WA . -9.28 32.94 16.86
C26 CRT WA . -10.26 31.99 16.64
C27 CRT WA . -11.03 31.91 15.49
C28 CRT WA . -11.96 30.93 15.13
C29 CRT WA . -12.27 29.85 16.10
C30 CRT WA . -12.61 30.91 13.89
C31 CRT WA . -13.45 29.93 13.37
C32 CRT WA . -14.18 29.92 12.21
C33 CRT WA . -15.09 28.93 11.80
C34 CRT WA . -15.10 27.66 12.57
C35 CRT WA . -16.00 29.07 10.75
C36 CRT WA . -15.95 29.82 9.66
C37 CRT WA . -14.80 29.98 8.73
C38 CRT WA . -15.08 29.61 7.27
C39 CRT WA . -16.12 30.55 6.67
C40 CRT WA . -13.79 29.61 6.46
O2 CRT WA . -15.63 28.28 7.21
C2M CRT WA . -15.92 27.70 5.95
MG BCL XA . -13.54 37.32 8.10
CHA BCL XA . -10.34 36.65 8.92
CHB BCL XA . -14.45 36.60 11.26
CHC BCL XA . -16.63 38.21 7.22
CHD BCL XA . -12.47 38.33 4.84
NA BCL XA . -12.54 36.88 9.86
C1A BCL XA . -11.34 36.51 10.01
C2A BCL XA . -10.96 35.89 11.33
C3A BCL XA . -12.33 35.72 11.97
C4A BCL XA . -13.15 36.52 11.00
CMA BCL XA . -12.77 34.27 11.94
CAA BCL XA . -10.09 36.84 12.14
CBA BCL XA . -9.46 36.14 13.34
CGA BCL XA . -10.25 36.50 14.57
O1A BCL XA . -10.07 37.57 15.12
O2A BCL XA . -11.24 35.58 15.11
NB BCL XA . -15.34 37.22 9.06
C1B BCL XA . -15.55 36.92 10.34
C2B BCL XA . -16.99 36.82 10.72
C3B BCL XA . -17.63 37.41 9.51
C4B BCL XA . -16.49 37.68 8.59
CMB BCL XA . -17.49 36.76 12.14
CAB BCL XA . -19.05 37.81 9.27
OBB BCL XA . -19.30 38.65 8.42
CBB BCL XA . -20.18 37.18 10.03
NC BCL XA . -14.36 38.19 6.42
C1C BCL XA . -15.69 38.27 6.26
C2C BCL XA . -16.12 38.43 4.84
C3C BCL XA . -14.83 38.91 4.22
C4C BCL XA . -13.86 38.46 5.27
CMC BCL XA . -17.25 37.72 4.11
CAC BCL XA . -14.84 40.28 3.55
CBC BCL XA . -14.24 40.09 2.18
ND BCL XA . -11.92 37.27 6.88
C1D BCL XA . -11.69 37.35 5.59
C2D BCL XA . -10.28 37.04 5.31
C3D BCL XA . -9.70 36.73 6.64
C4D BCL XA . -10.76 36.91 7.53
CMD BCL XA . -9.62 37.01 3.96
CAD BCL XA . -8.50 36.35 7.42
OBD BCL XA . -7.33 36.11 6.95
CBD BCL XA . -8.90 36.30 8.84
CGD BCL XA . -8.28 35.10 9.50
O1D BCL XA . -8.76 33.99 9.36
O2D BCL XA . -7.07 35.23 10.28
CED BCL XA . -6.62 34.15 11.07
C1 BCL XA . -12.07 35.98 16.19
C2 BCL XA . -13.44 36.33 15.65
C3 BCL XA . -13.82 37.62 15.53
C4 BCL XA . -12.89 38.72 15.96
C5 BCL XA . -15.19 37.94 14.98
C6 BCL XA . -15.57 39.37 15.37
C7 BCL XA . -15.79 40.27 14.15
C8 BCL XA . -14.79 40.06 13.02
C9 BCL XA . -13.63 41.04 13.14
C10 BCL XA . -15.46 40.21 11.66
C11 BCL XA . -16.97 40.44 11.78
C12 BCL XA . -17.56 41.12 10.55
C13 BCL XA . -18.94 41.64 10.89
C14 BCL XA . -19.82 40.55 11.47
C15 BCL XA . -19.59 42.27 9.66
C16 BCL XA . -21.02 42.71 9.97
C17 BCL XA . -21.52 43.77 9.00
C18 BCL XA . -21.15 45.19 9.46
C19 BCL XA . -21.12 45.32 10.97
C20 BCL XA . -22.10 46.21 8.85
MG BCL YA . -5.99 39.44 3.32
CHA BCL YA . -6.21 39.27 6.68
CHB BCL YA . -2.75 38.49 3.57
CHC BCL YA . -5.80 39.86 0.01
CHD BCL YA . -9.05 41.23 3.25
NA BCL YA . -4.64 39.11 4.86
C1A BCL YA . -4.87 39.00 6.10
C2A BCL YA . -3.72 38.58 6.97
C3A BCL YA . -2.57 38.64 5.98
C4A BCL YA . -3.38 38.74 4.71
CMA BCL YA . -1.76 39.92 6.17
CAA BCL YA . -3.92 37.17 7.49
CBA BCL YA . -2.83 36.90 8.51
CGA BCL YA . -3.12 35.66 9.31
O1A BCL YA . -3.85 34.79 8.86
O2A BCL YA . -2.53 35.50 10.63
NB BCL YA . -4.46 39.27 1.99
C1B BCL YA . -3.26 38.74 2.20
C2B BCL YA . -2.56 38.23 1.01
C3B BCL YA . -3.38 38.86 -0.07
C4B BCL YA . -4.58 39.36 0.66
CMB BCL YA . -1.13 37.76 0.97
CAB BCL YA . -3.23 38.82 -1.57
OBB BCL YA . -4.14 39.24 -2.26
CBB BCL YA . -2.00 38.29 -2.23
NC BCL YA . -7.18 40.35 1.91
C1C BCL YA . -6.86 40.41 0.61
C2C BCL YA . -7.81 41.21 -0.22
C3C BCL YA . -8.96 41.40 0.74
C4C BCL YA . -8.32 40.94 2.01
CMC BCL YA . -7.46 42.12 -1.39
CAC BCL YA . -10.33 40.99 0.22
CBC BCL YA . -10.49 39.53 0.56
ND BCL YA . -7.64 39.77 4.48
C1D BCL YA . -8.85 40.27 4.34
C2D BCL YA . -9.42 40.58 5.67
C3D BCL YA . -8.37 40.18 6.64
C4D BCL YA . -7.33 39.71 5.84
CMD BCL YA . -10.76 41.17 6.00
CAD BCL YA . -7.96 40.07 8.06
OBD BCL YA . -8.67 40.41 9.07
CBD BCL YA . -6.61 39.49 8.09
CGD BCL YA . -5.77 40.25 9.08
O1D BCL YA . -5.67 41.46 9.03
O2D BCL YA . -5.09 39.54 10.14
CED BCL YA . -4.14 40.23 10.95
C1 BCL YA . -2.97 34.46 11.49
C2 BCL YA . -1.79 33.64 11.95
C3 BCL YA . -0.97 34.09 12.92
C4 BCL YA . 0.17 33.21 13.33
C5 BCL YA . -1.18 35.43 13.57
C6 BCL YA . -0.49 35.50 14.92
C7 BCL YA . -0.49 36.92 15.46
C8 BCL YA . 0.62 37.16 16.50
C9 BCL YA . 0.19 38.18 17.55
C10 BCL YA . 1.87 37.67 15.80
C11 BCL YA . 2.94 36.60 15.69
C12 BCL YA . 3.54 36.60 14.29
C13 BCL YA . 2.81 35.60 13.40
C14 BCL YA . 3.67 34.36 13.15
C15 BCL YA . 2.41 36.26 12.07
C16 BCL YA . 1.59 37.51 12.29
C17 BCL YA . 1.02 38.03 10.97
C18 BCL YA . 0.09 39.22 11.20
C19 BCL YA . -0.88 38.96 12.34
C20 BCL YA . -0.65 39.60 9.92
C1M CRT ZA . 20.23 32.92 20.05
O1 CRT ZA . 20.62 34.20 19.58
C1 CRT ZA . 21.99 34.61 19.73
C2 CRT ZA . 22.31 34.58 21.22
C3 CRT ZA . 22.85 33.61 18.97
C4 CRT ZA . 22.19 36.02 19.16
C5 CRT ZA . 21.90 36.19 17.70
C6 CRT ZA . 20.72 36.05 17.11
C7 CRT ZA . 20.45 36.18 15.73
C8 CRT ZA . 21.58 36.36 14.80
C9 CRT ZA . 19.14 36.17 15.21
C10 CRT ZA . 18.71 36.32 13.91
C11 CRT ZA . 17.37 36.40 13.58
C12 CRT ZA . 16.75 36.57 12.32
C13 CRT ZA . 17.57 36.49 11.10
C14 CRT ZA . 15.38 36.83 12.22
C15 CRT ZA . 14.59 37.00 11.09
C16 CRT ZA . 13.23 37.25 11.18
C17 CRT ZA . 12.26 37.39 10.19
C18 CRT ZA . 12.69 37.41 8.76
C19 CRT ZA . 10.89 37.46 10.47
C20 CRT ZA . 9.82 37.50 9.61
C21 CRT ZA . 8.47 37.35 9.92
C22 CRT ZA . 7.35 37.35 9.13
C23 CRT ZA . 6.05 36.95 9.47
C24 CRT ZA . 5.79 36.54 10.87
C25 CRT ZA . 4.99 36.92 8.56
C26 CRT ZA . 3.73 36.37 8.68
C27 CRT ZA . 2.78 36.38 7.69
C28 CRT ZA . 1.56 35.70 7.62
C29 CRT ZA . 1.15 34.83 8.74
C30 CRT ZA . 0.71 35.81 6.51
C31 CRT ZA . -0.38 35.05 6.15
C32 CRT ZA . -1.24 35.33 5.11
C33 CRT ZA . -2.34 34.59 4.65
C34 CRT ZA . -2.52 33.21 5.16
C35 CRT ZA . -3.33 35.13 3.82
C36 CRT ZA . -3.59 34.80 2.56
C37 CRT ZA . -2.71 34.02 1.63
C38 CRT ZA . -3.29 33.72 0.25
C39 CRT ZA . -3.89 34.98 -0.35
C40 CRT ZA . -2.21 33.14 -0.65
O2 CRT ZA . -4.34 32.74 0.39
C2M CRT ZA . -4.99 32.26 -0.77
MG BCL AB . 0.97 40.47 -0.90
CHA BCL AB . 3.88 38.92 -0.20
CHB BCL AB . 0.35 40.71 2.39
CHC BCL AB . -1.78 42.16 -1.75
CHD BCL AB . 1.75 40.28 -4.40
NA BCL AB . 2.03 40.07 0.83
C1A BCL AB . 3.08 39.35 0.97
C2A BCL AB . 3.45 38.94 2.36
C3A BCL AB . 2.19 39.34 3.12
C4A BCL AB . 1.51 40.14 2.06
CMA BCL AB . 1.37 38.10 3.48
CAA BCL AB . 4.66 39.72 2.87
CBA BCL AB . 5.15 39.18 4.20
CGA BCL AB . 4.71 40.11 5.31
O1A BCL AB . 5.30 41.14 5.51
O2A BCL AB . 3.56 39.78 6.12
NB BCL AB . -0.57 41.22 0.19
C1B BCL AB . -0.72 41.20 1.50
C2B BCL AB . -1.97 41.82 2.02
C3B BCL AB . -2.56 42.33 0.74
C4B BCL AB . -1.56 41.98 -0.29
CMB BCL AB . -2.12 42.39 3.41
CAB BCL AB . -3.83 43.08 0.51
OBB BCL AB . -3.99 43.69 -0.53
CBB BCL AB . -4.93 43.09 1.54
NC BCL AB . 0.20 41.17 -2.69
C1C BCL AB . -1.05 41.67 -2.76
C2C BCL AB . -1.62 41.64 -4.13
C3C BCL AB . -0.36 41.53 -4.95
C4C BCL AB . 0.56 40.98 -3.90
CMC BCL AB . -3.01 41.18 -4.55
CAC BCL AB . -0.05 42.67 -5.90
CBC BCL AB . 0.10 42.07 -7.28
ND BCL AB . 2.26 39.57 -2.20
C1D BCL AB . 2.30 39.29 -3.48
C2D BCL AB . 3.48 38.47 -3.78
C3D BCL AB . 4.14 38.30 -2.47
C4D BCL AB . 3.35 38.99 -1.56
CMD BCL AB . 3.88 37.93 -5.13
CAD BCL AB . 5.28 37.70 -1.70
OBD BCL AB . 6.23 36.98 -2.19
CBD BCL AB . 5.12 38.09 -0.29
CGD BCL AB . 5.39 36.90 0.59
O1D BCL AB . 4.64 35.95 0.60
O2D BCL AB . 6.57 36.87 1.42
CED BCL AB . 6.74 35.80 2.34
C1 BCL AB . 3.07 40.70 7.10
C2 BCL AB . 1.86 41.43 6.56
C3 BCL AB . 1.93 42.71 6.20
C4 BCL AB . 3.24 43.45 6.34
C5 BCL AB . 0.70 43.41 5.67
C6 BCL AB . 0.94 44.92 5.52
C7 BCL AB . 1.33 45.38 4.11
C8 BCL AB . 1.11 44.35 3.01
C9 BCL AB . 2.42 43.65 2.66
C10 BCL AB . 0.57 45.04 1.77
C11 BCL AB . -0.87 45.48 1.97
C12 BCL AB . -1.44 46.07 0.68
C13 BCL AB . -2.50 47.12 1.00
C14 BCL AB . -3.60 46.53 1.89
C15 BCL AB . -3.09 47.69 -0.28
C16 BCL AB . -4.14 48.73 0.03
C17 BCL AB . -4.42 49.65 -1.15
C18 BCL AB . -3.44 50.83 -1.22
C19 BCL AB . -2.97 51.27 0.16
C20 BCL AB . -4.06 52.00 -1.97
MG BCL BB . 7.95 38.61 -6.61
CHA BCL BB . 8.28 39.37 -3.34
CHB BCL BB . 10.70 36.64 -6.34
CHC BCL BB . 7.69 38.10 -9.89
CHD BCL BB . 5.74 41.38 -6.97
NA BCL BB . 9.29 38.12 -5.12
C1A BCL BB . 9.28 38.43 -3.89
C2A BCL BB . 10.33 37.81 -3.01
C3A BCL BB . 11.28 37.26 -4.07
C4A BCL BB . 10.36 37.32 -5.25
CMA BCL BB . 12.46 38.19 -4.28
CAA BCL BB . 9.74 36.70 -2.16
CBA BCL BB . 10.87 36.13 -1.31
CGA BCL BB . 10.31 35.41 -0.12
O1A BCL BB . 9.31 34.72 -0.21
O2A BCL BB . 10.99 35.53 1.16
NB BCL BB . 9.07 37.54 -7.94
C1B BCL BB . 10.09 36.73 -7.68
C2B BCL BB . 10.55 35.88 -8.81
C3B BCL BB . 9.53 36.24 -9.85
C4B BCL BB . 8.74 37.33 -9.21
CMB BCL BB . 11.33 34.62 -8.67
CAB BCL BB . 9.52 35.93 -11.32
OBB BCL BB . 9.07 36.76 -12.09
CBB BCL BB . 10.05 34.64 -11.85
NC BCL BB . 6.94 39.56 -8.13
C1C BCL BB . 7.06 39.18 -9.42
C2C BCL BB . 6.39 40.11 -10.38
C3C BCL BB . 5.56 40.94 -9.46
C4C BCL BB . 6.14 40.56 -8.13
CMC BCL BB . 6.89 40.51 -11.76
CAC BCL BB . 4.08 41.05 -9.79
CBC BCL BB . 3.36 39.95 -9.02
ND BCL BB . 6.78 39.86 -5.48
C1D BCL BB . 5.79 40.71 -5.67
C2D BCL BB . 5.55 41.47 -4.43
C3D BCL BB . 6.55 40.94 -3.48
C4D BCL BB . 7.24 39.98 -4.18
CMD BCL BB . 4.52 42.54 -4.18
CAD BCL BB . 7.11 41.01 -2.09
OBD BCL BB . 6.70 41.79 -1.16
CBD BCL BB . 8.20 40.02 -2.01
CGD BCL BB . 9.37 40.64 -1.30
O1D BCL BB . 9.88 41.66 -1.69
O2D BCL BB . 9.90 40.01 -0.11
CED BCL BB . 11.18 40.41 0.37
C1 BCL BB . 10.38 35.02 2.34
C2 BCL BB . 11.26 33.99 3.00
C3 BCL BB . 12.30 34.34 3.76
C4 BCL BB . 13.14 33.25 4.38
C5 BCL BB . 12.64 35.80 4.00
C6 BCL BB . 13.52 35.96 5.23
C7 BCL BB . 14.10 37.37 5.30
C8 BCL BB . 15.34 37.46 6.18
C9 BCL BB . 15.42 38.82 6.87
C10 BCL BB . 16.58 37.25 5.34
C11 BCL BB . 17.18 35.87 5.53
C12 BCL BB . 17.57 35.27 4.17
C13 BCL BB . 16.44 34.38 3.65
C14 BCL BB . 16.81 32.91 3.78
C15 BCL BB . 16.12 34.73 2.21
C16 BCL BB . 15.76 36.21 2.05
C17 BCL BB . 15.17 36.49 0.67
C18 BCL BB . 14.79 37.96 0.53
C19 BCL BB . 14.08 38.48 1.78
C20 BCL BB . 13.94 38.19 -0.72
C1M CRT CB . 33.32 26.79 9.79
O1 CRT CB . 33.77 27.72 8.81
C1 CRT CB . 35.18 28.01 8.71
C2 CRT CB . 35.65 28.50 10.07
C3 CRT CB . 35.90 26.73 8.32
C4 CRT CB . 35.39 29.09 7.64
C5 CRT CB . 34.91 28.74 6.26
C6 CRT CB . 33.84 29.28 5.68
C7 CRT CB . 33.36 29.03 4.38
C8 CRT CB . 34.18 28.20 3.47
C9 CRT CB . 32.13 29.51 3.92
C10 CRT CB . 31.52 29.36 2.69
C11 CRT CB . 30.30 29.94 2.41
C12 CRT CB . 29.54 29.95 1.22
C13 CRT CB . 30.00 29.14 0.07
C14 CRT CB . 28.37 30.72 1.11
C15 CRT CB . 27.48 30.85 0.07
C16 CRT CB . 26.37 31.65 0.15
C17 CRT CB . 25.32 31.83 -0.76
C18 CRT CB . 25.46 31.31 -2.13
C19 CRT CB . 24.12 32.47 -0.41
C20 CRT CB . 22.98 32.66 -1.15
C21 CRT CB . 21.74 33.08 -0.74
C22 CRT CB . 20.56 33.24 -1.42
C23 CRT CB . 19.27 33.45 -0.90
C24 CRT CB . 19.10 33.53 0.56
C25 CRT CB . 18.14 33.59 -1.71
C26 CRT CB . 16.81 33.56 -1.36
C27 CRT CB . 15.77 33.72 -2.25
C28 CRT CB . 14.40 33.52 -2.07
C29 CRT CB . 13.91 33.13 -0.74
C30 CRT CB . 13.47 33.68 -3.12
C31 CRT CB . 12.15 33.31 -3.17
C32 CRT CB . 11.26 33.61 -4.19
C33 CRT CB . 9.91 33.23 -4.30
C34 CRT CB . 9.39 32.18 -3.41
C35 CRT CB . 9.02 33.87 -5.18
C36 CRT CB . 8.51 33.40 -6.30
C37 CRT CB . 8.99 32.21 -7.08
C38 CRT CB . 8.10 31.80 -8.28
C39 CRT CB . 7.82 33.01 -9.15
C40 CRT CB . 8.78 30.69 -9.06
O2 CRT CB . 6.85 31.30 -7.76
C2M CRT CB . 5.89 30.80 -8.68
MG BCL DB . 14.16 36.18 -11.47
CHA BCL DB . 16.43 33.86 -10.57
CHB BCL DB . 14.18 37.38 -8.33
CHC BCL DB . 12.01 38.49 -12.55
CHD BCL DB . 14.33 34.98 -14.85
NA BCL DB . 15.28 35.83 -9.77
C1A BCL DB . 16.00 34.82 -9.51
C2A BCL DB . 16.41 34.61 -8.08
C3A BCL DB . 15.49 35.60 -7.38
C4A BCL DB . 15.02 36.36 -8.57
CMA BCL DB . 14.32 34.89 -6.72
CAA BCL DB . 17.88 34.95 -7.85
CBA BCL DB . 18.34 34.55 -6.45
CGA BCL DB . 18.42 35.78 -5.59
O1A BCL DB . 19.35 36.55 -5.71
O2A BCL DB . 17.38 36.06 -4.62
NB BCL DB . 13.13 37.66 -10.52
C1B BCL DB . 13.23 38.02 -9.25
C2B BCL DB . 12.30 39.11 -8.83
C3B BCL DB . 11.70 39.48 -10.14
C4B BCL DB . 12.37 38.57 -11.12
CMB BCL DB . 12.48 39.94 -7.58
CAB BCL DB . 10.78 40.61 -10.50
OBB BCL DB . 10.73 40.99 -11.66
CBB BCL DB . 9.91 41.25 -9.47
NC BCL DB . 13.41 36.71 -13.33
C1C BCL DB . 12.40 37.59 -13.45
C2C BCL DB . 11.68 37.48 -14.75
C3C BCL DB . 12.69 36.73 -15.58
C4C BCL DB . 13.52 36.15 -14.48
CMC BCL DB . 10.17 37.51 -14.98
CAC BCL DB . 13.21 37.41 -16.83
CBC BCL DB . 12.86 36.51 -17.99
ND BCL DB . 14.86 34.62 -12.56
C1D BCL DB . 14.61 34.07 -13.73
C2D BCL DB . 15.38 32.83 -13.88
C3D BCL DB . 16.13 32.71 -12.60
C4D BCL DB . 15.76 33.83 -11.88
CMD BCL DB . 15.36 31.90 -15.07
CAD BCL DB . 17.09 31.92 -11.79
OBD BCL DB . 17.65 30.83 -12.13
CBD BCL DB . 17.29 32.65 -10.51
CGD BCL DB . 17.30 31.67 -9.38
O1D BCL DB . 16.28 31.10 -9.03
O2D BCL DB . 18.53 31.38 -8.68
CED BCL DB . 18.50 30.60 -7.50
C1 BCL DB . 17.38 37.29 -3.90
C2 BCL DB . 16.40 38.26 -4.52
C3 BCL DB . 16.83 39.32 -5.20
C4 BCL DB . 18.31 39.57 -5.33
C5 BCL DB . 15.83 40.27 -5.83
C6 BCL DB . 16.50 41.54 -6.34
C7 BCL DB . 16.86 41.54 -7.82
C8 BCL DB . 16.19 40.46 -8.66
C9 BCL DB . 17.14 39.29 -8.89
C10 BCL DB . 15.76 41.04 -9.99
C11 BCL DB . 14.47 41.82 -9.88
C12 BCL DB . 14.05 42.38 -11.23
C13 BCL DB . 13.46 43.77 -11.07
C14 BCL DB . 12.42 43.82 -9.95
C15 BCL DB . 12.85 44.23 -12.39
C16 BCL DB . 12.28 45.64 -12.25
C17 BCL DB . 12.09 46.31 -13.61
C18 BCL DB . 13.36 47.00 -14.11
C19 BCL DB . 14.22 47.52 -12.98
C20 BCL DB . 13.00 48.12 -15.08
MG BCL EB . 19.10 30.78 -16.90
CHA BCL EB . 20.12 32.04 -13.95
CHB BCL EB . 21.04 28.06 -16.32
CHC BCL EB . 18.24 29.72 -19.94
CHD BCL EB . 17.93 34.01 -17.84
NA BCL EB . 20.44 30.20 -15.44
C1A BCL EB . 20.70 30.74 -14.34
C2A BCL EB . 21.64 30.01 -13.42
C3A BCL EB . 22.17 28.93 -14.36
C4A BCL EB . 21.12 29.05 -15.42
CMA BCL EB . 23.52 29.33 -14.93
CAA BCL EB . 20.88 29.38 -12.26
CBA BCL EB . 21.88 28.65 -11.37
CGA BCL EB . 21.30 28.40 -10.02
O1A BCL EB . 20.13 28.08 -9.89
O2A BCL EB . 22.13 28.57 -8.84
NB BCL EB . 19.63 29.15 -18.00
C1B BCL EB . 20.33 28.10 -17.60
C2B BCL EB . 20.29 26.92 -18.50
C3B BCL EB . 19.31 27.38 -19.52
C4B BCL EB . 19.07 28.80 -19.16
CMB BCL EB . 20.63 25.50 -18.09
CAB BCL EB . 18.99 26.79 -20.87
OBB BCL EB . 18.76 27.53 -21.80
CBB BCL EB . 18.95 25.30 -21.07
NC BCL EB . 18.23 31.68 -18.56
C1C BCL EB . 18.04 31.03 -19.70
C2C BCL EB . 17.54 31.88 -20.82
C3C BCL EB . 17.14 33.13 -20.06
C4C BCL EB . 17.81 32.86 -18.75
CMC BCL EB . 17.92 31.82 -22.28
CAC BCL EB . 15.70 33.60 -20.27
CBC BCL EB . 14.88 33.01 -19.14
ND BCL EB . 18.58 32.58 -16.06
C1D BCL EB . 17.93 33.67 -16.41
C2D BCL EB . 18.18 34.73 -15.41
C3D BCL EB . 19.06 34.09 -14.40
C4D BCL EB . 19.26 32.80 -14.87
CMD BCL EB . 17.65 36.13 -15.39
CAD BCL EB . 19.81 34.25 -13.12
OBD BCL EB . 19.86 35.31 -12.40
CBD BCL EB . 20.47 32.96 -12.84
CGD BCL EB . 21.87 33.24 -12.38
O1D BCL EB . 22.63 33.93 -13.04
O2D BCL EB . 22.36 32.68 -11.14
CED BCL EB . 23.75 32.76 -10.83
C1 BCL EB . 21.55 28.51 -7.55
C2 BCL EB . 22.14 27.39 -6.73
C3 BCL EB . 23.35 27.50 -6.15
C4 BCL EB . 23.86 26.33 -5.36
C5 BCL EB . 24.17 28.75 -6.29
C6 BCL EB . 25.25 28.82 -5.22
C7 BCL EB . 26.23 29.96 -5.49
C8 BCL EB . 27.57 29.77 -4.78
C9 BCL EB . 28.21 31.11 -4.46
C10 BCL EB . 28.51 28.96 -5.66
C11 BCL EB . 28.66 27.52 -5.18
C12 BCL EB . 28.61 26.57 -6.37
C13 BCL EB . 27.21 26.03 -6.57
C14 BCL EB . 27.09 24.59 -6.12
C15 BCL EB . 26.78 26.18 -8.03
C16 BCL EB . 26.95 27.61 -8.53
C17 BCL EB . 26.26 27.81 -9.88
C18 BCL EB . 26.37 29.27 -10.34
C19 BCL EB . 26.07 30.23 -9.19
C20 BCL EB . 25.48 29.54 -11.53
C1M CRT FB . 41.18 14.50 0.13
O1 CRT FB . 41.81 14.96 -1.05
C1 CRT FB . 43.16 14.56 -1.32
C2 CRT FB . 44.03 15.04 -0.16
C3 CRT FB . 43.18 13.05 -1.45
C4 CRT FB . 43.62 15.21 -2.63
C5 CRT FB . 42.84 14.83 -3.86
C6 CRT FB . 42.01 15.63 -4.52
C7 CRT FB . 41.28 15.30 -5.67
C8 CRT FB . 41.57 14.01 -6.36
C9 CRT FB . 40.26 16.12 -6.18
C10 CRT FB . 39.45 15.94 -7.27
C11 CRT FB . 38.47 16.85 -7.64
C12 CRT FB . 37.57 16.85 -8.71
C13 CRT FB . 37.56 15.70 -9.65
C14 CRT FB . 36.68 17.91 -8.92
C15 CRT FB . 35.74 18.12 -9.90
C16 CRT FB . 34.94 19.24 -9.91
C17 CRT FB . 33.91 19.62 -10.79
C18 CRT FB . 33.70 18.83 -12.02
C19 CRT FB . 33.06 20.68 -10.50
C20 CRT FB . 31.96 21.14 -11.21
C21 CRT FB . 30.99 22.03 -10.80
C22 CRT FB . 29.86 22.50 -11.42
C23 CRT FB . 28.80 23.22 -10.85
C24 CRT FB . 28.89 23.61 -9.43
C25 CRT FB . 27.65 23.58 -11.58
C26 CRT FB . 26.47 24.13 -11.12
C27 CRT FB . 25.41 24.45 -11.94
C28 CRT FB . 24.11 24.84 -11.61
C29 CRT FB . 23.75 25.01 -10.18
C30 CRT FB . 23.13 25.08 -12.58
C31 CRT FB . 21.77 25.20 -12.44
C32 CRT FB . 20.89 25.56 -13.46
C33 CRT FB . 19.49 25.66 -13.43
C34 CRT FB . 18.77 25.06 -12.27
C35 CRT FB . 18.75 26.36 -14.39
C36 CRT FB . 17.95 25.85 -15.32
C37 CRT FB . 17.89 24.44 -15.79
C38 CRT FB . 16.77 24.12 -16.79
C39 CRT FB . 16.78 25.13 -17.92
C40 CRT FB . 16.93 22.71 -17.31
O2 CRT FB . 15.51 24.22 -16.09
C2M CRT FB . 14.32 23.91 -16.81
MG BCL GB . 23.33 25.28 -21.42
CHA BCL GB . 24.81 22.54 -20.08
CHB BCL GB . 24.34 27.07 -18.77
CHC BCL GB . 22.00 27.93 -22.94
CHD BCL GB . 22.59 23.39 -24.37
NA BCL GB . 24.54 24.92 -19.78
C1A BCL GB . 24.92 23.81 -19.30
C2A BCL GB . 25.43 23.80 -17.89
C3A BCL GB . 25.09 25.20 -17.45
C4A BCL GB . 24.72 25.79 -18.78
CMA BCL GB . 23.88 25.21 -16.53
CAA BCL GB . 26.94 23.57 -17.87
CBA BCL GB . 27.44 23.29 -16.45
CGA BCL GB . 28.09 24.54 -15.92
O1A BCL GB . 29.20 24.85 -16.26
O2A BCL GB . 27.37 25.39 -14.99
NB BCL GB . 23.03 27.20 -20.83
C1B BCL GB . 23.43 27.76 -19.70
C2B BCL GB . 23.01 29.18 -19.51
C3B BCL GB . 22.39 29.45 -20.84
C4B BCL GB . 22.55 28.17 -21.59
CMB BCL GB . 23.69 30.15 -18.58
CAB BCL GB . 21.82 30.71 -21.40
OBB BCL GB . 21.70 30.84 -22.61
CBB BCL GB . 21.37 31.83 -20.50
NC BCL GB . 22.52 25.61 -23.28
C1C BCL GB . 21.88 26.75 -23.58
C2C BCL GB . 20.95 26.64 -24.73
C3C BCL GB . 21.46 25.38 -25.38
C4C BCL GB . 22.25 24.80 -24.25
CMC BCL GB . 19.54 27.21 -24.85
CAC BCL GB . 21.90 25.47 -26.83
CBC BCL GB . 21.17 24.40 -27.59
ND BCL GB . 23.30 23.36 -22.11
C1D BCL GB . 22.71 22.70 -23.09
C2D BCL GB . 23.01 21.26 -22.96
C3D BCL GB . 23.84 21.16 -21.74
C4D BCL GB . 23.98 22.47 -21.30
CMD BCL GB . 22.52 20.16 -23.86
CAD BCL GB . 24.61 20.28 -20.81
OBD BCL GB . 24.72 19.01 -20.88
CBD BCL GB . 25.20 21.15 -19.77
CGD BCL GB . 25.06 20.51 -18.43
O1D BCL GB . 24.02 20.62 -17.79
O2D BCL GB . 26.15 19.75 -17.85
CED BCL GB . 26.15 19.49 -16.45
C1 BCL GB . 27.93 26.64 -14.58
C2 BCL GB . 27.22 27.75 -15.31
C3 BCL GB . 27.80 28.37 -16.36
C4 BCL GB . 29.17 27.97 -16.81
C5 BCL GB . 27.05 29.47 -17.07
C6 BCL GB . 28.03 30.33 -17.85
C7 BCL GB . 27.72 30.36 -19.35
C8 BCL GB . 27.27 29.02 -19.93
C9 BCL GB . 28.47 28.24 -20.42
C10 BCL GB . 26.26 29.23 -21.04
C11 BCL GB . 26.06 30.70 -21.37
C12 BCL GB . 25.29 30.93 -22.67
C13 BCL GB . 25.26 32.42 -22.97
C14 BCL GB . 24.57 33.18 -21.85
C15 BCL GB . 24.62 32.70 -24.32
C16 BCL GB . 24.52 34.21 -24.56
C17 BCL GB . 24.45 34.55 -26.04
C18 BCL GB . 25.84 34.73 -26.66
C19 BCL GB . 26.86 35.24 -25.66
C20 BCL GB . 25.77 35.67 -27.86
MG BCL HB . 25.34 17.42 -25.61
CHA BCL HB . 27.11 18.86 -23.12
CHB BCL HB . 26.45 14.39 -24.52
CHC BCL HB . 23.72 16.09 -28.20
CHD BCL HB . 25.19 20.54 -27.28
NA BCL HB . 26.62 16.74 -24.14
C1A BCL HB . 27.19 17.38 -23.21
C2A BCL HB . 27.95 16.59 -22.19
C3A BCL HB . 27.99 15.23 -22.87
C4A BCL HB . 26.93 15.47 -23.89
CMA BCL HB . 29.33 15.01 -23.55
CAA BCL HB . 27.18 16.52 -20.89
CBA BCL HB . 27.95 15.62 -19.92
CGA BCL HB . 27.63 15.98 -18.50
O1A BCL HB . 26.49 16.21 -18.16
O2A BCL HB . 28.71 16.04 -17.53
NB BCL HB . 25.16 15.51 -26.30
C1B BCL HB . 25.56 14.39 -25.70
C2B BCL HB . 24.94 13.14 -26.20
C3B BCL HB . 24.04 13.68 -27.26
C4B BCL HB . 24.38 15.12 -27.29
CMB BCL HB . 24.86 11.83 -25.45
CAB BCL HB . 23.27 12.96 -28.33
OBB BCL HB . 23.13 13.48 -29.42
CBB BCL HB . 22.66 11.61 -28.08
NC BCL HB . 24.56 18.17 -27.36
C1C BCL HB . 23.99 17.40 -28.30
C2C BCL HB . 23.63 18.10 -29.56
C3C BCL HB . 23.80 19.53 -29.14
C4C BCL HB . 24.55 19.35 -27.85
CMC BCL HB . 23.73 17.57 -30.98
CAC BCL HB . 22.61 20.45 -29.36
CBC BCL HB . 21.82 20.47 -28.07
ND BCL HB . 25.54 19.41 -25.21
C1D BCL HB . 25.28 20.57 -25.82
C2D BCL HB . 26.02 21.66 -25.15
C3D BCL HB . 26.76 20.99 -24.05
C4D BCL HB . 26.42 19.65 -24.16
CMD BCL HB . 26.02 23.12 -25.48
CAD BCL HB . 27.70 21.15 -22.92
OBD BCL HB . 28.23 22.25 -22.52
CBD BCL HB . 27.92 19.81 -22.33
CGD BCL HB . 29.38 19.65 -22.06
O1D BCL HB . 30.21 19.81 -22.95
O2D BCL HB . 29.86 19.30 -20.74
CED BCL HB . 31.19 18.81 -20.59
C1 BCL HB . 28.45 16.55 -16.23
C2 BCL HB . 28.63 15.47 -15.19
C3 BCL HB . 29.84 15.21 -14.65
C4 BCL HB . 29.94 14.11 -13.63
C5 BCL HB . 31.06 16.00 -15.07
C6 BCL HB . 32.21 15.80 -14.07
C7 BCL HB . 33.52 16.29 -14.66
C8 BCL HB . 34.74 15.70 -13.96
C9 BCL HB . 35.89 16.70 -13.89
C10 BCL HB . 35.20 14.46 -14.69
C11 BCL HB . 34.83 13.18 -13.94
C12 BCL HB . 34.24 12.17 -14.91
C13 BCL HB . 32.73 12.29 -14.94
C14 BCL HB . 32.09 11.13 -14.16
C15 BCL HB . 32.22 12.33 -16.37
C16 BCL HB . 32.80 13.49 -17.15
C17 BCL HB . 32.12 13.65 -18.50
C18 BCL HB . 32.64 14.87 -19.25
C19 BCL HB . 32.75 16.08 -18.34
C20 BCL HB . 31.78 15.17 -20.47
C1M CRT IB . 42.88 -1.35 -6.88
O1 CRT IB . 43.63 -1.50 -8.08
C1 CRT IB . 44.66 -2.50 -8.13
C2 CRT IB . 45.67 -2.18 -7.03
C3 CRT IB . 44.00 -3.85 -7.89
C4 CRT IB . 45.35 -2.49 -9.51
C5 CRT IB . 44.47 -2.77 -10.68
C6 CRT IB . 43.48 -2.01 -11.12
C7 CRT IB . 42.65 -2.25 -12.23
C8 CRT IB . 42.77 -3.54 -12.95
C9 CRT IB . 41.73 -1.30 -12.70
C10 CRT IB . 40.87 -1.35 -13.78
C11 CRT IB . 40.12 -0.27 -14.19
C12 CRT IB . 39.21 -0.14 -15.25
C13 CRT IB . 38.85 -1.33 -16.05
C14 CRT IB . 38.64 1.10 -15.59
C15 CRT IB . 37.78 1.44 -16.62
C16 CRT IB . 37.34 2.73 -16.80
C17 CRT IB . 36.43 3.26 -17.73
C18 CRT IB . 35.90 2.38 -18.79
C19 CRT IB . 36.00 4.59 -17.66
C20 CRT IB . 35.06 5.25 -18.43
C21 CRT IB . 34.50 6.48 -18.21
C22 CRT IB . 33.52 7.20 -18.88
C23 CRT IB . 32.85 8.36 -18.46
C24 CRT IB . 33.24 8.96 -17.17
C25 CRT IB . 31.82 8.95 -19.20
C26 CRT IB . 30.94 9.93 -18.81
C27 CRT IB . 29.94 10.44 -19.62
C28 CRT IB . 28.88 11.30 -19.29
C29 CRT IB . 28.77 11.82 -17.91
C30 CRT IB . 27.93 11.71 -20.24
C31 CRT IB . 26.71 12.32 -20.06
C32 CRT IB . 25.91 12.77 -21.08
C33 CRT IB . 24.62 13.32 -21.03
C34 CRT IB . 23.88 13.26 -19.74
C35 CRT IB . 24.03 13.99 -22.10
C36 CRT IB . 22.93 13.66 -22.77
C37 CRT IB . 22.28 12.30 -22.81
C38 CRT IB . 20.96 12.22 -23.58
C39 CRT IB . 21.11 12.88 -24.95
C40 CRT IB . 20.52 10.77 -23.70
O2 CRT IB . 19.96 12.94 -22.83
C2M CRT IB . 18.62 12.94 -23.31
MG BCL JB . 26.77 9.92 -28.80
CHA BCL JB . 27.46 7.21 -26.92
CHB BCL JB . 28.69 11.78 -26.76
CHC BCL JB . 26.20 12.45 -30.88
CHD BCL JB . 24.99 7.83 -31.10
NA BCL JB . 28.05 9.52 -27.22
C1A BCL JB . 28.10 8.48 -26.49
C2A BCL JB . 28.79 8.59 -25.17
C3A BCL JB . 28.99 10.09 -25.08
C4A BCL JB . 28.64 10.48 -26.49
CMA BCL JB . 28.00 10.71 -24.10
CAA BCL JB . 30.14 7.86 -25.19
CBA BCL JB . 30.70 7.73 -23.78
CGA BCL JB . 31.79 8.76 -23.61
O1A BCL JB . 32.88 8.60 -24.11
O2A BCL JB . 31.52 9.98 -22.86
NB BCL JB . 27.21 11.89 -28.71
C1B BCL JB . 27.90 12.52 -27.77
C2B BCL JB . 27.97 14.00 -27.91
C3B BCL JB . 27.30 14.18 -29.24
C4B BCL JB . 26.99 12.79 -29.67
CMB BCL JB . 29.01 14.88 -27.27
CAB BCL JB . 27.11 15.40 -30.07
OBB BCL JB . 26.90 15.28 -31.26
CBB BCL JB . 27.17 16.77 -29.47
NC BCL JB . 25.82 10.10 -30.62
C1C BCL JB . 25.58 11.30 -31.16
C2C BCL JB . 24.49 11.28 -32.19
C3C BCL JB . 24.45 9.82 -32.53
C4C BCL JB . 25.17 9.26 -31.34
CMC BCL JB . 23.34 12.26 -32.33
CAC BCL JB . 24.72 9.43 -33.97
CBC BCL JB . 23.42 8.87 -34.52
ND BCL JB . 26.01 8.04 -28.97
C1D BCL JB . 25.10 7.43 -29.71
C2D BCL JB . 24.92 6.04 -29.24
C3D BCL JB . 25.87 5.92 -28.10
C4D BCL JB . 26.49 7.16 -28.01
CMD BCL JB . 23.98 5.03 -29.79
CAD BCL JB . 26.44 5.06 -27.03
OBD BCL JB . 26.12 3.84 -26.79
CBD BCL JB . 27.44 5.86 -26.30
CGD BCL JB . 27.30 5.62 -24.83
O1D BCL JB . 26.43 6.19 -24.17
O2D BCL JB . 28.19 4.71 -24.15
CED BCL JB . 28.22 4.67 -22.73
C1 BCL JB . 32.48 11.04 -22.83
C2 BCL JB . 32.05 12.11 -23.80
C3 BCL JB . 32.65 12.25 -24.99
C4 BCL JB . 33.78 11.34 -25.38
C5 BCL JB . 32.19 13.32 -25.95
C6 BCL JB . 33.29 13.61 -26.95
C7 BCL JB . 32.86 13.35 -28.39
C8 BCL JB . 31.98 12.10 -28.58
C9 BCL JB . 32.84 10.91 -28.95
C10 BCL JB . 30.91 12.34 -29.64
C11 BCL JB . 31.00 13.75 -30.24
C12 BCL JB . 30.32 13.86 -31.59
C13 BCL JB . 30.68 15.20 -32.22
C14 BCL JB . 30.39 16.35 -31.26
C15 BCL JB . 29.96 15.39 -33.54
C16 BCL JB . 30.25 16.79 -34.11
C17 BCL JB . 30.06 16.84 -35.62
C18 BCL JB . 31.31 16.42 -36.39
C19 BCL JB . 32.59 16.78 -35.65
C20 BCL JB . 31.32 17.01 -37.79
MG BCL KB . 25.33 1.05 -30.94
CHA BCL KB . 27.86 2.21 -29.03
CHB BCL KB . 25.39 -1.81 -29.11
CHC BCL KB . 23.03 -0.14 -33.04
CHD BCL KB . 25.98 3.63 -33.30
NA BCL KB . 26.55 0.24 -29.47
C1A BCL KB . 27.43 0.82 -28.76
C2A BCL KB . 28.02 0.03 -27.63
C3A BCL KB . 27.43 -1.35 -27.90
C4A BCL KB . 26.38 -0.95 -28.89
CMA BCL KB . 28.46 -2.26 -28.53
CAA BCL KB . 27.53 0.57 -26.29
CBA BCL KB . 28.23 -0.21 -25.18
CGA BCL KB . 28.18 0.55 -23.89
O1A BCL KB . 27.24 1.29 -23.64
O2A BCL KB . 29.25 0.40 -22.92
NB BCL KB . 24.39 -0.75 -31.09
C1B BCL KB . 24.36 -1.71 -30.15
C2B BCL KB . 23.23 -2.68 -30.26
C3B BCL KB . 22.58 -2.19 -31.51
C4B BCL KB . 23.41 -1.04 -31.93
CMB BCL KB . 23.25 -4.08 -29.71
CAB BCL KB . 21.49 -2.81 -32.32
OBB BCL KB . 21.45 -2.60 -33.52
CBB BCL KB . 20.43 -3.66 -31.68
NC BCL KB . 24.59 1.65 -32.76
C1C BCL KB . 23.67 0.96 -33.45
C2C BCL KB . 23.37 1.49 -34.80
C3C BCL KB . 24.09 2.81 -34.76
C4C BCL KB . 24.91 2.65 -33.51
CMC BCL KB . 23.04 0.71 -36.05
CAC BCL KB . 23.26 4.04 -35.14
CBC BCL KB . 22.70 4.61 -33.86
ND BCL KB . 26.26 2.87 -31.05
C1D BCL KB . 26.30 3.90 -31.89
C2D BCL KB . 27.46 4.75 -31.56
C3D BCL KB . 28.09 4.09 -30.40
C4D BCL KB . 27.33 2.97 -30.16
CMD BCL KB . 27.89 6.03 -32.24
CAD BCL KB . 29.20 4.13 -29.41
OBD BCL KB . 30.11 5.02 -29.32
CBD BCL KB . 29.05 2.94 -28.55
CGD BCL KB . 30.41 2.33 -28.35
O1D BCL KB . 31.11 2.03 -29.31
O2D BCL KB . 30.92 2.10 -27.02
CED BCL KB . 32.19 1.46 -26.87
C1 BCL KB . 29.29 1.23 -21.77
C2 BCL KB . 29.41 0.40 -20.52
C3 BCL KB . 30.57 -0.13 -20.13
C4 BCL KB . 30.60 -0.95 -18.88
C5 BCL KB . 31.83 0.10 -20.92
C6 BCL KB . 33.08 -0.19 -20.07
C7 BCL KB . 34.33 -0.25 -20.95
C8 BCL KB . 35.46 -1.04 -20.30
C9 BCL KB . 36.82 -0.48 -20.71
C10 BCL KB . 35.37 -2.51 -20.69
C11 BCL KB . 34.83 -3.38 -19.57
C12 BCL KB . 33.81 -4.36 -20.13
C13 BCL KB . 32.40 -3.80 -20.01
C14 BCL KB . 31.64 -4.50 -18.89
C15 BCL KB . 31.66 -3.91 -21.34
C16 BCL KB . 32.43 -3.25 -22.47
C17 BCL KB . 31.55 -3.09 -23.72
C18 BCL KB . 32.32 -2.41 -24.84
C19 BCL KB . 33.09 -1.20 -24.33
C20 BCL KB . 31.39 -2.02 -25.99
C1M CRT LB . 38.61 -18.25 -8.83
O1 CRT LB . 38.92 -18.77 -10.10
C1 CRT LB . 39.63 -20.03 -10.19
C2 CRT LB . 40.95 -19.87 -9.46
C3 CRT LB . 38.75 -21.09 -9.53
C4 CRT LB . 39.86 -20.36 -11.66
C5 CRT LB . 38.63 -20.55 -12.49
C6 CRT LB . 38.18 -19.69 -13.40
C7 CRT LB . 37.02 -19.82 -14.19
C8 CRT LB . 36.29 -21.11 -14.17
C9 CRT LB . 36.53 -18.79 -14.99
C10 CRT LB . 35.43 -18.75 -15.81
C11 CRT LB . 35.08 -17.62 -16.53
C12 CRT LB . 34.02 -17.39 -17.42
C13 CRT LB . 33.03 -18.46 -17.66
C14 CRT LB . 33.90 -16.18 -18.11
C15 CRT LB . 32.99 -15.77 -19.06
C16 CRT LB . 33.03 -14.51 -19.62
C17 CRT LB . 32.19 -13.90 -20.57
C18 CRT LB . 31.20 -14.75 -21.28
C19 CRT LB . 32.24 -12.53 -20.84
C20 CRT LB . 31.42 -11.78 -21.66
C21 CRT LB . 31.35 -10.40 -21.77
C22 CRT LB . 30.52 -9.59 -22.51
C23 CRT LB . 30.34 -8.21 -22.41
C24 CRT LB . 31.18 -7.46 -21.44
C25 CRT LB . 29.40 -7.50 -23.17
C26 CRT LB . 29.00 -6.18 -23.05
C27 CRT LB . 28.01 -5.58 -23.80
C28 CRT LB . 27.45 -4.30 -23.65
C29 CRT LB . 27.98 -3.41 -22.60
C30 CRT LB . 26.38 -3.83 -24.45
C31 CRT LB . 25.67 -2.66 -24.32
C32 CRT LB . 24.68 -2.14 -25.13
C33 CRT LB . 24.03 -0.91 -25.00
C34 CRT LB . 24.22 -0.17 -23.74
C35 CRT LB . 23.24 -0.31 -25.99
C36 CRT LB . 22.60 -0.85 -27.02
C37 CRT LB . 21.66 -2.01 -27.02
C38 CRT LB . 20.22 -1.70 -27.45
C39 CRT LB . 20.21 -1.20 -28.89
C40 CRT LB . 19.34 -2.92 -27.27
O2 CRT LB . 19.70 -0.65 -26.62
C2M CRT LB . 18.36 -0.23 -26.82
MG BCL MB . 23.65 -6.93 -32.13
CHA BCL MB . 23.71 -9.24 -29.66
CHB BCL MB . 26.39 -5.50 -30.79
CHC BCL MB . 23.53 -4.82 -34.69
CHD BCL MB . 20.95 -8.72 -33.66
NA BCL MB . 24.93 -7.38 -30.57
C1A BCL MB . 24.76 -8.20 -29.61
C2A BCL MB . 25.66 -8.06 -28.41
C3A BCL MB . 26.37 -6.75 -28.73
C4A BCL MB . 25.91 -6.57 -30.15
CMA BCL MB . 25.83 -5.62 -27.85
CAA BCL MB . 26.66 -9.21 -28.34
CBA BCL MB . 27.41 -9.22 -27.02
CGA BCL MB . 28.79 -8.66 -27.24
O1A BCL MB . 29.66 -9.34 -27.73
O2A BCL MB . 29.08 -7.28 -26.87
NB BCL MB . 24.70 -5.25 -32.57
C1B BCL MB . 25.81 -4.83 -31.98
C2B BCL MB . 26.50 -3.69 -32.66
C3B BCL MB . 25.52 -3.39 -33.73
C4B BCL MB . 24.56 -4.53 -33.67
CMB BCL MB . 27.55 -2.81 -32.04
CAB BCL MB . 25.57 -2.38 -34.84
OBB BCL MB . 25.09 -2.66 -35.92
CBB BCL MB . 26.21 -1.04 -34.64
NC BCL MB . 22.57 -6.87 -33.89
C1C BCL MB . 22.60 -5.78 -34.68
C2C BCL MB . 21.45 -5.70 -35.63
C3C BCL MB . 20.94 -7.12 -35.58
C4C BCL MB . 21.57 -7.56 -34.30
CMC BCL MB . 20.63 -4.48 -35.98
CAC BCL MB . 20.92 -7.91 -36.88
CBC BCL MB . 19.55 -7.70 -37.48
ND BCL MB . 22.29 -8.40 -31.74
C1D BCL MB . 21.12 -8.76 -32.21
C2D BCL MB . 20.56 -9.85 -31.38
C3D BCL MB . 21.59 -10.06 -30.32
C4D BCL MB . 22.59 -9.15 -30.62
CMD BCL MB . 19.24 -10.52 -31.57
CAD BCL MB . 21.99 -10.82 -29.10
OBD BCL MB . 21.33 -11.74 -28.53
CBD BCL MB . 23.32 -10.30 -28.70
CGD BCL MB . 23.37 -10.15 -27.21
O1D BCL MB . 22.76 -9.26 -26.65
O2D BCL MB . 24.15 -11.08 -26.42
CED BCL MB . 24.31 -10.83 -25.02
C1 BCL MB . 30.36 -6.71 -27.18
C2 BCL MB . 30.22 -5.79 -28.36
C3 BCL MB . 30.63 -6.17 -29.57
C4 BCL MB . 31.27 -7.51 -29.77
C5 BCL MB . 30.47 -5.22 -30.74
C6 BCL MB . 31.41 -5.62 -31.87
C7 BCL MB . 30.67 -6.00 -33.15
C8 BCL MB . 29.42 -6.85 -32.91
C9 BCL MB . 29.73 -8.33 -33.07
C10 BCL MB . 28.31 -6.44 -33.87
C11 BCL MB . 28.70 -5.26 -34.75
C12 BCL MB . 27.87 -5.16 -36.02
C13 BCL MB . 28.59 -4.25 -37.02
C14 BCL MB . 28.87 -2.88 -36.40
C15 BCL MB . 27.78 -4.12 -38.31
C16 BCL MB . 28.45 -3.12 -39.24
C17 BCL MB . 28.03 -3.30 -40.69
C18 BCL MB . 28.92 -4.29 -41.44
C19 BCL MB . 30.34 -4.29 -40.91
C20 BCL MB . 28.92 -4.00 -42.94
MG BCL NB . 19.18 -14.83 -31.84
CHA BCL NB . 22.25 -14.30 -30.52
CHB BCL NB . 18.61 -17.11 -29.39
CHC BCL NB . 16.30 -15.51 -33.36
CHD BCL NB . 20.26 -13.24 -34.83
NA BCL NB . 20.27 -15.64 -30.27
C1A BCL NB . 21.41 -15.31 -29.83
C2A BCL NB . 21.88 -15.99 -28.58
C3A BCL NB . 20.84 -17.09 -28.45
C4A BCL NB . 19.83 -16.55 -29.41
CMA BCL NB . 21.39 -18.42 -28.94
CAA BCL NB . 21.82 -15.05 -27.40
CBA BCL NB . 22.30 -15.80 -26.16
CGA BCL NB . 22.69 -14.84 -25.08
O1A BCL NB . 22.05 -13.83 -24.87
O2A BCL NB . 23.85 -15.14 -24.25
NB BCL NB . 17.67 -16.13 -31.42
C1B BCL NB . 17.54 -16.95 -30.38
C2B BCL NB . 16.20 -17.54 -30.18
C3B BCL NB . 15.46 -16.97 -31.35
C4B BCL NB . 16.50 -16.18 -32.07
CMB BCL NB . 15.66 -17.96 -28.83
CAB BCL NB . 14.11 -17.32 -31.90
OBB BCL NB . 13.82 -16.97 -33.03
CBB BCL NB . 13.11 -18.10 -31.09
NC BCL NB . 18.42 -14.44 -33.70
C1C BCL NB . 17.22 -14.87 -34.10
C2C BCL NB . 16.90 -14.60 -35.54
C3C BCL NB . 17.99 -13.61 -35.88
C4C BCL NB . 18.91 -13.80 -34.70
CMC BCL NB . 16.16 -15.50 -36.51
CAC BCL NB . 17.53 -12.28 -36.46
CBC BCL NB . 17.38 -11.33 -35.30
ND BCL NB . 20.64 -13.56 -32.51
C1D BCL NB . 20.88 -12.80 -33.58
C2D BCL NB . 22.29 -12.35 -33.56
C3D BCL NB . 22.85 -12.94 -32.34
C4D BCL NB . 21.81 -13.66 -31.77
CMD BCL NB . 22.99 -11.47 -34.56
CAD BCL NB . 24.05 -13.08 -31.46
OBD BCL NB . 25.21 -12.57 -31.67
CBD BCL NB . 23.68 -13.94 -30.32
CGD BCL NB . 24.77 -14.94 -30.07
O1D BCL NB . 25.14 -15.71 -30.93
O2D BCL NB . 25.40 -15.00 -28.76
CED BCL NB . 26.18 -16.14 -28.43
C1 BCL NB . 24.39 -14.14 -23.39
C2 BCL NB . 24.38 -14.63 -21.96
C3 BCL NB . 25.32 -15.45 -21.49
C4 BCL NB . 25.25 -15.89 -20.06
C5 BCL NB . 26.45 -15.93 -22.38
C6 BCL NB . 27.63 -16.43 -21.55
C7 BCL NB . 28.66 -17.13 -22.43
C8 BCL NB . 29.55 -18.09 -21.65
C9 BCL NB . 30.94 -18.19 -22.28
C10 BCL NB . 28.91 -19.47 -21.60
C11 BCL NB . 28.31 -19.79 -20.25
C12 BCL NB . 26.94 -20.43 -20.41
C13 BCL NB . 25.85 -19.38 -20.33
C14 BCL NB . 25.12 -19.47 -18.99
C15 BCL NB . 24.88 -19.51 -21.49
C16 BCL NB . 25.59 -19.53 -22.83
C17 BCL NB . 24.62 -19.31 -23.99
C18 BCL NB . 25.36 -19.24 -25.33
C19 BCL NB . 26.59 -18.36 -25.24
C20 BCL NB . 24.43 -18.78 -26.45
C1M CRT OB . 28.46 -32.22 -6.95
O1 CRT OB . 28.35 -33.29 -7.87
C1 CRT OB . 28.34 -34.64 -7.35
C2 CRT OB . 29.65 -34.83 -6.58
C3 CRT OB . 27.13 -34.76 -6.43
C4 CRT OB . 28.24 -35.66 -8.49
C5 CRT OB . 27.03 -35.58 -9.36
C6 CRT OB . 26.70 -34.58 -10.18
C7 CRT OB . 25.55 -34.50 -10.98
C8 CRT OB . 24.54 -35.58 -10.88
C9 CRT OB . 25.33 -33.45 -11.88
C10 CRT OB . 24.26 -33.23 -12.73
C11 CRT OB . 24.21 -32.21 -13.65
C12 CRT OB . 23.22 -31.85 -14.57
C13 CRT OB . 21.91 -32.55 -14.53
C14 CRT OB . 23.43 -30.86 -15.54
C15 CRT OB . 22.59 -30.37 -16.51
C16 CRT OB . 22.97 -29.37 -17.38
C17 CRT OB . 22.22 -28.69 -18.36
C18 CRT OB . 20.88 -29.18 -18.70
C19 CRT OB . 22.71 -27.53 -18.99
C20 CRT OB . 22.09 -26.72 -19.91
C21 CRT OB . 22.47 -25.46 -20.33
C22 CRT OB . 21.90 -24.57 -21.22
C23 CRT OB . 22.22 -23.22 -21.40
C24 CRT OB . 23.32 -22.63 -20.60
C25 CRT OB . 21.54 -22.40 -22.31
C26 CRT OB . 21.58 -21.02 -22.43
C27 CRT OB . 20.83 -20.30 -23.35
C28 CRT OB . 20.67 -18.91 -23.46
C29 CRT OB . 21.41 -18.02 -22.54
C30 CRT OB . 19.83 -18.34 -24.43
C31 CRT OB . 19.37 -17.04 -24.53
C32 CRT OB . 18.64 -16.55 -25.59
C33 CRT OB . 18.04 -15.30 -25.74
C34 CRT OB . 17.98 -14.40 -24.57
C35 CRT OB . 17.60 -14.81 -26.99
C36 CRT OB . 16.34 -14.58 -27.35
C37 CRT OB . 15.10 -15.07 -26.68
C38 CRT OB . 13.77 -14.56 -27.27
C39 CRT OB . 13.77 -14.75 -28.78
C40 CRT OB . 12.61 -15.28 -26.62
O2 CRT OB . 13.65 -13.15 -26.99
C2M CRT OB . 12.47 -12.48 -27.41
MG BCL PB . 14.76 -21.79 -30.77
CHA BCL PB . 14.43 -23.37 -27.81
CHB BCL PB . 17.99 -21.17 -30.02
CHC BCL PB . 15.04 -20.53 -33.84
CHD BCL PB . 11.42 -22.74 -31.63
NA BCL PB . 16.06 -22.33 -29.25
C1A BCL PB . 15.77 -22.79 -28.10
C2A BCL PB . 16.83 -22.69 -27.03
C3A BCL PB . 17.84 -21.80 -27.71
C4A BCL PB . 17.30 -21.85 -29.11
CMA BCL PB . 17.76 -20.38 -27.17
CAA BCL PB . 17.41 -24.07 -26.72
CBA BCL PB . 18.30 -24.03 -25.49
CGA BCL PB . 19.74 -24.07 -25.93
O1A BCL PB . 20.24 -25.10 -26.30
O2A BCL PB . 20.54 -22.85 -25.94
NB BCL PB . 16.26 -20.79 -31.72
C1B BCL PB . 17.48 -20.55 -31.26
C2B BCL PB . 18.35 -19.75 -32.17
C3B BCL PB . 17.49 -19.67 -33.38
C4B BCL PB . 16.25 -20.42 -32.99
CMB BCL PB . 19.85 -19.70 -32.07
CAB BCL PB . 17.65 -18.88 -34.65
OBB BCL PB . 16.76 -18.88 -35.48
CBB BCL PB . 18.88 -18.09 -34.92
NC BCL PB . 13.52 -21.71 -32.41
C1C BCL PB . 13.82 -20.95 -33.47
C2C BCL PB . 12.64 -20.56 -34.29
C3C BCL PB . 11.67 -21.63 -33.87
C4C BCL PB . 12.29 -22.04 -32.58
CMC BCL PB . 12.30 -19.18 -34.82
CAC BCL PB . 11.17 -22.57 -34.95
CBC BCL PB . 9.66 -22.56 -34.87
ND BCL PB . 13.07 -22.54 -29.94
C1D BCL PB . 11.79 -22.57 -30.23
C2D BCL PB . 11.04 -23.19 -29.11
C3D BCL PB . 12.09 -23.52 -28.11
C4D BCL PB . 13.28 -23.10 -28.69
CMD BCL PB . 9.56 -23.39 -29.04
CAD BCL PB . 12.41 -24.09 -26.77
OBD BCL PB . 11.57 -24.59 -25.94
CBD BCL PB . 13.88 -24.00 -26.60
CGD BCL PB . 14.18 -23.57 -25.20
O1D BCL PB . 14.02 -22.41 -24.85
O2D BCL PB . 14.69 -24.52 -24.23
CED BCL PB . 15.13 -24.06 -22.96
C1 BCL PB . 21.86 -22.86 -26.48
C2 BCL PB . 21.82 -22.22 -27.84
C3 BCL PB . 21.87 -22.96 -28.96
C4 BCL PB . 21.99 -24.46 -28.86
C5 BCL PB . 21.84 -22.28 -30.30
C6 BCL PB . 22.38 -23.23 -31.37
C7 BCL PB . 21.37 -23.53 -32.47
C8 BCL PB . 19.93 -23.70 -31.98
C9 BCL PB . 19.65 -25.15 -31.61
C10 BCL PB . 18.93 -23.21 -33.03
C11 BCL PB . 19.62 -22.65 -34.27
C12 BCL PB . 18.67 -22.49 -35.45
C13 BCL PB . 19.48 -22.21 -36.71
C14 BCL PB . 20.42 -21.03 -36.50
C15 BCL PB . 18.55 -21.97 -37.90
C16 BCL PB . 19.36 -21.52 -39.12
C17 BCL PB . 18.69 -21.93 -40.43
C18 BCL PB . 19.09 -23.33 -40.88
C19 BCL PB . 20.50 -23.70 -40.43
C20 BCL PB . 18.98 -23.46 -42.40
C1M CRT QB . 14.98 -41.08 0.19
O1 CRT QB . 14.40 -42.08 -0.64
C1 CRT QB . 14.11 -43.37 -0.07
C2 CRT QB . 15.41 -43.96 0.43
C3 CRT QB . 13.12 -43.16 1.06
C4 CRT QB . 13.50 -44.26 -1.16
C5 CRT QB . 12.20 -43.80 -1.73
C6 CRT QB . 12.03 -43.30 -2.95
C7 CRT QB . 10.82 -42.88 -3.53
C8 CRT QB . 9.55 -43.20 -2.83
C9 CRT QB . 10.77 -42.16 -4.74
C10 CRT QB . 9.68 -41.65 -5.42
C11 CRT QB . 9.82 -40.97 -6.61
C12 CRT QB . 8.85 -40.42 -7.47
C13 CRT QB . 7.43 -40.46 -7.08
C14 CRT QB . 9.21 -39.81 -8.68
C15 CRT QB . 8.44 -39.24 -9.67
C16 CRT QB . 9.00 -38.66 -10.79
C17 CRT QB . 8.39 -37.99 -11.86
C18 CRT QB . 6.92 -38.06 -12.00
C19 CRT QB . 9.12 -37.23 -12.77
C20 CRT QB . 8.68 -36.46 -13.82
C21 CRT QB . 9.36 -35.53 -14.57
C22 CRT QB . 8.95 -34.72 -15.60
C23 CRT QB . 9.63 -33.62 -16.16
C24 CRT QB . 10.98 -33.29 -15.65
C25 CRT QB . 9.10 -32.83 -17.18
C26 CRT QB . 9.55 -31.63 -17.70
C27 CRT QB . 8.91 -30.91 -18.68
C28 CRT QB . 9.19 -29.63 -19.16
C29 CRT QB . 10.36 -28.89 -18.62
C30 CRT QB . 8.40 -29.01 -20.15
C31 CRT QB . 8.39 -27.70 -20.58
C32 CRT QB . 7.70 -27.21 -21.66
C33 CRT QB . 7.61 -25.90 -22.13
C34 CRT QB . 8.10 -24.80 -21.26
C35 CRT QB . 7.16 -25.57 -23.41
C36 CRT QB . 5.99 -25.03 -23.77
C37 CRT QB . 4.78 -24.79 -22.93
C38 CRT QB . 3.55 -24.22 -23.66
C39 CRT QB . 3.26 -25.04 -24.91
C40 CRT QB . 2.37 -24.20 -22.72
O2 CRT QB . 3.82 -22.88 -24.11
C2M CRT QB . 4.10 -21.88 -23.16
MG BCL RB . 8.02 -27.28 -28.14
CHA BCL RB . 11.26 -27.59 -27.25
CHB BCL RB . 7.16 -28.53 -25.11
CHC BCL RB . 4.87 -27.22 -29.20
CHD BCL RB . 9.05 -26.91 -31.53
NA BCL RB . 9.03 -28.04 -26.50
C1A BCL RB . 10.27 -28.04 -26.25
C2A BCL RB . 10.70 -28.53 -24.90
C3A BCL RB . 9.39 -29.12 -24.39
C4A BCL RB . 8.47 -28.47 -25.37
CMA BCL RB . 9.37 -30.64 -24.58
CAA BCL RB . 11.14 -27.39 -24.01
CBA BCL RB . 11.39 -27.93 -22.61
CGA BCL RB . 12.33 -27.03 -21.86
O1A BCL RB . 12.18 -25.82 -21.86
O2A BCL RB . 13.43 -27.61 -21.11
NB BCL RB . 6.27 -27.85 -27.30
C1B BCL RB . 6.06 -28.30 -26.06
C2B BCL RB . 4.64 -28.43 -25.63
C3B BCL RB . 3.95 -27.87 -26.83
C4B BCL RB . 5.06 -27.59 -27.80
CMB BCL RB . 4.21 -28.40 -24.20
CAB BCL RB . 2.48 -27.75 -27.15
OBB BCL RB . 2.14 -27.41 -28.27
CBB BCL RB . 1.43 -28.04 -26.12
NC BCL RB . 7.13 -27.09 -29.99
C1C BCL RB . 5.80 -27.13 -30.16
C2C BCL RB . 5.35 -27.10 -31.58
C3C BCL RB . 6.64 -26.68 -32.26
C4C BCL RB . 7.62 -26.92 -31.16
CMC BCL RB . 4.22 -27.88 -32.22
CAC BCL RB . 6.55 -25.44 -33.15
CBC BCL RB . 6.95 -24.26 -32.30
ND BCL RB . 9.69 -26.81 -29.24
C1D BCL RB . 9.96 -26.45 -30.49
C2D BCL RB . 11.43 -26.54 -30.71
C3D BCL RB . 11.97 -26.99 -29.41
C4D BCL RB . 10.86 -27.14 -28.59
CMD BCL RB . 12.21 -26.22 -31.96
CAD BCL RB . 13.19 -27.35 -28.62
OBD BCL RB . 14.39 -27.33 -29.05
CBD BCL RB . 12.74 -27.73 -27.26
CGD BCL RB . 13.47 -28.96 -26.83
O1D BCL RB . 13.45 -29.97 -27.50
O2D BCL RB . 14.22 -28.97 -25.59
CED BCL RB . 14.70 -30.20 -25.07
C1 BCL RB . 14.46 -26.77 -20.58
C2 BCL RB . 14.48 -26.86 -19.08
C3 BCL RB . 15.16 -27.82 -18.44
C4 BCL RB . 15.15 -27.85 -16.94
C5 BCL RB . 15.94 -28.86 -19.22
C6 BCL RB . 16.99 -29.54 -18.34
C7 BCL RB . 17.57 -30.77 -19.03
C8 BCL RB . 18.19 -31.76 -18.04
C9 BCL RB . 19.40 -32.45 -18.65
C10 BCL RB . 17.15 -32.80 -17.64
C11 BCL RB . 16.63 -32.57 -16.23
C12 BCL RB . 15.11 -32.69 -16.21
C13 BCL RB . 14.48 -31.32 -16.39
C14 BCL RB . 13.93 -30.80 -15.06
C15 BCL RB . 13.38 -31.36 -17.45
C16 BCL RB . 13.90 -31.88 -18.78
C17 BCL RB . 12.90 -31.63 -19.90
C18 BCL RB . 13.43 -32.10 -21.25
C19 BCL RB . 14.89 -31.71 -21.43
C20 BCL RB . 12.58 -31.56 -22.38
#